data_7MYA
#
_entry.id   7MYA
#
_cell.length_a   101.176
_cell.length_b   101.884
_cell.length_c   125.931
_cell.angle_alpha   90.000
_cell.angle_beta   106.490
_cell.angle_gamma   90.000
#
_symmetry.space_group_name_H-M   'P 1 21 1'
#
loop_
_entity.id
_entity.type
_entity.pdbx_description
1 polymer 'Bifunctional protein PutA'
2 non-polymer '[(2R,3S,4R,5R)-5-(6-amino-9H-purin-9-yl)-3,4-dihydroxytetrahydrofuran-2-yl]methyl (2R,3S,4S)-5-[5-(1,3-dithiolan-2-yl)-7,8-dimethyl-2,4-dioxo-1,3,4,5-tetrahydrobenzo[g]pteridin-10(2H)-yl]-2,3,4-trihydroxypentyl dihydrogen diphosphate'
3 non-polymer 'MAGNESIUM ION'
4 non-polymer NICOTINAMIDE-ADENINE-DINUCLEOTIDE
5 non-polymer 'SULFATE ION'
6 non-polymer 'TRIETHYLENE GLYCOL'
7 non-polymer DI(HYDROXYETHYL)ETHER
8 non-polymer 'TETRAETHYLENE GLYCOL'
9 water water
#
_entity_poly.entity_id   1
_entity_poly.type   'polypeptide(L)'
_entity_poly.pdbx_seq_one_letter_code
;SMMSPNPLQKPAIDAAPAPFADFAPPVRPQSTLRRAITAAYRRPETECLPPLVEAATQSKEIRDAAASTARKLIEALRGK
HSGSGVEGLVQEYSLSSQEGVALMCLAEALLRIPDTATRDALIRDKIADGNWKSHLGGSRSLFVNAATWGLVVTGKLTST
VNDRSLAAALTRLISRCGEPVIRRGVDMAMRMMGEQFVTGETIREALKRSKELEEKGFSYSYDMLGEAATTAADAERYYR
DYESAIHAIGKASAGRGIYEGPGISIKLSALHPRYSRAQAARVMGELLPRVKALALLAKNYDIGLNIDAEEADRLELSLD
LLEVLCLDGDLSGWNGMGFVVQAYGKRCPFVLDFIIDLARRSGRRIMVRLVKGAYWDAEIKRAQLDGLADFPVFTRKIHT
DVSYIACAAKLLAATDVVFPQFATHNAQTLAAIYHMAGKDFHVGKYEFQCLHGMGEPLYEEVVGRGKLDRPCRIYAPVGT
HETLLAYLVRRLLENGANSSFVHRINDPKVSIDELIADPVEVVRAMPVVGAKHDRIALPAELFGDARTNSAGLDLSNEET
LASLTEALRESAAMKWTALPQLATGPAAGETRTVLNPGDHRDVVGSVTETSEEDARRAVRLAADAAPDWAAVPPSERAAC
LDRAAELMQARMPTLLGLIIREAGKSALNAIAEVREAIDFLRYYAEQTRRTLGPGHGPLGPIVCISPWNFPLAIFTGQIA
AALVAGNPVLAKPAEETPLIAAEGVRILREAGIPASALQLLPGDGRVGAALVAAAETAGVMFTGSTEVARLIQAQLADRL
SPAGRPIPLIAETGGQNAMIVDSSALAEQVVGDVITSAFDSAGQRCSALRVLCLQEDVADRILTMLKGALHELHIGRTDR
LSVDVGPVITSEAKDNIEKHIERMRGLGRKVEQIGLASETGVGTFVPPTIIELEKLSDLQREVFGPVLHVIRYRRDDLDR
LVDDVNATGYGLTFGLHTRLDETIAHVTSRIKAGNLYINRNIIGAVVGVQPFGGRGLSGTGPKAGGPLYLGRLVTTAPVP
PQHSSVHTDPVLLDFAKWLDGKGARAEAEAARNAGSSSALGLDLELPGPVGERNLYTLHARGRILLVPATESGLYHQLAA
ALATGNSVAIDAASGLQASLKNLPQTVGLRVSWSKDWAADGPFAGALVEGDAERIRAVNKAIAALPGPLLLVQAASSGEI
ARNPDAYCLNWLVEEVSASINTAAAGGNASLMAIG
;
_entity_poly.pdbx_strand_id   A,B
#
# COMPACT_ATOMS: atom_id res chain seq x y z
N ALA A 16 -30.43 -4.15 52.62
CA ALA A 16 -30.15 -4.21 51.19
C ALA A 16 -30.37 -2.86 50.52
N PRO A 17 -29.29 -2.27 49.98
CA PRO A 17 -29.42 -0.95 49.36
C PRO A 17 -30.31 -0.98 48.12
N ALA A 18 -31.05 0.10 47.92
CA ALA A 18 -31.92 0.19 46.76
C ALA A 18 -31.07 0.22 45.48
N PRO A 19 -31.51 -0.49 44.44
CA PRO A 19 -30.70 -0.55 43.21
C PRO A 19 -30.53 0.83 42.59
N PHE A 20 -29.28 1.17 42.28
CA PHE A 20 -28.87 2.40 41.61
C PHE A 20 -29.13 3.64 42.45
N ALA A 21 -29.41 3.48 43.75
CA ALA A 21 -29.65 4.66 44.56
C ALA A 21 -28.38 5.49 44.76
N ASP A 22 -27.22 4.92 44.49
CA ASP A 22 -25.94 5.60 44.63
C ASP A 22 -25.12 5.46 43.38
N PHE A 23 -25.78 5.44 42.22
CA PHE A 23 -25.10 5.02 40.99
C PHE A 23 -23.94 5.96 40.64
N ALA A 24 -24.20 7.26 40.55
CA ALA A 24 -23.13 8.17 40.14
C ALA A 24 -23.42 9.59 40.60
N PRO A 25 -23.63 9.82 41.89
CA PRO A 25 -23.92 11.17 42.35
C PRO A 25 -22.75 12.09 42.08
N PRO A 26 -23.01 13.31 41.61
CA PRO A 26 -21.91 14.24 41.33
C PRO A 26 -21.21 14.69 42.61
N VAL A 27 -19.97 15.15 42.43
CA VAL A 27 -19.19 15.66 43.55
C VAL A 27 -19.96 16.77 44.27
N ARG A 28 -20.64 17.64 43.52
CA ARG A 28 -21.42 18.72 44.09
C ARG A 28 -22.58 19.02 43.16
N PRO A 29 -23.63 19.70 43.66
CA PRO A 29 -24.71 20.13 42.76
C PRO A 29 -24.15 21.05 41.68
N GLN A 30 -24.61 20.85 40.45
CA GLN A 30 -24.06 21.54 39.32
C GLN A 30 -24.64 22.94 39.23
N SER A 31 -23.79 23.95 39.39
CA SER A 31 -24.23 25.34 39.26
C SER A 31 -24.66 25.63 37.82
N THR A 32 -25.32 26.79 37.65
CA THR A 32 -25.64 27.25 36.30
C THR A 32 -24.39 27.28 35.42
N LEU A 33 -23.29 27.79 35.96
CA LEU A 33 -22.06 27.89 35.18
C LEU A 33 -21.51 26.51 34.85
N ARG A 34 -21.55 25.58 35.81
CA ARG A 34 -21.10 24.22 35.52
C ARG A 34 -21.99 23.55 34.49
N ARG A 35 -23.31 23.74 34.59
CA ARG A 35 -24.20 23.10 33.63
C ARG A 35 -23.96 23.63 32.21
N ALA A 36 -23.59 24.91 32.09
CA ALA A 36 -23.33 25.46 30.77
C ALA A 36 -22.08 24.85 30.14
N ILE A 37 -21.10 24.48 30.98
CA ILE A 37 -19.95 23.71 30.49
C ILE A 37 -20.40 22.37 29.95
N THR A 38 -21.12 21.60 30.78
CA THR A 38 -21.53 20.25 30.37
C THR A 38 -22.38 20.29 29.11
N ALA A 39 -23.23 21.33 28.97
CA ALA A 39 -24.08 21.43 27.79
C ALA A 39 -23.28 21.55 26.51
N ALA A 40 -22.06 22.08 26.57
CA ALA A 40 -21.25 22.32 25.37
C ALA A 40 -20.36 21.15 25.00
N TYR A 41 -20.37 20.07 25.81
CA TYR A 41 -19.38 19.00 25.72
C TYR A 41 -19.19 18.52 24.28
N ARG A 42 -20.30 18.14 23.61
CA ARG A 42 -20.21 17.63 22.25
C ARG A 42 -21.10 18.43 21.31
N ARG A 43 -21.22 19.73 21.55
CA ARG A 43 -22.05 20.59 20.73
C ARG A 43 -21.58 20.55 19.28
N PRO A 44 -22.49 20.49 18.32
CA PRO A 44 -22.07 20.48 16.90
C PRO A 44 -21.14 21.63 16.59
N GLU A 45 -20.15 21.33 15.73
CA GLU A 45 -19.10 22.30 15.42
C GLU A 45 -19.68 23.56 14.77
N THR A 46 -20.72 23.39 13.93
CA THR A 46 -21.34 24.56 13.31
C THR A 46 -22.01 25.48 14.32
N GLU A 47 -22.37 24.95 15.49
CA GLU A 47 -22.98 25.78 16.52
C GLU A 47 -21.95 26.45 17.41
N CYS A 48 -20.76 25.85 17.54
CA CYS A 48 -19.74 26.43 18.41
C CYS A 48 -19.09 27.66 17.79
N LEU A 49 -18.87 27.64 16.46
CA LEU A 49 -17.98 28.64 15.87
C LEU A 49 -18.56 30.04 15.80
N PRO A 50 -19.83 30.26 15.44
CA PRO A 50 -20.32 31.64 15.26
C PRO A 50 -20.06 32.54 16.46
N PRO A 51 -20.38 32.13 17.70
CA PRO A 51 -20.05 33.02 18.83
C PRO A 51 -18.56 33.21 19.03
N LEU A 52 -17.74 32.22 18.65
CA LEU A 52 -16.29 32.39 18.75
C LEU A 52 -15.79 33.39 17.72
N VAL A 53 -16.30 33.32 16.49
CA VAL A 53 -15.96 34.31 15.47
C VAL A 53 -16.31 35.71 15.95
N GLU A 54 -17.47 35.88 16.58
CA GLU A 54 -17.87 37.21 17.03
C GLU A 54 -16.92 37.73 18.10
N ALA A 55 -16.58 36.87 19.07
CA ALA A 55 -15.74 37.31 20.18
C ALA A 55 -14.31 37.58 19.75
N ALA A 56 -13.85 36.91 18.69
CA ALA A 56 -12.48 37.01 18.22
C ALA A 56 -12.28 38.14 17.22
N THR A 57 -13.35 38.83 16.84
CA THR A 57 -13.26 39.87 15.82
C THR A 57 -12.58 41.11 16.37
N GLN A 58 -11.66 41.68 15.58
CA GLN A 58 -10.97 42.91 15.94
C GLN A 58 -11.11 43.92 14.82
N SER A 59 -10.78 45.17 15.12
CA SER A 59 -10.90 46.23 14.15
C SER A 59 -9.96 45.99 12.97
N LYS A 60 -10.30 46.58 11.82
CA LYS A 60 -9.43 46.49 10.65
C LYS A 60 -8.06 47.04 10.96
N GLU A 61 -8.00 48.13 11.73
CA GLU A 61 -6.71 48.72 12.09
C GLU A 61 -5.88 47.73 12.92
N ILE A 62 -6.52 47.05 13.87
CA ILE A 62 -5.79 46.08 14.68
C ILE A 62 -5.34 44.90 13.83
N ARG A 63 -6.22 44.42 12.93
CA ARG A 63 -5.85 43.28 12.10
C ARG A 63 -4.67 43.59 11.20
N ASP A 64 -4.66 44.78 10.59
CA ASP A 64 -3.51 45.18 9.79
C ASP A 64 -2.25 45.28 10.66
N ALA A 65 -2.38 45.87 11.85
CA ALA A 65 -1.24 45.96 12.76
C ALA A 65 -0.76 44.59 13.17
N ALA A 66 -1.69 43.69 13.51
CA ALA A 66 -1.32 42.34 13.90
C ALA A 66 -0.62 41.60 12.77
N ALA A 67 -1.11 41.73 11.55
CA ALA A 67 -0.46 41.07 10.42
C ALA A 67 0.94 41.61 10.20
N SER A 68 1.13 42.92 10.40
CA SER A 68 2.47 43.49 10.26
C SER A 68 3.42 42.95 11.31
N THR A 69 2.97 42.90 12.57
CA THR A 69 3.80 42.32 13.63
C THR A 69 4.09 40.85 13.36
N ALA A 70 3.06 40.09 12.99
CA ALA A 70 3.25 38.67 12.69
C ALA A 70 4.27 38.48 11.55
N ARG A 71 4.19 39.31 10.52
CA ARG A 71 5.17 39.22 9.43
C ARG A 71 6.58 39.51 9.92
N LYS A 72 6.73 40.54 10.77
CA LYS A 72 8.06 40.86 11.29
C LYS A 72 8.63 39.71 12.12
N LEU A 73 7.79 39.09 12.95
CA LEU A 73 8.23 37.94 13.73
C LEU A 73 8.64 36.77 12.84
N ILE A 74 7.83 36.48 11.81
CA ILE A 74 8.11 35.33 10.96
C ILE A 74 9.33 35.58 10.10
N GLU A 75 9.50 36.80 9.61
CA GLU A 75 10.71 37.15 8.86
C GLU A 75 11.95 36.96 9.74
N ALA A 76 11.88 37.38 11.00
CA ALA A 76 13.01 37.11 11.90
C ALA A 76 13.20 35.60 12.08
N LEU A 77 12.11 34.86 12.29
CA LEU A 77 12.20 33.43 12.50
C LEU A 77 12.86 32.71 11.32
N ARG A 78 12.40 33.01 10.11
CA ARG A 78 12.99 32.36 8.95
C ARG A 78 14.39 32.88 8.66
N GLY A 79 14.69 34.13 9.06
CA GLY A 79 15.97 34.73 8.76
C GLY A 79 17.13 34.19 9.58
N LYS A 80 16.86 33.62 10.75
CA LYS A 80 17.89 33.02 11.56
C LYS A 80 17.80 31.51 11.58
N HIS A 81 16.89 30.92 10.81
CA HIS A 81 16.71 29.47 10.78
C HIS A 81 17.96 28.78 10.23
N SER A 82 18.77 28.21 11.11
CA SER A 82 19.90 27.40 10.70
C SER A 82 19.48 25.93 10.62
N GLY A 83 20.31 25.14 9.94
CA GLY A 83 20.04 23.72 9.84
C GLY A 83 20.21 23.01 11.17
N SER A 84 19.39 21.99 11.39
CA SER A 84 19.49 21.23 12.64
C SER A 84 20.78 20.43 12.68
N GLY A 85 21.24 20.15 13.91
CA GLY A 85 22.45 19.37 14.06
C GLY A 85 22.34 17.98 13.45
N VAL A 86 21.19 17.33 13.64
CA VAL A 86 20.99 16.02 13.03
C VAL A 86 21.08 16.11 11.50
N GLU A 87 20.51 17.17 10.92
CA GLU A 87 20.56 17.32 9.47
C GLU A 87 21.99 17.53 8.98
N GLY A 88 22.79 18.27 9.74
CA GLY A 88 24.19 18.44 9.36
C GLY A 88 24.99 17.17 9.50
N LEU A 89 24.62 16.32 10.46
CA LEU A 89 25.26 15.01 10.60
C LEU A 89 24.91 14.13 9.41
N VAL A 90 23.63 14.06 9.06
CA VAL A 90 23.19 13.30 7.90
C VAL A 90 23.88 13.79 6.63
N GLN A 91 24.00 15.12 6.49
CA GLN A 91 24.67 15.67 5.32
C GLN A 91 26.15 15.33 5.32
N GLU A 92 26.82 15.49 6.47
CA GLU A 92 28.26 15.30 6.52
C GLU A 92 28.66 13.87 6.17
N TYR A 93 27.90 12.89 6.64
CA TYR A 93 28.25 11.49 6.43
C TYR A 93 27.39 10.82 5.37
N SER A 94 26.59 11.59 4.62
CA SER A 94 25.79 11.06 3.52
C SER A 94 24.89 9.91 4.00
N LEU A 95 24.28 10.10 5.16
CA LEU A 95 23.46 9.06 5.76
C LEU A 95 22.08 9.02 5.11
N SER A 96 21.58 7.81 4.91
CA SER A 96 20.16 7.68 4.61
C SER A 96 19.35 7.98 5.87
N SER A 97 18.03 8.10 5.70
CA SER A 97 17.16 8.29 6.86
C SER A 97 17.30 7.14 7.85
N GLN A 98 17.27 5.90 7.35
CA GLN A 98 17.39 4.76 8.26
C GLN A 98 18.75 4.72 8.94
N GLU A 99 19.81 5.15 8.24
CA GLU A 99 21.12 5.22 8.88
C GLU A 99 21.14 6.29 9.97
N GLY A 100 20.54 7.45 9.69
CA GLY A 100 20.44 8.47 10.72
C GLY A 100 19.70 7.97 11.95
N VAL A 101 18.56 7.30 11.73
CA VAL A 101 17.78 6.77 12.84
C VAL A 101 18.58 5.72 13.61
N ALA A 102 19.21 4.79 12.89
CA ALA A 102 19.98 3.74 13.55
C ALA A 102 21.14 4.34 14.33
N LEU A 103 21.80 5.34 13.77
CA LEU A 103 22.90 6.01 14.47
C LEU A 103 22.44 6.62 15.78
N MET A 104 21.29 7.30 15.75
CA MET A 104 20.79 7.91 16.99
C MET A 104 20.39 6.87 18.01
N CYS A 105 19.83 5.72 17.57
CA CYS A 105 19.57 4.65 18.52
C CYS A 105 20.87 4.14 19.13
N LEU A 106 21.90 3.96 18.31
CA LEU A 106 23.20 3.55 18.83
C LEU A 106 23.74 4.57 19.81
N ALA A 107 23.65 5.86 19.47
CA ALA A 107 24.13 6.91 20.36
C ALA A 107 23.41 6.85 21.71
N GLU A 108 22.08 6.70 21.67
CA GLU A 108 21.28 6.60 22.89
C GLU A 108 21.79 5.47 23.77
N ALA A 109 22.02 4.29 23.19
CA ALA A 109 22.53 3.16 23.97
C ALA A 109 23.90 3.47 24.54
N LEU A 110 24.79 4.08 23.74
CA LEU A 110 26.13 4.39 24.23
C LEU A 110 26.09 5.43 25.35
N LEU A 111 25.13 6.35 25.31
CA LEU A 111 24.98 7.31 26.37
C LEU A 111 24.43 6.69 27.65
N ARG A 112 23.87 5.48 27.58
CA ARG A 112 23.46 4.77 28.78
C ARG A 112 24.65 4.19 29.54
N ILE A 113 25.86 4.37 29.05
CA ILE A 113 27.08 3.95 29.74
C ILE A 113 27.62 5.15 30.50
N PRO A 114 27.65 5.13 31.84
CA PRO A 114 27.98 6.34 32.60
C PRO A 114 29.43 6.77 32.44
N ASP A 115 30.36 5.84 32.67
CA ASP A 115 31.78 6.16 32.60
C ASP A 115 32.17 6.56 31.18
N THR A 116 32.43 7.85 30.97
CA THR A 116 32.69 8.36 29.63
C THR A 116 33.88 7.67 28.98
N ALA A 117 34.93 7.40 29.76
CA ALA A 117 36.08 6.69 29.20
C ALA A 117 35.75 5.23 28.89
N THR A 118 34.86 4.61 29.67
CA THR A 118 34.43 3.25 29.35
C THR A 118 33.65 3.23 28.05
N ARG A 119 32.78 4.24 27.85
CA ARG A 119 32.05 4.36 26.60
C ARG A 119 33.00 4.58 25.42
N ASP A 120 34.00 5.46 25.60
CA ASP A 120 34.92 5.75 24.50
C ASP A 120 35.73 4.52 24.12
N ALA A 121 36.12 3.71 25.12
CA ALA A 121 36.83 2.48 24.81
C ALA A 121 35.93 1.48 24.09
N LEU A 122 34.65 1.40 24.48
CA LEU A 122 33.73 0.53 23.77
C LEU A 122 33.55 0.98 22.33
N ILE A 123 33.47 2.30 22.11
CA ILE A 123 33.36 2.82 20.76
C ILE A 123 34.60 2.48 19.94
N ARG A 124 35.78 2.76 20.51
CA ARG A 124 37.02 2.61 19.75
C ARG A 124 37.35 1.14 19.50
N ASP A 125 37.23 0.31 20.54
CA ASP A 125 37.73 -1.06 20.46
C ASP A 125 36.70 -2.06 19.98
N LYS A 126 35.40 -1.75 20.08
CA LYS A 126 34.39 -2.76 19.83
C LYS A 126 33.33 -2.32 18.82
N ILE A 127 32.68 -1.18 19.07
CA ILE A 127 31.59 -0.74 18.19
C ILE A 127 32.14 -0.40 16.81
N ALA A 128 33.21 0.41 16.76
CA ALA A 128 33.76 0.84 15.48
C ALA A 128 34.29 -0.33 14.68
N ASP A 129 34.67 -1.43 15.34
CA ASP A 129 35.12 -2.63 14.67
C ASP A 129 33.97 -3.52 14.22
N GLY A 130 32.78 -2.94 14.02
CA GLY A 130 31.66 -3.67 13.46
C GLY A 130 30.82 -4.41 14.49
N ASN A 131 31.46 -4.91 15.54
CA ASN A 131 30.78 -5.71 16.55
C ASN A 131 30.00 -4.80 17.48
N TRP A 132 28.80 -4.42 17.04
CA TRP A 132 27.90 -3.63 17.87
C TRP A 132 26.81 -4.45 18.52
N LYS A 133 26.34 -5.51 17.84
CA LYS A 133 25.29 -6.34 18.41
C LYS A 133 25.75 -7.03 19.69
N SER A 134 27.06 -7.26 19.82
CA SER A 134 27.56 -8.05 20.94
C SER A 134 27.40 -7.33 22.27
N HIS A 135 27.56 -6.01 22.28
CA HIS A 135 27.81 -5.28 23.52
C HIS A 135 26.64 -4.40 23.96
N LEU A 136 25.66 -4.15 23.12
CA LEU A 136 24.61 -3.20 23.46
C LEU A 136 23.21 -3.76 23.20
N ARG A 140 17.30 -6.55 25.09
CA ARG A 140 16.53 -5.39 24.64
C ARG A 140 17.08 -4.82 23.32
N SER A 141 16.20 -4.66 22.34
CA SER A 141 16.62 -4.17 21.02
C SER A 141 17.27 -2.81 21.13
N LEU A 142 18.34 -2.61 20.35
CA LEU A 142 18.94 -1.29 20.24
C LEU A 142 17.94 -0.27 19.73
N PHE A 143 16.89 -0.71 19.04
CA PHE A 143 16.02 0.18 18.30
C PHE A 143 14.66 0.37 18.98
N VAL A 144 14.58 0.10 20.28
CA VAL A 144 13.29 0.17 20.97
CA VAL A 144 13.29 0.17 20.99
C VAL A 144 12.66 1.55 20.82
N ASN A 145 13.48 2.59 20.80
CA ASN A 145 12.95 3.96 20.69
C ASN A 145 13.14 4.56 19.30
N ALA A 146 13.30 3.73 18.26
CA ALA A 146 13.54 4.26 16.92
C ALA A 146 12.38 5.08 16.38
N ALA A 147 11.14 4.84 16.86
CA ALA A 147 10.04 5.69 16.42
C ALA A 147 10.29 7.15 16.80
N THR A 148 10.84 7.38 18.00
CA THR A 148 11.16 8.74 18.41
C THR A 148 12.26 9.33 17.53
N TRP A 149 13.37 8.59 17.35
CA TRP A 149 14.44 9.10 16.52
C TRP A 149 14.02 9.23 15.07
N GLY A 150 13.11 8.37 14.61
CA GLY A 150 12.56 8.54 13.27
C GLY A 150 11.87 9.88 13.11
N LEU A 151 11.11 10.29 14.13
CA LEU A 151 10.53 11.64 14.12
C LEU A 151 11.62 12.71 14.05
N VAL A 152 12.69 12.54 14.84
CA VAL A 152 13.78 13.51 14.83
C VAL A 152 14.41 13.60 13.44
N VAL A 153 14.65 12.45 12.81
CA VAL A 153 15.40 12.43 11.57
C VAL A 153 14.51 12.79 10.38
N THR A 154 13.32 12.19 10.30
CA THR A 154 12.47 12.32 9.13
C THR A 154 11.31 13.28 9.32
N GLY A 155 11.00 13.66 10.55
CA GLY A 155 9.81 14.44 10.82
C GLY A 155 8.52 13.67 10.75
N LYS A 156 8.57 12.35 10.54
CA LYS A 156 7.38 11.53 10.41
C LYS A 156 7.40 10.41 11.43
N LEU A 157 6.22 10.06 11.92
CA LEU A 157 6.07 9.00 12.92
C LEU A 157 5.68 7.71 12.22
N THR A 158 6.47 6.66 12.44
CA THR A 158 6.10 5.29 12.09
C THR A 158 5.77 4.56 13.38
N SER A 159 4.60 3.91 13.41
CA SER A 159 4.11 3.33 14.66
C SER A 159 4.98 2.19 15.16
N THR A 160 5.52 1.39 14.24
CA THR A 160 6.40 0.28 14.61
C THR A 160 7.76 0.47 13.95
N VAL A 161 8.73 -0.27 14.44
CA VAL A 161 10.13 -0.11 14.08
C VAL A 161 10.51 -1.24 13.15
N ASN A 162 11.08 -0.91 11.99
CA ASN A 162 11.62 -1.96 11.13
C ASN A 162 13.02 -2.24 11.62
N ASP A 163 13.12 -3.12 12.61
CA ASP A 163 14.40 -3.34 13.26
C ASP A 163 15.40 -4.07 12.36
N ARG A 164 14.93 -4.80 11.36
CA ARG A 164 15.89 -5.42 10.46
C ARG A 164 16.48 -4.40 9.51
N SER A 165 15.68 -3.44 9.06
CA SER A 165 16.20 -2.35 8.22
C SER A 165 17.19 -1.50 9.01
N LEU A 166 16.88 -1.21 10.27
CA LEU A 166 17.78 -0.42 11.10
C LEU A 166 19.08 -1.17 11.40
N ALA A 167 19.00 -2.47 11.66
CA ALA A 167 20.20 -3.24 11.91
C ALA A 167 21.09 -3.24 10.68
N ALA A 168 20.49 -3.39 9.50
CA ALA A 168 21.26 -3.36 8.27
C ALA A 168 21.89 -1.99 8.06
N ALA A 169 21.13 -0.93 8.32
CA ALA A 169 21.64 0.41 8.15
C ALA A 169 22.77 0.72 9.13
N LEU A 170 22.66 0.25 10.36
CA LEU A 170 23.72 0.50 11.34
C LEU A 170 25.00 -0.21 10.95
N THR A 171 24.90 -1.48 10.56
CA THR A 171 26.07 -2.21 10.07
C THR A 171 26.69 -1.49 8.88
N ARG A 172 25.85 -1.04 7.95
CA ARG A 172 26.36 -0.36 6.75
C ARG A 172 27.11 0.91 7.12
N LEU A 173 26.53 1.74 8.00
CA LEU A 173 27.14 3.04 8.26
C LEU A 173 28.42 2.89 9.08
N ILE A 174 28.45 1.94 10.03
CA ILE A 174 29.67 1.73 10.80
C ILE A 174 30.76 1.17 9.91
N SER A 175 30.41 0.19 9.07
CA SER A 175 31.42 -0.37 8.16
C SER A 175 31.89 0.64 7.13
N ARG A 176 31.07 1.66 6.84
CA ARG A 176 31.46 2.67 5.86
C ARG A 176 32.28 3.78 6.49
N CYS A 177 31.83 4.29 7.65
CA CYS A 177 32.41 5.50 8.22
C CYS A 177 33.12 5.30 9.56
N GLY A 178 32.91 4.17 10.23
CA GLY A 178 33.73 3.85 11.38
C GLY A 178 33.52 4.77 12.57
N GLU A 179 34.56 4.84 13.40
CA GLU A 179 34.46 5.57 14.67
C GLU A 179 34.02 7.04 14.52
N PRO A 180 34.50 7.82 13.52
CA PRO A 180 34.08 9.23 13.46
C PRO A 180 32.58 9.45 13.45
N VAL A 181 31.81 8.66 12.68
CA VAL A 181 30.38 8.90 12.65
C VAL A 181 29.73 8.52 13.99
N ILE A 182 30.27 7.51 14.68
CA ILE A 182 29.73 7.13 15.97
C ILE A 182 29.95 8.24 16.99
N ARG A 183 31.16 8.81 17.02
CA ARG A 183 31.46 9.91 17.93
C ARG A 183 30.54 11.10 17.67
N ARG A 184 30.38 11.46 16.40
CA ARG A 184 29.49 12.57 16.05
C ARG A 184 28.05 12.29 16.46
N GLY A 185 27.60 11.05 16.29
CA GLY A 185 26.25 10.70 16.69
C GLY A 185 26.08 10.78 18.20
N VAL A 186 27.06 10.32 18.96
CA VAL A 186 27.00 10.37 20.42
C VAL A 186 26.92 11.83 20.88
N ASP A 187 27.79 12.69 20.34
CA ASP A 187 27.78 14.08 20.76
C ASP A 187 26.51 14.78 20.31
N MET A 188 25.94 14.37 19.18
CA MET A 188 24.68 14.93 18.71
C MET A 188 23.54 14.53 19.62
N ALA A 189 23.42 13.24 19.92
CA ALA A 189 22.38 12.79 20.84
C ALA A 189 22.52 13.44 22.21
N MET A 190 23.75 13.56 22.70
CA MET A 190 23.98 14.18 24.00
C MET A 190 23.43 15.59 24.06
N ARG A 191 23.65 16.37 22.99
CA ARG A 191 23.13 17.73 22.94
C ARG A 191 21.62 17.79 22.87
N MET A 192 20.97 16.73 22.37
CA MET A 192 19.52 16.72 22.26
C MET A 192 18.84 16.22 23.53
N MET A 193 19.21 15.03 23.99
CA MET A 193 18.54 14.43 25.14
C MET A 193 18.81 15.23 26.41
N GLY A 194 20.02 15.74 26.56
CA GLY A 194 20.39 16.45 27.77
C GLY A 194 20.23 17.96 27.76
N GLU A 195 19.81 18.55 26.64
CA GLU A 195 19.76 19.99 26.57
C GLU A 195 18.62 20.51 25.69
N GLN A 196 18.27 19.78 24.63
CA GLN A 196 17.32 20.31 23.64
C GLN A 196 15.88 20.07 24.05
N PHE A 197 15.51 18.82 24.32
CA PHE A 197 14.13 18.50 24.65
C PHE A 197 13.80 18.71 26.12
N VAL A 198 14.75 18.43 27.01
CA VAL A 198 14.54 18.58 28.44
C VAL A 198 15.42 19.71 28.96
N THR A 199 14.90 20.44 29.94
CA THR A 199 15.70 21.52 30.54
C THR A 199 16.78 20.94 31.45
N GLY A 200 16.51 19.80 32.07
CA GLY A 200 17.50 19.10 32.86
C GLY A 200 16.97 17.74 33.26
N GLU A 201 17.89 16.86 33.65
CA GLU A 201 17.48 15.54 34.11
C GLU A 201 17.01 15.56 35.56
N THR A 202 17.47 16.52 36.35
CA THR A 202 16.98 16.77 37.69
C THR A 202 16.58 18.23 37.82
N ILE A 203 15.76 18.52 38.82
CA ILE A 203 15.31 19.89 39.01
C ILE A 203 16.49 20.82 39.28
N ARG A 204 17.49 20.35 40.02
CA ARG A 204 18.66 21.19 40.27
C ARG A 204 19.40 21.51 38.99
N GLU A 205 19.58 20.52 38.11
CA GLU A 205 20.20 20.78 36.82
C GLU A 205 19.36 21.74 35.99
N ALA A 206 18.03 21.54 35.97
CA ALA A 206 17.16 22.42 35.20
C ALA A 206 17.23 23.85 35.71
N LEU A 207 17.30 24.03 37.02
CA LEU A 207 17.39 25.36 37.59
C LEU A 207 18.71 26.02 37.21
N LYS A 208 19.79 25.25 37.21
CA LYS A 208 21.09 25.77 36.76
C LYS A 208 20.99 26.26 35.32
N ARG A 209 20.38 25.46 34.45
CA ARG A 209 20.30 25.83 33.04
C ARG A 209 19.34 26.98 32.79
N SER A 210 18.47 27.30 33.74
CA SER A 210 17.48 28.37 33.53
C SER A 210 18.04 29.77 33.76
N LYS A 211 19.24 29.89 34.33
CA LYS A 211 19.77 31.21 34.67
C LYS A 211 19.94 32.08 33.43
N GLU A 212 20.43 31.50 32.34
CA GLU A 212 20.78 32.28 31.16
C GLU A 212 19.58 33.06 30.65
N LEU A 213 18.45 32.38 30.43
CA LEU A 213 17.29 33.05 29.85
C LEU A 213 16.50 33.86 30.87
N GLU A 214 16.58 33.50 32.16
CA GLU A 214 15.96 34.36 33.17
C GLU A 214 16.59 35.75 33.18
N GLU A 215 17.89 35.84 32.87
CA GLU A 215 18.54 37.13 32.78
C GLU A 215 18.07 37.91 31.56
N LYS A 216 17.66 37.21 30.50
CA LYS A 216 17.15 37.87 29.30
C LYS A 216 15.66 38.20 29.39
N GLY A 217 15.03 37.98 30.54
CA GLY A 217 13.66 38.36 30.75
C GLY A 217 12.66 37.22 30.75
N PHE A 218 13.11 35.98 30.58
CA PHE A 218 12.19 34.86 30.62
C PHE A 218 11.93 34.42 32.05
N SER A 219 10.85 33.67 32.23
CA SER A 219 10.61 32.92 33.46
C SER A 219 10.38 31.46 33.09
N TYR A 220 10.16 30.63 34.11
CA TYR A 220 10.10 29.19 33.93
C TYR A 220 8.93 28.59 34.72
N SER A 221 8.42 27.49 34.19
CA SER A 221 7.51 26.59 34.89
C SER A 221 7.97 25.18 34.64
N TYR A 222 8.36 24.48 35.70
CA TYR A 222 8.98 23.16 35.59
C TYR A 222 7.93 22.07 35.76
N ASP A 223 8.07 21.00 35.00
CA ASP A 223 7.20 19.86 35.18
C ASP A 223 8.05 18.60 35.27
N MET A 224 7.89 17.89 36.38
N MET A 224 7.81 17.79 36.29
CA MET A 224 8.44 16.54 36.57
CA MET A 224 8.54 16.53 36.39
C MET A 224 7.52 15.58 35.84
C MET A 224 7.98 15.55 35.35
N LEU A 225 7.57 15.69 34.52
N LEU A 225 8.83 15.14 34.41
CA LEU A 225 6.60 15.04 33.65
CA LEU A 225 8.40 14.24 33.35
C LEU A 225 6.92 13.56 33.49
C LEU A 225 8.02 12.87 33.90
N GLY A 226 5.87 12.77 33.30
N GLY A 226 6.95 12.30 33.35
CA GLY A 226 6.04 11.36 33.07
CA GLY A 226 6.53 10.97 33.72
C GLY A 226 4.72 10.71 32.76
C GLY A 226 5.17 10.66 33.14
N GLU A 227 4.70 9.39 32.86
N GLU A 227 4.83 9.37 33.19
CA GLU A 227 3.48 8.65 32.63
CA GLU A 227 3.53 8.90 32.73
C GLU A 227 2.51 8.84 33.81
C GLU A 227 2.48 9.08 33.83
N ALA A 228 1.22 8.82 33.49
CA ALA A 228 0.19 8.80 34.52
C ALA A 228 0.43 7.60 35.43
N ALA A 229 -0.01 7.73 36.69
CA ALA A 229 0.27 6.67 37.66
C ALA A 229 -0.61 5.46 37.38
N THR A 230 -0.02 4.26 37.34
CA THR A 230 -0.86 3.08 37.28
C THR A 230 -0.96 2.36 38.62
N THR A 231 -0.11 2.70 39.58
CA THR A 231 -0.16 2.09 40.91
C THR A 231 -0.09 3.16 41.98
N ALA A 232 -0.47 2.78 43.19
CA ALA A 232 -0.31 3.67 44.33
C ALA A 232 1.14 4.06 44.53
N ALA A 233 2.05 3.09 44.42
CA ALA A 233 3.46 3.39 44.65
C ALA A 233 3.98 4.39 43.63
N ASP A 234 3.54 4.27 42.38
CA ASP A 234 4.00 5.21 41.37
C ASP A 234 3.41 6.59 41.61
N ALA A 235 2.17 6.66 42.07
CA ALA A 235 1.58 7.95 42.41
C ALA A 235 2.34 8.59 43.56
N GLU A 236 2.75 7.78 44.55
CA GLU A 236 3.51 8.31 45.67
C GLU A 236 4.88 8.79 45.21
N ARG A 237 5.50 8.09 44.25
CA ARG A 237 6.79 8.54 43.73
C ARG A 237 6.64 9.88 43.02
N TYR A 238 5.60 10.03 42.20
CA TYR A 238 5.41 11.31 41.54
C TYR A 238 5.10 12.40 42.55
N TYR A 239 4.36 12.08 43.62
CA TYR A 239 4.13 13.08 44.64
C TYR A 239 5.45 13.55 45.24
N ARG A 240 6.33 12.62 45.65
CA ARG A 240 7.54 13.10 46.28
C ARG A 240 8.47 13.77 45.27
N ASP A 241 8.39 13.40 44.00
CA ASP A 241 9.14 14.15 42.99
C ASP A 241 8.64 15.58 42.89
N TYR A 242 7.32 15.78 42.89
CA TYR A 242 6.76 17.12 42.83
C TYR A 242 7.10 17.93 44.08
N GLU A 243 6.98 17.30 45.25
CA GLU A 243 7.26 17.99 46.50
C GLU A 243 8.71 18.45 46.54
N SER A 244 9.65 17.56 46.19
CA SER A 244 11.06 17.93 46.19
C SER A 244 11.34 19.03 45.15
N ALA A 245 10.65 18.99 44.01
CA ALA A 245 10.84 20.04 43.02
C ALA A 245 10.30 21.39 43.51
N ILE A 246 9.16 21.39 44.20
CA ILE A 246 8.66 22.67 44.73
C ILE A 246 9.67 23.28 45.68
N HIS A 247 10.30 22.44 46.52
CA HIS A 247 11.32 22.96 47.42
C HIS A 247 12.46 23.58 46.65
N ALA A 248 12.95 22.89 45.62
CA ALA A 248 14.09 23.41 44.87
C ALA A 248 13.73 24.68 44.13
N ILE A 249 12.55 24.71 43.51
CA ILE A 249 12.09 25.89 42.79
C ILE A 249 11.86 27.06 43.74
N GLY A 250 11.29 26.78 44.91
CA GLY A 250 11.01 27.86 45.85
C GLY A 250 12.27 28.41 46.47
N LYS A 251 13.24 27.54 46.74
CA LYS A 251 14.55 28.01 47.20
C LYS A 251 15.20 28.92 46.17
N ALA A 252 15.15 28.50 44.90
CA ALA A 252 15.74 29.30 43.82
C ALA A 252 14.95 30.58 43.59
N SER A 253 13.62 30.50 43.66
CA SER A 253 12.80 31.69 43.45
C SER A 253 13.22 32.79 44.41
N ALA A 254 13.48 32.44 45.66
CA ALA A 254 14.02 33.35 46.68
C ALA A 254 13.22 34.65 46.76
N GLY A 255 11.90 34.52 46.84
CA GLY A 255 11.04 35.67 47.02
C GLY A 255 10.69 36.46 45.78
N ARG A 256 11.02 35.96 44.59
CA ARG A 256 10.69 36.71 43.37
C ARG A 256 9.19 36.76 43.10
N GLY A 257 8.41 35.89 43.73
CA GLY A 257 6.96 35.93 43.54
C GLY A 257 6.50 35.12 42.35
N ILE A 258 5.19 35.13 42.15
CA ILE A 258 4.59 34.18 41.22
C ILE A 258 4.70 34.64 39.77
N TYR A 259 4.95 35.92 39.51
CA TYR A 259 5.01 36.44 38.15
C TYR A 259 6.43 36.50 37.62
N GLU A 260 7.35 37.08 38.40
CA GLU A 260 8.74 37.19 37.96
C GLU A 260 9.56 35.95 38.26
N GLY A 261 9.11 35.10 39.20
CA GLY A 261 9.87 33.94 39.58
C GLY A 261 9.28 32.66 39.02
N PRO A 262 10.02 31.57 39.18
CA PRO A 262 9.63 30.31 38.57
C PRO A 262 8.48 29.65 39.32
N GLY A 263 7.81 28.74 38.63
CA GLY A 263 6.74 27.97 39.23
C GLY A 263 6.81 26.51 38.83
N ILE A 264 5.81 25.73 39.23
CA ILE A 264 5.75 24.33 38.89
C ILE A 264 4.44 24.06 38.18
N SER A 265 4.45 23.05 37.32
CA SER A 265 3.25 22.54 36.68
C SER A 265 3.09 21.08 37.09
N ILE A 266 1.86 20.66 37.36
CA ILE A 266 1.62 19.29 37.80
C ILE A 266 0.53 18.66 36.97
N LYS A 267 0.60 17.35 36.85
CA LYS A 267 -0.39 16.56 36.13
C LYS A 267 -1.15 15.74 37.16
N LEU A 268 -2.46 15.98 37.28
CA LEU A 268 -3.24 15.29 38.31
C LEU A 268 -3.22 13.78 38.13
N SER A 269 -3.17 13.30 36.89
CA SER A 269 -3.13 11.86 36.67
C SER A 269 -1.84 11.23 37.16
N ALA A 270 -0.81 12.04 37.40
CA ALA A 270 0.40 11.49 37.99
C ALA A 270 0.23 11.20 39.47
N LEU A 271 -0.77 11.80 40.11
CA LEU A 271 -0.84 11.81 41.57
C LEU A 271 -1.87 10.84 42.13
N HIS A 272 -2.58 10.11 41.25
CA HIS A 272 -3.51 9.12 41.73
C HIS A 272 -3.71 8.11 40.62
N PRO A 273 -3.68 6.81 40.89
CA PRO A 273 -3.79 5.82 39.82
C PRO A 273 -5.19 5.64 39.26
N ARG A 274 -6.20 6.23 39.88
CA ARG A 274 -7.58 6.11 39.42
C ARG A 274 -8.21 7.48 39.28
N TYR A 275 -7.54 8.37 38.55
CA TYR A 275 -8.02 9.73 38.34
C TYR A 275 -9.05 9.71 37.22
N SER A 276 -10.33 9.58 37.59
CA SER A 276 -11.39 9.51 36.60
C SER A 276 -12.72 9.87 37.25
N ARG A 277 -13.68 10.27 36.41
CA ARG A 277 -15.01 10.57 36.93
C ARG A 277 -15.63 9.34 37.58
N ALA A 278 -15.35 8.14 37.06
CA ALA A 278 -15.94 6.93 37.65
C ALA A 278 -15.48 6.73 39.08
N GLN A 279 -14.30 7.24 39.40
CA GLN A 279 -13.74 7.15 40.75
C GLN A 279 -13.75 8.50 41.45
N ALA A 280 -14.77 9.32 41.18
CA ALA A 280 -14.76 10.70 41.67
C ALA A 280 -14.61 10.77 43.19
N ALA A 281 -15.22 9.84 43.91
CA ALA A 281 -15.14 9.86 45.37
C ALA A 281 -13.72 9.61 45.86
N ARG A 282 -13.01 8.66 45.23
CA ARG A 282 -11.62 8.46 45.59
C ARG A 282 -10.77 9.67 45.19
N VAL A 283 -11.11 10.30 44.08
CA VAL A 283 -10.36 11.49 43.65
C VAL A 283 -10.50 12.59 44.69
N MET A 284 -11.73 12.89 45.11
CA MET A 284 -11.91 13.96 46.09
C MET A 284 -11.35 13.58 47.47
N GLY A 285 -11.40 12.29 47.82
CA GLY A 285 -10.95 11.88 49.13
C GLY A 285 -9.46 11.67 49.25
N GLU A 286 -8.80 11.31 48.15
CA GLU A 286 -7.41 10.89 48.19
C GLU A 286 -6.49 11.79 47.37
N LEU A 287 -6.94 12.19 46.19
CA LEU A 287 -6.11 13.04 45.34
C LEU A 287 -6.13 14.49 45.82
N LEU A 288 -7.31 15.02 46.10
CA LEU A 288 -7.42 16.42 46.53
C LEU A 288 -6.50 16.76 47.70
N PRO A 289 -6.43 15.97 48.79
CA PRO A 289 -5.49 16.34 49.87
C PRO A 289 -4.05 16.40 49.43
N ARG A 290 -3.66 15.56 48.47
CA ARG A 290 -2.29 15.60 47.98
C ARG A 290 -2.02 16.88 47.21
N VAL A 291 -2.96 17.28 46.36
CA VAL A 291 -2.79 18.55 45.66
C VAL A 291 -2.76 19.70 46.66
N LYS A 292 -3.63 19.66 47.66
CA LYS A 292 -3.61 20.70 48.68
C LYS A 292 -2.25 20.79 49.36
N ALA A 293 -1.64 19.64 49.70
CA ALA A 293 -0.35 19.69 50.40
C ALA A 293 0.73 20.29 49.52
N LEU A 294 0.72 19.98 48.22
CA LEU A 294 1.68 20.59 47.31
C LEU A 294 1.39 22.08 47.15
N ALA A 295 0.12 22.44 47.09
CA ALA A 295 -0.22 23.86 46.96
C ALA A 295 0.17 24.64 48.22
N LEU A 296 0.00 24.04 49.41
CA LEU A 296 0.46 24.71 50.63
C LEU A 296 1.95 25.02 50.56
N LEU A 297 2.73 24.09 50.00
CA LEU A 297 4.16 24.31 49.88
C LEU A 297 4.47 25.40 48.87
N ALA A 298 3.77 25.37 47.72
CA ALA A 298 3.91 26.44 46.74
C ALA A 298 3.56 27.79 47.34
N LYS A 299 2.49 27.84 48.14
CA LYS A 299 2.11 29.06 48.83
C LYS A 299 3.21 29.56 49.74
N ASN A 300 3.86 28.67 50.50
CA ASN A 300 4.84 29.17 51.44
C ASN A 300 6.05 29.77 50.73
N TYR A 301 6.43 29.22 49.58
CA TYR A 301 7.51 29.80 48.80
C TYR A 301 7.03 30.92 47.88
N ASP A 302 5.72 31.12 47.75
CA ASP A 302 5.11 32.08 46.84
C ASP A 302 5.56 31.87 45.39
N ILE A 303 5.29 30.65 44.89
CA ILE A 303 5.58 30.30 43.51
C ILE A 303 4.27 29.86 42.86
N GLY A 304 4.27 29.87 41.53
CA GLY A 304 3.10 29.39 40.81
C GLY A 304 3.01 27.88 40.83
N LEU A 305 1.77 27.38 40.85
CA LEU A 305 1.48 25.96 40.78
C LEU A 305 0.36 25.79 39.77
N ASN A 306 0.68 25.25 38.60
CA ASN A 306 -0.26 25.14 37.49
C ASN A 306 -0.75 23.70 37.35
N ILE A 307 -2.06 23.52 37.23
CA ILE A 307 -2.63 22.20 36.98
C ILE A 307 -2.75 21.99 35.47
N ASP A 308 -1.96 21.06 34.94
CA ASP A 308 -1.98 20.77 33.51
C ASP A 308 -3.32 20.20 33.11
N ALA A 309 -3.71 20.46 31.85
CA ALA A 309 -4.97 19.93 31.32
C ALA A 309 -4.70 18.66 30.52
N GLU A 310 -5.58 17.66 30.71
CA GLU A 310 -5.34 16.35 30.10
C GLU A 310 -6.50 15.97 29.18
N GLU A 311 -6.96 14.73 29.25
CA GLU A 311 -7.99 14.30 28.31
C GLU A 311 -9.31 15.00 28.58
N ALA A 312 -10.17 15.01 27.56
CA ALA A 312 -11.43 15.73 27.66
C ALA A 312 -12.30 15.18 28.79
N ASP A 313 -12.22 13.89 29.08
CA ASP A 313 -13.08 13.31 30.11
C ASP A 313 -12.55 13.54 31.53
N ARG A 314 -11.48 14.33 31.68
CA ARG A 314 -10.97 14.76 32.97
C ARG A 314 -11.18 16.24 33.23
N LEU A 315 -11.64 16.99 32.23
CA LEU A 315 -11.79 18.44 32.38
C LEU A 315 -12.72 18.78 33.54
N GLU A 316 -13.96 18.33 33.48
CA GLU A 316 -14.91 18.81 34.48
C GLU A 316 -14.57 18.26 35.87
N LEU A 317 -14.07 17.01 35.96
CA LEU A 317 -13.58 16.50 37.23
C LEU A 317 -12.52 17.43 37.82
N SER A 318 -11.58 17.89 37.00
CA SER A 318 -10.53 18.75 37.54
C SER A 318 -11.10 20.06 38.09
N LEU A 319 -12.24 20.50 37.57
CA LEU A 319 -12.86 21.72 38.07
C LEU A 319 -13.34 21.57 39.50
N ASP A 320 -13.75 20.36 39.89
CA ASP A 320 -14.15 20.16 41.27
C ASP A 320 -12.96 20.28 42.21
N LEU A 321 -11.77 19.86 41.76
CA LEU A 321 -10.59 20.07 42.59
C LEU A 321 -10.22 21.54 42.62
N LEU A 322 -10.29 22.22 41.46
CA LEU A 322 -9.95 23.64 41.43
C LEU A 322 -10.85 24.42 42.35
N GLU A 323 -12.16 24.12 42.33
CA GLU A 323 -13.10 24.85 43.17
C GLU A 323 -12.78 24.66 44.65
N VAL A 324 -12.57 23.42 45.10
CA VAL A 324 -12.29 23.18 46.51
C VAL A 324 -11.01 23.89 46.93
N LEU A 325 -9.96 23.78 46.12
CA LEU A 325 -8.71 24.40 46.48
C LEU A 325 -8.85 25.92 46.57
N CYS A 326 -9.57 26.53 45.64
CA CYS A 326 -9.68 27.98 45.67
C CYS A 326 -10.59 28.47 46.79
N LEU A 327 -11.46 27.62 47.32
CA LEU A 327 -12.31 28.01 48.44
C LEU A 327 -11.71 27.62 49.78
N ASP A 328 -10.57 26.92 49.78
CA ASP A 328 -9.95 26.44 51.01
C ASP A 328 -9.16 27.58 51.66
N GLY A 329 -9.61 28.02 52.83
CA GLY A 329 -8.96 29.13 53.52
C GLY A 329 -7.49 28.89 53.83
N ASP A 330 -7.08 27.63 53.97
CA ASP A 330 -5.67 27.35 54.27
C ASP A 330 -4.75 27.81 53.14
N LEU A 331 -5.28 27.99 51.93
CA LEU A 331 -4.49 28.44 50.79
C LEU A 331 -4.66 29.93 50.52
N SER A 332 -5.37 30.65 51.38
CA SER A 332 -5.59 32.07 51.17
C SER A 332 -4.28 32.86 51.30
N GLY A 333 -4.25 34.01 50.65
CA GLY A 333 -3.07 34.85 50.66
C GLY A 333 -2.09 34.56 49.53
N TRP A 334 -2.38 33.58 48.71
CA TRP A 334 -1.50 33.14 47.65
C TRP A 334 -2.30 33.15 46.35
N ASN A 335 -1.74 33.78 45.32
CA ASN A 335 -2.37 33.87 44.00
C ASN A 335 -1.68 32.99 42.97
N GLY A 336 -0.86 32.04 43.42
CA GLY A 336 -0.10 31.20 42.50
C GLY A 336 -0.85 30.00 41.92
N MET A 337 -2.06 29.68 42.37
CA MET A 337 -2.76 28.54 41.80
CA MET A 337 -2.77 28.54 41.80
C MET A 337 -3.11 28.82 40.34
N GLY A 338 -2.75 27.89 39.46
CA GLY A 338 -2.97 28.06 38.04
C GLY A 338 -3.67 26.83 37.46
N PHE A 339 -4.19 27.02 36.25
CA PHE A 339 -5.06 26.03 35.64
C PHE A 339 -5.02 26.20 34.12
N VAL A 340 -4.83 25.11 33.41
CA VAL A 340 -4.79 25.12 31.96
C VAL A 340 -6.20 24.92 31.41
N VAL A 341 -6.55 25.66 30.36
CA VAL A 341 -7.74 25.37 29.57
C VAL A 341 -7.35 25.25 28.10
N GLN A 342 -7.98 24.31 27.40
CA GLN A 342 -7.58 23.90 26.04
C GLN A 342 -8.54 24.50 25.03
N ALA A 343 -8.03 25.40 24.19
CA ALA A 343 -8.88 26.10 23.23
C ALA A 343 -9.43 25.18 22.14
N TYR A 344 -8.83 24.01 21.92
CA TYR A 344 -9.46 23.11 20.96
C TYR A 344 -10.71 22.43 21.52
N GLY A 345 -11.05 22.69 22.79
CA GLY A 345 -12.22 22.08 23.39
C GLY A 345 -13.46 22.94 23.27
N LYS A 346 -14.58 22.30 22.94
CA LYS A 346 -15.83 23.02 22.72
C LYS A 346 -16.33 23.69 23.98
N ARG A 347 -15.88 23.23 25.15
CA ARG A 347 -16.32 23.81 26.41
C ARG A 347 -15.48 25.01 26.84
N CYS A 348 -14.38 25.29 26.13
CA CYS A 348 -13.39 26.25 26.63
C CYS A 348 -13.96 27.60 27.09
N PRO A 349 -14.76 28.33 26.30
CA PRO A 349 -15.22 29.63 26.81
C PRO A 349 -16.11 29.50 28.03
N PHE A 350 -16.87 28.41 28.15
CA PHE A 350 -17.73 28.21 29.30
C PHE A 350 -16.93 27.80 30.52
N VAL A 351 -15.85 27.05 30.32
CA VAL A 351 -14.93 26.78 31.41
C VAL A 351 -14.29 28.07 31.90
N LEU A 352 -13.93 28.96 30.98
CA LEU A 352 -13.35 30.24 31.40
C LEU A 352 -14.36 31.07 32.19
N ASP A 353 -15.63 31.08 31.76
CA ASP A 353 -16.65 31.76 32.55
C ASP A 353 -16.68 31.23 33.97
N PHE A 354 -16.60 29.90 34.11
CA PHE A 354 -16.63 29.29 35.43
C PHE A 354 -15.41 29.71 36.24
N ILE A 355 -14.22 29.67 35.62
CA ILE A 355 -13.00 30.01 36.34
C ILE A 355 -12.99 31.48 36.74
N ILE A 356 -13.39 32.37 35.84
CA ILE A 356 -13.38 33.79 36.16
C ILE A 356 -14.33 34.07 37.32
N ASP A 357 -15.49 33.41 37.31
CA ASP A 357 -16.43 33.57 38.41
C ASP A 357 -15.87 32.98 39.70
N LEU A 358 -15.21 31.82 39.62
CA LEU A 358 -14.56 31.26 40.80
C LEU A 358 -13.48 32.19 41.34
N ALA A 359 -12.70 32.81 40.45
CA ALA A 359 -11.72 33.80 40.88
C ALA A 359 -12.37 34.94 41.63
N ARG A 360 -13.53 35.42 41.13
CA ARG A 360 -14.25 36.48 41.79
C ARG A 360 -14.78 36.05 43.16
N ARG A 361 -15.39 34.87 43.22
CA ARG A 361 -15.93 34.36 44.49
C ARG A 361 -14.83 34.16 45.53
N SER A 362 -13.74 33.54 45.12
CA SER A 362 -12.66 33.20 46.03
C SER A 362 -11.74 34.37 46.30
N GLY A 363 -11.76 35.39 45.45
CA GLY A 363 -10.79 36.45 45.58
C GLY A 363 -9.38 36.09 45.21
N ARG A 364 -9.17 34.93 44.59
CA ARG A 364 -7.86 34.47 44.13
C ARG A 364 -7.70 34.82 42.66
N ARG A 365 -6.58 35.42 42.32
CA ARG A 365 -6.31 35.76 40.93
C ARG A 365 -5.76 34.52 40.24
N ILE A 366 -6.67 33.71 39.69
CA ILE A 366 -6.25 32.42 39.16
C ILE A 366 -5.39 32.62 37.93
N MET A 367 -4.28 31.90 37.84
CA MET A 367 -3.42 31.95 36.67
C MET A 367 -4.00 31.00 35.63
N VAL A 368 -4.36 31.52 34.47
CA VAL A 368 -5.07 30.71 33.48
C VAL A 368 -4.16 30.54 32.28
N ARG A 369 -3.64 29.32 32.10
CA ARG A 369 -2.79 28.99 30.95
CA ARG A 369 -2.79 29.01 30.95
C ARG A 369 -3.69 28.56 29.80
N LEU A 370 -3.79 29.39 28.78
CA LEU A 370 -4.58 29.06 27.62
C LEU A 370 -3.68 28.36 26.59
N VAL A 371 -3.98 27.10 26.31
CA VAL A 371 -3.24 26.33 25.32
C VAL A 371 -4.23 25.93 24.25
N LYS A 372 -3.72 25.43 23.14
CA LYS A 372 -4.65 24.94 22.13
C LYS A 372 -5.11 23.52 22.44
N GLY A 373 -4.18 22.61 22.78
CA GLY A 373 -4.53 21.29 23.28
C GLY A 373 -3.63 20.19 22.74
N ALA A 374 -3.25 19.23 23.57
CA ALA A 374 -2.19 18.30 23.21
C ALA A 374 -2.66 16.89 22.88
N TYR A 375 -3.96 16.62 22.92
CA TYR A 375 -4.45 15.24 22.80
C TYR A 375 -5.35 15.06 21.59
N TRP A 376 -5.17 15.87 20.54
CA TRP A 376 -6.18 15.96 19.50
C TRP A 376 -6.46 14.62 18.86
N ASP A 377 -5.42 13.94 18.35
CA ASP A 377 -5.66 12.70 17.65
C ASP A 377 -6.27 11.64 18.57
N ALA A 378 -5.88 11.65 19.85
CA ALA A 378 -6.45 10.69 20.77
C ALA A 378 -7.93 10.97 21.03
N GLU A 379 -8.31 12.24 21.07
CA GLU A 379 -9.72 12.55 21.30
C GLU A 379 -10.58 12.10 20.13
N ILE A 380 -10.06 12.25 18.90
CA ILE A 380 -10.81 11.79 17.72
C ILE A 380 -11.06 10.29 17.81
N LYS A 381 -10.01 9.52 18.11
CA LYS A 381 -10.14 8.07 18.18
C LYS A 381 -11.07 7.64 19.31
N ARG A 382 -10.95 8.28 20.48
CA ARG A 382 -11.76 7.88 21.63
C ARG A 382 -13.25 8.07 21.35
N ALA A 383 -13.63 9.22 20.79
CA ALA A 383 -15.04 9.47 20.50
C ALA A 383 -15.56 8.45 19.49
N GLN A 384 -14.74 8.10 18.50
CA GLN A 384 -15.17 7.11 17.51
C GLN A 384 -15.35 5.74 18.16
N LEU A 385 -14.36 5.31 18.95
CA LEU A 385 -14.47 4.03 19.64
C LEU A 385 -15.71 3.97 20.51
N ASP A 386 -16.05 5.08 21.15
CA ASP A 386 -17.13 5.05 22.12
C ASP A 386 -18.48 5.31 21.50
N GLY A 387 -18.55 5.55 20.19
CA GLY A 387 -19.82 5.77 19.52
C GLY A 387 -20.58 6.97 20.03
N LEU A 388 -19.88 8.06 20.35
CA LEU A 388 -20.52 9.19 20.99
C LEU A 388 -21.07 10.15 19.93
N ALA A 389 -21.88 11.11 20.40
CA ALA A 389 -22.64 11.94 19.47
C ALA A 389 -21.74 12.80 18.59
N ASP A 390 -20.61 13.24 19.12
CA ASP A 390 -19.74 14.18 18.42
C ASP A 390 -18.41 14.22 19.16
N PHE A 391 -17.50 15.04 18.67
CA PHE A 391 -16.20 15.14 19.31
C PHE A 391 -16.23 16.20 20.40
N PRO A 392 -15.40 16.07 21.43
CA PRO A 392 -15.29 17.15 22.43
C PRO A 392 -14.26 18.20 22.07
N VAL A 393 -13.69 18.09 20.87
CA VAL A 393 -12.71 19.01 20.33
C VAL A 393 -13.14 19.35 18.91
N PHE A 394 -12.60 20.46 18.41
CA PHE A 394 -12.83 20.83 17.02
C PHE A 394 -12.10 19.86 16.11
N THR A 395 -12.53 19.83 14.85
CA THR A 395 -11.91 18.97 13.86
C THR A 395 -11.20 19.73 12.75
N ARG A 396 -11.34 21.05 12.68
CA ARG A 396 -10.52 21.88 11.80
C ARG A 396 -9.58 22.72 12.65
N LYS A 397 -8.30 22.72 12.30
CA LYS A 397 -7.30 23.41 13.11
C LYS A 397 -7.62 24.89 13.20
N ILE A 398 -8.15 25.48 12.13
CA ILE A 398 -8.46 26.90 12.16
CA ILE A 398 -8.48 26.89 12.13
C ILE A 398 -9.57 27.20 13.15
N HIS A 399 -10.44 26.22 13.45
CA HIS A 399 -11.44 26.44 14.48
C HIS A 399 -10.79 26.59 15.85
N THR A 400 -9.80 25.75 16.16
CA THR A 400 -9.06 25.92 17.40
C THR A 400 -8.39 27.29 17.47
N ASP A 401 -7.86 27.80 16.36
CA ASP A 401 -7.24 29.11 16.37
C ASP A 401 -8.26 30.20 16.68
N VAL A 402 -9.45 30.13 16.08
CA VAL A 402 -10.48 31.13 16.39
C VAL A 402 -10.92 31.01 17.83
N SER A 403 -11.15 29.79 18.30
CA SER A 403 -11.48 29.56 19.69
C SER A 403 -10.43 30.18 20.61
N TYR A 404 -9.15 29.98 20.28
CA TYR A 404 -8.08 30.51 21.11
C TYR A 404 -8.15 32.04 21.18
N ILE A 405 -8.36 32.69 20.03
CA ILE A 405 -8.38 34.14 20.01
C ILE A 405 -9.63 34.66 20.72
N ALA A 406 -10.77 33.98 20.54
CA ALA A 406 -11.99 34.38 21.25
C ALA A 406 -11.83 34.23 22.75
N CYS A 407 -11.19 33.15 23.19
CA CYS A 407 -10.97 32.95 24.61
C CYS A 407 -9.94 33.93 25.16
N ALA A 408 -8.97 34.35 24.33
CA ALA A 408 -8.04 35.38 24.77
C ALA A 408 -8.76 36.69 25.02
N ALA A 409 -9.73 37.03 24.16
CA ALA A 409 -10.50 38.25 24.36
C ALA A 409 -11.26 38.21 25.68
N LYS A 410 -11.82 37.05 26.03
CA LYS A 410 -12.51 36.93 27.31
C LYS A 410 -11.53 37.11 28.47
N LEU A 411 -10.36 36.47 28.37
CA LEU A 411 -9.37 36.58 29.42
C LEU A 411 -8.85 38.01 29.56
N LEU A 412 -8.59 38.68 28.44
CA LEU A 412 -8.03 40.03 28.53
C LEU A 412 -9.02 41.02 29.10
N ALA A 413 -10.31 40.70 29.08
CA ALA A 413 -11.33 41.55 29.70
C ALA A 413 -11.41 41.37 31.20
N ALA A 414 -10.67 40.41 31.76
CA ALA A 414 -10.79 40.02 33.16
C ALA A 414 -9.44 39.97 33.85
N THR A 415 -8.47 40.78 33.41
CA THR A 415 -7.15 40.71 34.02
C THR A 415 -7.12 41.20 35.47
N ASP A 416 -8.17 41.88 35.95
CA ASP A 416 -8.22 42.21 37.37
C ASP A 416 -8.43 40.97 38.23
N VAL A 417 -9.07 39.93 37.70
CA VAL A 417 -9.41 38.77 38.52
C VAL A 417 -8.68 37.49 38.10
N VAL A 418 -8.14 37.41 36.89
CA VAL A 418 -7.32 36.27 36.49
C VAL A 418 -6.05 36.79 35.85
N PHE A 419 -5.03 35.93 35.79
CA PHE A 419 -3.76 36.24 35.16
C PHE A 419 -3.65 35.42 33.89
N PRO A 420 -3.90 35.99 32.71
CA PRO A 420 -3.86 35.20 31.47
C PRO A 420 -2.44 34.86 31.06
N GLN A 421 -2.28 33.64 30.59
CA GLN A 421 -0.99 33.11 30.20
C GLN A 421 -1.17 32.48 28.83
N PHE A 422 -0.67 33.13 27.80
CA PHE A 422 -1.01 32.73 26.43
C PHE A 422 0.09 31.81 25.92
N ALA A 423 -0.15 30.51 26.03
CA ALA A 423 0.83 29.49 25.70
C ALA A 423 0.66 29.14 24.22
N THR A 424 1.57 29.64 23.38
CA THR A 424 1.49 29.33 21.96
C THR A 424 2.83 29.63 21.30
N HIS A 425 3.11 28.89 20.23
CA HIS A 425 4.30 29.12 19.41
C HIS A 425 3.94 29.72 18.06
N ASN A 426 2.68 30.07 17.87
CA ASN A 426 2.17 30.56 16.59
C ASN A 426 2.29 32.07 16.57
N ALA A 427 3.13 32.60 15.66
CA ALA A 427 3.39 34.03 15.63
C ALA A 427 2.15 34.83 15.25
N GLN A 428 1.25 34.25 14.48
CA GLN A 428 0.02 34.95 14.12
C GLN A 428 -0.90 35.06 15.33
N THR A 429 -1.08 33.96 16.06
CA THR A 429 -1.83 33.99 17.32
C THR A 429 -1.23 35.00 18.27
N LEU A 430 0.08 34.94 18.44
CA LEU A 430 0.78 35.87 19.33
C LEU A 430 0.50 37.31 18.94
N ALA A 431 0.74 37.64 17.66
CA ALA A 431 0.58 39.03 17.23
C ALA A 431 -0.85 39.51 17.46
N ALA A 432 -1.82 38.65 17.19
CA ALA A 432 -3.23 39.02 17.36
C ALA A 432 -3.52 39.39 18.82
N ILE A 433 -2.95 38.64 19.76
CA ILE A 433 -3.23 38.87 21.17
C ILE A 433 -2.43 40.07 21.67
N TYR A 434 -1.19 40.21 21.22
CA TYR A 434 -0.37 41.37 21.55
C TYR A 434 -1.10 42.67 21.19
N HIS A 435 -1.69 42.74 20.00
CA HIS A 435 -2.41 43.96 19.66
C HIS A 435 -3.77 44.02 20.33
N MET A 436 -4.40 42.87 20.56
CA MET A 436 -5.65 42.84 21.31
C MET A 436 -5.46 43.41 22.71
N ALA A 437 -4.34 43.08 23.36
CA ALA A 437 -4.11 43.51 24.73
C ALA A 437 -3.82 45.01 24.84
N GLY A 438 -3.37 45.64 23.75
CA GLY A 438 -3.22 47.07 23.74
C GLY A 438 -1.93 47.56 24.37
N LYS A 439 -1.87 48.89 24.54
CA LYS A 439 -0.62 49.55 24.89
C LYS A 439 -0.31 49.50 26.39
N ASP A 440 -1.33 49.43 27.24
CA ASP A 440 -1.09 49.45 28.68
C ASP A 440 -0.61 48.08 29.12
N PHE A 441 0.61 48.01 29.66
CA PHE A 441 1.12 46.75 30.15
C PHE A 441 1.95 46.96 31.41
N HIS A 442 1.83 46.01 32.33
CA HIS A 442 2.69 45.93 33.49
C HIS A 442 2.94 44.46 33.78
N VAL A 443 4.11 44.15 34.33
CA VAL A 443 4.38 42.76 34.69
C VAL A 443 3.34 42.30 35.70
N GLY A 444 2.73 41.16 35.43
CA GLY A 444 1.61 40.67 36.19
C GLY A 444 0.26 40.85 35.51
N LYS A 445 0.19 41.62 34.42
CA LYS A 445 -1.11 41.79 33.77
C LYS A 445 -1.46 40.54 32.99
N TYR A 446 -0.53 40.09 32.15
CA TYR A 446 -0.62 38.79 31.47
C TYR A 446 0.79 38.44 31.03
N GLU A 447 0.95 37.24 30.50
CA GLU A 447 2.24 36.86 29.92
C GLU A 447 1.99 35.92 28.76
N PHE A 448 3.02 35.72 27.96
CA PHE A 448 3.04 34.61 27.01
C PHE A 448 3.79 33.43 27.61
N GLN A 449 3.62 32.26 26.98
CA GLN A 449 4.35 31.06 27.41
C GLN A 449 4.74 30.24 26.19
N CYS A 450 5.77 29.42 26.38
CA CYS A 450 6.26 28.54 25.32
C CYS A 450 6.89 27.31 25.96
N LEU A 451 7.17 26.32 25.11
CA LEU A 451 7.87 25.11 25.55
C LEU A 451 9.37 25.25 25.37
N HIS A 452 10.12 24.72 26.34
CA HIS A 452 11.57 24.71 26.26
C HIS A 452 12.03 24.12 24.93
N GLY A 453 13.01 24.77 24.32
CA GLY A 453 13.62 24.22 23.13
C GLY A 453 12.81 24.37 21.86
N MET A 454 11.66 25.03 21.90
CA MET A 454 10.97 25.33 20.65
C MET A 454 10.35 26.72 20.57
N GLY A 455 10.26 27.47 21.67
CA GLY A 455 9.69 28.79 21.60
C GLY A 455 10.70 29.92 21.69
N GLU A 456 11.92 29.60 22.12
CA GLU A 456 12.92 30.66 22.30
C GLU A 456 13.22 31.43 21.03
N PRO A 457 13.33 30.82 19.84
CA PRO A 457 13.53 31.65 18.63
C PRO A 457 12.45 32.68 18.41
N LEU A 458 11.18 32.30 18.58
CA LEU A 458 10.09 33.26 18.44
C LEU A 458 10.13 34.29 19.56
N TYR A 459 10.28 33.83 20.80
CA TYR A 459 10.11 34.74 21.93
C TYR A 459 11.34 35.59 22.21
N GLU A 460 12.51 35.23 21.68
CA GLU A 460 13.59 36.20 21.75
C GLU A 460 13.33 37.40 20.82
N GLU A 461 12.34 37.31 19.95
CA GLU A 461 11.82 38.47 19.21
C GLU A 461 10.68 39.17 19.93
N VAL A 462 10.32 38.72 21.13
CA VAL A 462 9.19 39.26 21.89
C VAL A 462 9.64 39.86 23.21
N VAL A 463 10.41 39.08 24.00
CA VAL A 463 10.83 39.52 25.32
C VAL A 463 11.82 40.67 25.21
N GLY A 464 11.71 41.63 26.12
CA GLY A 464 12.72 42.66 26.24
C GLY A 464 12.28 43.97 25.63
N ARG A 465 12.82 45.07 26.18
CA ARG A 465 12.44 46.40 25.75
C ARG A 465 12.87 46.71 24.33
N GLY A 466 13.80 45.95 23.76
CA GLY A 466 14.15 46.08 22.37
C GLY A 466 13.27 45.31 21.42
N LYS A 467 12.30 44.56 21.94
CA LYS A 467 11.40 43.78 21.09
C LYS A 467 9.99 44.26 21.38
N LEU A 468 9.09 43.36 21.79
CA LEU A 468 7.73 43.74 22.14
C LEU A 468 7.55 44.04 23.63
N ASP A 469 8.59 43.78 24.44
CA ASP A 469 8.55 44.04 25.87
C ASP A 469 7.36 43.35 26.54
N ARG A 470 7.19 42.08 26.20
CA ARG A 470 6.21 41.24 26.86
C ARG A 470 6.90 40.00 27.40
N PRO A 471 6.61 39.59 28.62
CA PRO A 471 7.31 38.45 29.23
C PRO A 471 6.83 37.13 28.66
N CYS A 472 7.72 36.13 28.75
CA CYS A 472 7.41 34.78 28.33
C CYS A 472 7.87 33.81 29.40
N ARG A 473 7.01 32.86 29.75
CA ARG A 473 7.38 31.80 30.69
C ARG A 473 7.61 30.52 29.91
N ILE A 474 8.74 29.87 30.17
CA ILE A 474 9.13 28.65 29.46
C ILE A 474 8.71 27.44 30.29
N TYR A 475 7.93 26.56 29.66
CA TYR A 475 7.55 25.30 30.28
C TYR A 475 8.73 24.33 30.12
N ALA A 476 9.27 23.88 31.25
CA ALA A 476 10.56 23.20 31.28
C ALA A 476 10.38 21.77 31.76
N PRO A 477 10.42 20.79 30.87
CA PRO A 477 10.30 19.39 31.32
C PRO A 477 11.58 18.97 32.01
N VAL A 478 11.42 18.18 33.07
CA VAL A 478 12.54 17.72 33.88
C VAL A 478 12.44 16.21 34.00
N GLY A 479 13.53 15.52 33.71
CA GLY A 479 13.52 14.07 33.80
C GLY A 479 14.67 13.47 33.03
N THR A 480 14.90 12.19 33.30
CA THR A 480 15.92 11.45 32.55
C THR A 480 15.45 11.20 31.12
N HIS A 481 16.41 10.85 30.26
CA HIS A 481 16.09 10.55 28.87
C HIS A 481 15.00 9.50 28.75
N GLU A 482 15.03 8.49 29.62
CA GLU A 482 14.02 7.43 29.59
C GLU A 482 12.61 8.01 29.71
N THR A 483 12.41 8.89 30.70
CA THR A 483 11.08 9.46 30.94
C THR A 483 10.69 10.49 29.87
N LEU A 484 11.65 11.00 29.11
CA LEU A 484 11.38 12.07 28.17
C LEU A 484 10.73 11.61 26.87
N LEU A 485 10.68 10.29 26.62
CA LEU A 485 10.33 9.79 25.30
C LEU A 485 8.88 10.13 24.92
N ALA A 486 7.93 9.87 25.81
CA ALA A 486 6.52 10.08 25.47
C ALA A 486 6.24 11.55 25.19
N TYR A 487 6.81 12.45 25.99
CA TYR A 487 6.69 13.88 25.73
C TYR A 487 7.34 14.26 24.40
N LEU A 488 8.55 13.73 24.15
CA LEU A 488 9.27 14.07 22.93
C LEU A 488 8.49 13.66 21.68
N VAL A 489 7.85 12.49 21.71
CA VAL A 489 7.10 12.03 20.55
C VAL A 489 5.97 13.00 20.24
N ARG A 490 5.24 13.43 21.28
CA ARG A 490 4.12 14.34 21.07
C ARG A 490 4.59 15.66 20.46
N ARG A 491 5.68 16.21 20.98
CA ARG A 491 6.17 17.50 20.48
C ARG A 491 6.57 17.41 19.02
N LEU A 492 7.31 16.36 18.67
CA LEU A 492 7.78 16.20 17.29
C LEU A 492 6.62 15.89 16.34
N LEU A 493 5.69 15.03 16.77
CA LEU A 493 4.51 14.75 15.96
C LEU A 493 3.71 16.02 15.72
N GLU A 494 3.50 16.81 16.78
CA GLU A 494 2.84 18.10 16.67
C GLU A 494 3.57 19.01 15.68
N ASN A 495 4.90 19.09 15.80
CA ASN A 495 5.64 20.05 15.00
C ASN A 495 5.62 19.70 13.52
N GLY A 496 5.51 18.43 13.18
CA GLY A 496 5.43 17.97 11.80
C GLY A 496 4.01 17.83 11.27
N ALA A 497 3.01 18.26 12.03
CA ALA A 497 1.63 18.09 11.61
C ALA A 497 1.30 19.01 10.44
N ASN A 498 0.43 18.50 9.56
CA ASN A 498 -0.02 19.23 8.38
C ASN A 498 -0.36 20.68 8.68
N SER A 499 -1.17 20.90 9.71
CA SER A 499 -1.70 22.22 10.05
C SER A 499 -0.85 22.99 11.04
N SER A 500 0.28 22.43 11.49
CA SER A 500 1.08 23.03 12.54
C SER A 500 1.78 24.30 12.04
N PHE A 501 1.76 25.35 12.86
CA PHE A 501 2.50 26.57 12.55
C PHE A 501 3.98 26.27 12.37
N VAL A 502 4.52 25.37 13.18
CA VAL A 502 5.94 25.05 13.08
C VAL A 502 6.25 24.36 11.76
N HIS A 503 5.42 23.38 11.37
CA HIS A 503 5.63 22.73 10.09
C HIS A 503 5.47 23.70 8.93
N ARG A 504 4.56 24.65 9.05
CA ARG A 504 4.31 25.55 7.93
C ARG A 504 5.39 26.63 7.83
N ILE A 505 5.92 27.10 8.96
CA ILE A 505 6.96 28.12 8.88
C ILE A 505 8.27 27.54 8.37
N ASN A 506 8.48 26.23 8.51
CA ASN A 506 9.63 25.58 7.92
C ASN A 506 9.40 25.17 6.47
N ASP A 507 8.15 25.08 6.04
CA ASP A 507 7.79 24.70 4.69
C ASP A 507 8.01 25.87 3.73
N PRO A 508 8.99 25.78 2.83
CA PRO A 508 9.25 26.91 1.92
C PRO A 508 8.12 27.17 0.95
N LYS A 509 7.28 26.18 0.65
CA LYS A 509 6.12 26.42 -0.20
C LYS A 509 5.01 27.17 0.52
N VAL A 510 5.19 27.50 1.79
CA VAL A 510 4.22 28.30 2.55
C VAL A 510 4.78 29.71 2.66
N SER A 511 4.05 30.68 2.13
CA SER A 511 4.47 32.07 2.15
C SER A 511 4.18 32.68 3.52
N ILE A 512 4.81 33.83 3.78
CA ILE A 512 4.51 34.56 5.00
C ILE A 512 3.09 35.10 4.95
N ASP A 513 2.61 35.48 3.76
CA ASP A 513 1.21 35.86 3.58
C ASP A 513 0.27 34.76 4.08
N GLU A 514 0.55 33.51 3.71
CA GLU A 514 -0.26 32.40 4.22
C GLU A 514 -0.11 32.27 5.73
N LEU A 515 1.08 32.54 6.26
CA LEU A 515 1.31 32.34 7.69
C LEU A 515 0.63 33.41 8.53
N ILE A 516 0.44 34.60 7.98
CA ILE A 516 -0.18 35.70 8.72
C ILE A 516 -1.67 35.83 8.40
N ALA A 517 -2.23 34.89 7.64
CA ALA A 517 -3.67 34.91 7.36
C ALA A 517 -4.45 34.81 8.66
N ASP A 518 -5.47 35.64 8.79
CA ASP A 518 -6.29 35.73 9.99
C ASP A 518 -7.32 34.60 10.03
N PRO A 519 -7.18 33.66 10.95
CA PRO A 519 -8.14 32.54 10.99
C PRO A 519 -9.57 33.01 11.21
N VAL A 520 -9.75 34.10 11.94
CA VAL A 520 -11.10 34.62 12.20
C VAL A 520 -11.78 35.00 10.89
N GLU A 521 -11.07 35.73 10.04
CA GLU A 521 -11.66 36.12 8.76
C GLU A 521 -11.75 34.96 7.79
N VAL A 522 -10.82 34.00 7.87
CA VAL A 522 -10.92 32.83 7.01
C VAL A 522 -12.15 31.99 7.37
N VAL A 523 -12.39 31.81 8.67
CA VAL A 523 -13.56 31.05 9.09
C VAL A 523 -14.85 31.78 8.72
N ARG A 524 -14.85 33.11 8.89
CA ARG A 524 -16.06 33.88 8.63
C ARG A 524 -16.53 33.73 7.19
N ALA A 525 -15.59 33.62 6.25
CA ALA A 525 -15.92 33.58 4.84
C ALA A 525 -16.14 32.18 4.31
N MET A 526 -16.06 31.15 5.14
CA MET A 526 -16.32 29.80 4.66
C MET A 526 -17.80 29.61 4.38
N PRO A 527 -18.15 28.68 3.48
CA PRO A 527 -19.57 28.50 3.11
C PRO A 527 -20.43 28.14 4.32
N VAL A 528 -20.07 27.06 4.99
CA VAL A 528 -20.70 26.66 6.24
C VAL A 528 -19.72 26.97 7.35
N VAL A 529 -20.00 28.03 8.11
CA VAL A 529 -19.14 28.38 9.23
C VAL A 529 -19.13 27.23 10.23
N GLY A 530 -17.94 26.77 10.59
CA GLY A 530 -17.81 25.71 11.57
C GLY A 530 -18.07 24.30 11.07
N ALA A 531 -18.08 24.06 9.76
CA ALA A 531 -18.31 22.71 9.28
C ALA A 531 -17.22 21.76 9.79
N LYS A 532 -17.63 20.56 10.17
CA LYS A 532 -16.70 19.51 10.54
C LYS A 532 -15.71 19.25 9.40
N HIS A 533 -14.50 18.85 9.76
CA HIS A 533 -13.51 18.37 8.79
C HIS A 533 -14.15 17.35 7.85
N ASP A 534 -13.92 17.54 6.54
CA ASP A 534 -14.53 16.65 5.55
C ASP A 534 -14.04 15.22 5.66
N ARG A 535 -12.81 14.99 6.11
CA ARG A 535 -12.21 13.67 6.09
C ARG A 535 -12.19 13.00 7.47
N ILE A 536 -12.99 13.48 8.42
CA ILE A 536 -13.09 12.85 9.73
C ILE A 536 -14.56 12.47 9.95
N ALA A 537 -14.81 11.18 10.14
CA ALA A 537 -16.17 10.70 10.30
C ALA A 537 -16.66 10.93 11.72
N LEU A 538 -17.91 11.39 11.84
CA LEU A 538 -18.58 11.32 13.12
C LEU A 538 -18.68 9.85 13.53
N PRO A 539 -18.69 9.57 14.84
CA PRO A 539 -18.74 8.15 15.26
C PRO A 539 -19.88 7.38 14.62
N ALA A 540 -21.06 8.02 14.47
CA ALA A 540 -22.19 7.34 13.85
C ALA A 540 -21.92 6.95 12.40
N GLU A 541 -20.95 7.59 11.74
CA GLU A 541 -20.76 7.43 10.31
C GLU A 541 -19.50 6.62 9.98
N LEU A 542 -18.99 5.85 10.95
CA LEU A 542 -17.76 5.09 10.73
C LEU A 542 -17.87 4.16 9.52
N PHE A 543 -19.06 3.66 9.26
CA PHE A 543 -19.23 2.67 8.20
C PHE A 543 -19.89 3.25 6.96
N GLY A 544 -20.04 4.58 6.91
CA GLY A 544 -20.57 5.21 5.71
C GLY A 544 -21.94 4.67 5.35
N ASP A 545 -22.12 4.36 4.07
CA ASP A 545 -23.41 3.94 3.55
C ASP A 545 -23.80 2.53 3.93
N ALA A 546 -22.87 1.73 4.44
CA ALA A 546 -23.18 0.34 4.74
C ALA A 546 -24.22 0.23 5.85
N ARG A 547 -24.01 0.96 6.95
CA ARG A 547 -24.94 0.89 8.07
C ARG A 547 -24.58 1.98 9.06
N THR A 548 -25.49 2.25 9.97
CA THR A 548 -25.29 3.23 11.02
C THR A 548 -24.61 2.57 12.21
N ASN A 549 -23.50 3.17 12.67
CA ASN A 549 -22.83 2.67 13.86
C ASN A 549 -23.75 2.79 15.06
N SER A 550 -23.69 1.81 15.95
CA SER A 550 -24.37 1.92 17.23
C SER A 550 -23.83 3.12 18.00
N ALA A 551 -24.65 3.68 18.87
CA ALA A 551 -24.27 4.83 19.68
C ALA A 551 -24.09 4.39 21.13
N GLY A 552 -23.06 4.92 21.77
CA GLY A 552 -22.82 4.68 23.18
C GLY A 552 -23.31 5.82 24.04
N LEU A 553 -22.80 5.84 25.27
CA LEU A 553 -23.19 6.86 26.24
C LEU A 553 -21.92 7.34 26.93
N ASP A 554 -21.86 8.64 27.22
CA ASP A 554 -20.67 9.24 27.80
C ASP A 554 -20.82 9.25 29.32
N LEU A 555 -20.15 8.32 30.01
CA LEU A 555 -20.28 8.26 31.46
C LEU A 555 -19.41 9.30 32.16
N SER A 556 -18.81 10.22 31.42
CA SER A 556 -18.19 11.39 32.02
C SER A 556 -19.08 12.62 31.96
N ASN A 557 -20.25 12.51 31.34
CA ASN A 557 -21.15 13.63 31.13
C ASN A 557 -22.20 13.63 32.25
N GLU A 558 -22.24 14.72 33.03
CA GLU A 558 -23.14 14.74 34.19
C GLU A 558 -24.60 14.68 33.79
N GLU A 559 -24.97 15.27 32.66
CA GLU A 559 -26.36 15.16 32.21
C GLU A 559 -26.67 13.71 31.89
N THR A 560 -25.76 13.03 31.20
CA THR A 560 -25.96 11.61 30.89
C THR A 560 -26.06 10.78 32.15
N LEU A 561 -25.19 11.06 33.13
CA LEU A 561 -25.22 10.29 34.37
C LEU A 561 -26.50 10.53 35.14
N ALA A 562 -26.98 11.77 35.16
CA ALA A 562 -28.23 12.06 35.86
C ALA A 562 -29.42 11.40 35.17
N SER A 563 -29.47 11.48 33.84
CA SER A 563 -30.55 10.82 33.11
C SER A 563 -30.46 9.30 33.26
N LEU A 564 -29.24 8.77 33.16
CA LEU A 564 -29.05 7.32 33.29
C LEU A 564 -29.42 6.85 34.69
N THR A 565 -29.06 7.63 35.72
CA THR A 565 -29.46 7.27 37.08
C THR A 565 -30.98 7.04 37.18
N GLU A 566 -31.76 7.97 36.62
CA GLU A 566 -33.21 7.83 36.67
C GLU A 566 -33.68 6.60 35.89
N ALA A 567 -33.16 6.41 34.69
CA ALA A 567 -33.63 5.29 33.86
C ALA A 567 -33.23 3.96 34.48
N LEU A 568 -32.06 3.90 35.11
CA LEU A 568 -31.60 2.67 35.74
C LEU A 568 -32.47 2.32 36.95
N ARG A 569 -32.72 3.31 37.81
CA ARG A 569 -33.65 3.10 38.92
C ARG A 569 -35.01 2.62 38.43
N GLU A 570 -35.52 3.25 37.37
CA GLU A 570 -36.82 2.84 36.84
C GLU A 570 -36.78 1.42 36.32
N SER A 571 -35.66 1.03 35.68
CA SER A 571 -35.54 -0.34 35.20
C SER A 571 -35.58 -1.35 36.33
N ALA A 572 -35.08 -0.98 37.51
CA ALA A 572 -35.08 -1.90 38.64
C ALA A 572 -36.45 -2.01 39.29
N ALA A 573 -37.36 -1.09 38.97
CA ALA A 573 -38.72 -1.17 39.48
C ALA A 573 -39.63 -2.02 38.61
N MET A 574 -39.15 -2.46 37.45
CA MET A 574 -39.98 -3.21 36.52
C MET A 574 -40.03 -4.68 36.90
N LYS A 575 -41.19 -5.29 36.64
CA LYS A 575 -41.43 -6.71 36.91
C LYS A 575 -41.03 -7.50 35.68
N TRP A 576 -39.72 -7.66 35.51
CA TRP A 576 -39.18 -8.42 34.38
C TRP A 576 -39.58 -9.89 34.47
N THR A 577 -40.02 -10.46 33.35
CA THR A 577 -40.33 -11.87 33.28
C THR A 577 -39.78 -12.47 31.99
N ALA A 578 -39.57 -13.79 32.03
CA ALA A 578 -39.24 -14.59 30.88
C ALA A 578 -40.12 -15.81 30.90
N LEU A 579 -40.80 -16.08 29.80
CA LEU A 579 -41.75 -17.17 29.69
C LEU A 579 -41.45 -17.97 28.44
N PRO A 580 -41.89 -19.23 28.39
CA PRO A 580 -41.83 -19.95 27.12
C PRO A 580 -42.80 -19.30 26.15
N GLN A 581 -42.27 -18.63 25.13
CA GLN A 581 -43.08 -17.90 24.16
C GLN A 581 -43.15 -18.75 22.90
N LEU A 582 -44.16 -19.61 22.84
CA LEU A 582 -44.36 -20.46 21.68
C LEU A 582 -45.12 -19.68 20.60
N ALA A 583 -45.18 -20.28 19.40
CA ALA A 583 -45.85 -19.61 18.29
C ALA A 583 -47.30 -19.34 18.63
N THR A 584 -47.91 -20.18 19.45
CA THR A 584 -49.32 -20.12 19.80
C THR A 584 -49.60 -19.21 20.99
N GLY A 585 -48.57 -18.66 21.63
CA GLY A 585 -48.71 -17.87 22.83
C GLY A 585 -47.84 -18.40 23.95
N PRO A 586 -47.86 -17.72 25.10
CA PRO A 586 -47.03 -18.16 26.22
C PRO A 586 -47.51 -19.49 26.76
N ALA A 587 -46.57 -20.31 27.21
CA ALA A 587 -46.87 -21.61 27.79
C ALA A 587 -46.61 -21.60 29.29
N ALA A 588 -47.28 -22.51 29.98
CA ALA A 588 -47.07 -22.63 31.42
C ALA A 588 -45.84 -23.49 31.69
N GLY A 589 -45.27 -23.31 32.87
CA GLY A 589 -44.12 -24.09 33.26
C GLY A 589 -43.75 -23.81 34.70
N GLU A 590 -42.59 -24.34 35.10
CA GLU A 590 -42.10 -24.10 36.45
C GLU A 590 -41.48 -22.70 36.52
N THR A 591 -41.85 -21.93 37.53
CA THR A 591 -41.42 -20.55 37.67
C THR A 591 -40.46 -20.42 38.86
N ARG A 592 -39.40 -19.65 38.67
CA ARG A 592 -38.51 -19.31 39.78
C ARG A 592 -38.05 -17.87 39.61
N THR A 593 -37.44 -17.34 40.68
CA THR A 593 -36.93 -15.99 40.63
C THR A 593 -35.54 -15.96 40.00
N VAL A 594 -35.20 -14.79 39.45
CA VAL A 594 -33.87 -14.51 38.92
C VAL A 594 -33.23 -13.53 39.88
N LEU A 595 -32.04 -13.87 40.38
CA LEU A 595 -31.38 -13.07 41.39
C LEU A 595 -30.16 -12.36 40.81
N ASN A 596 -29.87 -11.20 41.38
CA ASN A 596 -28.66 -10.45 41.04
C ASN A 596 -27.44 -11.22 41.52
N PRO A 597 -26.48 -11.57 40.65
CA PRO A 597 -25.31 -12.33 41.13
C PRO A 597 -24.46 -11.57 42.13
N GLY A 598 -24.57 -10.24 42.18
CA GLY A 598 -23.80 -9.47 43.12
C GLY A 598 -24.49 -9.24 44.44
N ASP A 599 -25.73 -9.69 44.55
CA ASP A 599 -26.50 -9.52 45.78
C ASP A 599 -27.78 -10.31 45.63
N HIS A 600 -27.79 -11.53 46.17
CA HIS A 600 -28.93 -12.43 45.98
C HIS A 600 -30.20 -11.90 46.63
N ARG A 601 -30.10 -10.88 47.48
CA ARG A 601 -31.30 -10.24 48.02
C ARG A 601 -32.04 -9.43 46.97
N ASP A 602 -31.38 -9.06 45.88
CA ASP A 602 -31.95 -8.21 44.85
C ASP A 602 -32.59 -9.11 43.81
N VAL A 603 -33.91 -9.26 43.90
CA VAL A 603 -34.65 -10.08 42.95
C VAL A 603 -34.89 -9.28 41.67
N VAL A 604 -34.41 -9.81 40.54
CA VAL A 604 -34.50 -9.07 39.29
C VAL A 604 -35.78 -9.38 38.53
N GLY A 605 -36.25 -10.62 38.60
CA GLY A 605 -37.42 -10.99 37.84
C GLY A 605 -37.80 -12.42 38.12
N SER A 606 -38.67 -12.94 37.26
CA SER A 606 -39.13 -14.31 37.37
C SER A 606 -39.04 -14.95 36.00
N VAL A 607 -38.62 -16.21 35.95
CA VAL A 607 -38.54 -16.95 34.71
C VAL A 607 -39.45 -18.17 34.82
N THR A 608 -40.25 -18.40 33.78
CA THR A 608 -41.00 -19.63 33.65
C THR A 608 -40.28 -20.50 32.63
N GLU A 609 -39.84 -21.67 33.04
CA GLU A 609 -38.97 -22.46 32.19
C GLU A 609 -39.77 -23.49 31.40
N THR A 610 -39.19 -23.93 30.29
CA THR A 610 -39.89 -24.71 29.27
C THR A 610 -39.86 -26.18 29.60
N SER A 611 -41.00 -26.84 29.53
CA SER A 611 -41.01 -28.29 29.64
C SER A 611 -40.40 -28.90 28.40
N GLU A 612 -39.84 -30.10 28.55
CA GLU A 612 -39.29 -30.77 27.38
C GLU A 612 -40.37 -31.03 26.34
N GLU A 613 -41.60 -31.28 26.78
CA GLU A 613 -42.70 -31.45 25.86
C GLU A 613 -42.92 -30.18 25.04
N ASP A 614 -42.93 -29.03 25.69
CA ASP A 614 -43.17 -27.79 24.95
C ASP A 614 -41.99 -27.42 24.05
N ALA A 615 -40.77 -27.80 24.44
CA ALA A 615 -39.64 -27.53 23.55
C ALA A 615 -39.77 -28.33 22.26
N ARG A 616 -40.15 -29.60 22.37
CA ARG A 616 -40.41 -30.39 21.16
C ARG A 616 -41.55 -29.80 20.36
N ARG A 617 -42.61 -29.33 21.06
CA ARG A 617 -43.73 -28.71 20.37
C ARG A 617 -43.28 -27.46 19.61
N ALA A 618 -42.42 -26.65 20.22
CA ALA A 618 -41.95 -25.43 19.59
C ALA A 618 -41.24 -25.73 18.27
N VAL A 619 -40.47 -26.81 18.22
CA VAL A 619 -39.76 -27.12 16.97
C VAL A 619 -40.75 -27.51 15.90
N ARG A 620 -41.80 -28.25 16.27
CA ARG A 620 -42.81 -28.60 15.29
C ARG A 620 -43.52 -27.36 14.77
N LEU A 621 -43.82 -26.41 15.67
CA LEU A 621 -44.46 -25.17 15.26
C LEU A 621 -43.56 -24.37 14.34
N ALA A 622 -42.26 -24.33 14.64
CA ALA A 622 -41.31 -23.66 13.76
C ALA A 622 -41.28 -24.31 12.39
N ALA A 623 -41.26 -25.64 12.35
CA ALA A 623 -41.28 -26.33 11.07
C ALA A 623 -42.52 -25.97 10.27
N ASP A 624 -43.69 -25.91 10.93
CA ASP A 624 -44.90 -25.57 10.19
C ASP A 624 -44.88 -24.12 9.73
N ALA A 625 -44.21 -23.24 10.48
CA ALA A 625 -44.13 -21.83 10.13
C ALA A 625 -43.00 -21.52 9.17
N ALA A 626 -42.10 -22.46 8.92
CA ALA A 626 -40.91 -22.17 8.13
C ALA A 626 -41.21 -21.65 6.72
N PRO A 627 -42.13 -22.24 5.95
CA PRO A 627 -42.38 -21.70 4.61
C PRO A 627 -42.84 -20.25 4.60
N ASP A 628 -43.69 -19.86 5.54
CA ASP A 628 -44.22 -18.51 5.54
C ASP A 628 -43.13 -17.49 5.84
N TRP A 629 -42.21 -17.81 6.77
CA TRP A 629 -41.13 -16.89 7.07
C TRP A 629 -40.13 -16.84 5.94
N ALA A 630 -39.83 -18.00 5.34
CA ALA A 630 -38.93 -18.03 4.19
C ALA A 630 -39.47 -17.18 3.05
N ALA A 631 -40.79 -17.07 2.92
CA ALA A 631 -41.38 -16.29 1.85
C ALA A 631 -41.33 -14.79 2.09
N VAL A 632 -40.99 -14.35 3.30
CA VAL A 632 -40.80 -12.91 3.54
C VAL A 632 -39.52 -12.50 2.81
N PRO A 633 -39.58 -11.57 1.88
CA PRO A 633 -38.40 -11.22 1.08
C PRO A 633 -37.24 -10.80 1.97
N PRO A 634 -36.01 -11.19 1.60
CA PRO A 634 -34.86 -10.86 2.46
C PRO A 634 -34.76 -9.40 2.87
N SER A 635 -35.08 -8.46 1.97
CA SER A 635 -35.01 -7.06 2.33
C SER A 635 -35.98 -6.72 3.45
N GLU A 636 -37.15 -7.36 3.47
CA GLU A 636 -38.10 -7.11 4.54
C GLU A 636 -37.69 -7.81 5.83
N ARG A 637 -37.07 -8.99 5.74
CA ARG A 637 -36.48 -9.58 6.94
C ARG A 637 -35.39 -8.69 7.50
N ALA A 638 -34.53 -8.14 6.63
CA ALA A 638 -33.52 -7.20 7.08
C ALA A 638 -34.13 -5.97 7.71
N ALA A 639 -35.27 -5.51 7.17
CA ALA A 639 -35.94 -4.34 7.73
C ALA A 639 -36.40 -4.59 9.16
N CYS A 640 -36.83 -5.82 9.45
CA CYS A 640 -37.14 -6.19 10.83
C CYS A 640 -35.92 -6.01 11.74
N LEU A 641 -34.77 -6.51 11.30
CA LEU A 641 -33.56 -6.37 12.10
C LEU A 641 -33.19 -4.91 12.32
N ASP A 642 -33.29 -4.09 11.26
CA ASP A 642 -32.96 -2.68 11.42
C ASP A 642 -33.93 -2.00 12.39
N ARG A 643 -35.20 -2.39 12.35
CA ARG A 643 -36.17 -1.82 13.29
C ARG A 643 -35.86 -2.26 14.72
N ALA A 644 -35.45 -3.51 14.88
CA ALA A 644 -35.09 -3.99 16.21
C ALA A 644 -33.87 -3.25 16.74
N ALA A 645 -32.90 -2.97 15.86
CA ALA A 645 -31.74 -2.19 16.28
C ALA A 645 -32.15 -0.80 16.75
N GLU A 646 -33.07 -0.16 16.03
CA GLU A 646 -33.54 1.15 16.45
C GLU A 646 -34.22 1.08 17.82
N LEU A 647 -35.03 0.05 18.03
CA LEU A 647 -35.70 -0.12 19.32
C LEU A 647 -34.69 -0.35 20.44
N MET A 648 -33.65 -1.15 20.18
CA MET A 648 -32.66 -1.40 21.20
C MET A 648 -31.85 -0.15 21.51
N GLN A 649 -31.54 0.63 20.48
CA GLN A 649 -30.81 1.88 20.72
C GLN A 649 -31.63 2.82 21.61
N ALA A 650 -32.91 2.97 21.28
CA ALA A 650 -33.77 3.87 22.06
C ALA A 650 -33.97 3.37 23.47
N ARG A 651 -34.02 2.06 23.65
CA ARG A 651 -34.23 1.46 24.95
C ARG A 651 -32.94 1.18 25.69
N MET A 652 -31.78 1.56 25.15
CA MET A 652 -30.50 1.23 25.77
C MET A 652 -30.45 1.48 27.26
N PRO A 653 -30.88 2.64 27.79
CA PRO A 653 -30.76 2.84 29.24
C PRO A 653 -31.48 1.79 30.06
N THR A 654 -32.69 1.42 29.66
CA THR A 654 -33.43 0.38 30.38
C THR A 654 -32.75 -0.97 30.20
N LEU A 655 -32.31 -1.28 28.98
CA LEU A 655 -31.57 -2.52 28.74
C LEU A 655 -30.31 -2.59 29.58
N LEU A 656 -29.60 -1.47 29.72
CA LEU A 656 -28.40 -1.43 30.58
C LEU A 656 -28.74 -1.85 31.99
N GLY A 657 -29.81 -1.26 32.54
CA GLY A 657 -30.17 -1.57 33.90
C GLY A 657 -30.44 -3.04 34.11
N LEU A 658 -31.12 -3.67 33.15
CA LEU A 658 -31.43 -5.09 33.29
C LEU A 658 -30.15 -5.93 33.23
N ILE A 659 -29.27 -5.62 32.27
CA ILE A 659 -28.04 -6.39 32.13
C ILE A 659 -27.16 -6.23 33.36
N ILE A 660 -27.08 -5.01 33.90
CA ILE A 660 -26.27 -4.76 35.08
C ILE A 660 -26.69 -5.68 36.23
N ARG A 661 -28.01 -5.76 36.49
CA ARG A 661 -28.46 -6.52 37.64
C ARG A 661 -28.60 -8.02 37.35
N GLU A 662 -28.97 -8.41 36.13
CA GLU A 662 -29.17 -9.83 35.88
C GLU A 662 -27.85 -10.57 35.66
N ALA A 663 -26.88 -9.92 35.02
CA ALA A 663 -25.67 -10.58 34.57
C ALA A 663 -24.43 -10.10 35.29
N GLY A 664 -24.57 -9.21 36.27
CA GLY A 664 -23.41 -8.77 37.03
C GLY A 664 -22.46 -7.90 36.26
N LYS A 665 -22.96 -7.16 35.28
CA LYS A 665 -22.14 -6.31 34.43
CA LYS A 665 -22.15 -6.31 34.43
C LYS A 665 -22.07 -4.88 34.98
N SER A 666 -20.92 -4.25 34.76
CA SER A 666 -20.82 -2.82 35.01
C SER A 666 -21.54 -2.06 33.90
N ALA A 667 -21.77 -0.78 34.15
CA ALA A 667 -22.46 0.05 33.16
C ALA A 667 -21.69 0.10 31.84
N LEU A 668 -20.37 0.30 31.90
CA LEU A 668 -19.56 0.30 30.69
C LEU A 668 -19.70 -1.02 29.94
N ASN A 669 -19.65 -2.13 30.67
CA ASN A 669 -19.77 -3.38 29.93
CA ASN A 669 -19.84 -3.47 30.08
C ASN A 669 -21.17 -3.56 29.36
N ALA A 670 -22.22 -3.08 30.04
CA ALA A 670 -23.57 -3.23 29.53
C ALA A 670 -23.79 -2.35 28.31
N ILE A 671 -23.20 -1.15 28.29
CA ILE A 671 -23.29 -0.29 27.12
C ILE A 671 -22.68 -1.00 25.92
N ALA A 672 -21.48 -1.55 26.09
CA ALA A 672 -20.83 -2.28 25.02
C ALA A 672 -21.68 -3.47 24.58
N GLU A 673 -22.32 -4.14 25.54
CA GLU A 673 -23.16 -5.29 25.22
C GLU A 673 -24.34 -4.89 24.33
N VAL A 674 -25.02 -3.79 24.67
CA VAL A 674 -26.18 -3.36 23.88
C VAL A 674 -25.73 -2.83 22.53
N ARG A 675 -24.60 -2.09 22.50
CA ARG A 675 -24.06 -1.65 21.23
C ARG A 675 -23.77 -2.84 20.32
N GLU A 676 -23.18 -3.91 20.87
CA GLU A 676 -22.87 -5.07 20.06
CA GLU A 676 -22.87 -5.08 20.07
C GLU A 676 -24.13 -5.71 19.51
N ALA A 677 -25.20 -5.75 20.29
CA ALA A 677 -26.47 -6.28 19.81
C ALA A 677 -26.98 -5.44 18.66
N ILE A 678 -26.94 -4.11 18.82
CA ILE A 678 -27.38 -3.21 17.74
C ILE A 678 -26.54 -3.43 16.49
N ASP A 679 -25.24 -3.57 16.67
CA ASP A 679 -24.34 -3.76 15.53
C ASP A 679 -24.59 -5.09 14.83
N PHE A 680 -24.81 -6.18 15.58
CA PHE A 680 -25.18 -7.45 14.95
C PHE A 680 -26.40 -7.28 14.08
N LEU A 681 -27.47 -6.67 14.62
CA LEU A 681 -28.72 -6.53 13.89
C LEU A 681 -28.49 -5.79 12.58
N ARG A 682 -27.81 -4.66 12.65
CA ARG A 682 -27.59 -3.84 11.46
C ARG A 682 -26.60 -4.49 10.50
N TYR A 683 -25.58 -5.18 11.02
CA TYR A 683 -24.62 -5.83 10.14
C TYR A 683 -25.25 -6.99 9.39
N TYR A 684 -25.99 -7.84 10.09
CA TYR A 684 -26.60 -8.96 9.38
C TYR A 684 -27.70 -8.47 8.45
N ALA A 685 -28.36 -7.37 8.79
CA ALA A 685 -29.34 -6.79 7.86
C ALA A 685 -28.63 -6.35 6.58
N GLU A 686 -27.52 -5.64 6.72
CA GLU A 686 -26.83 -5.14 5.52
C GLU A 686 -26.22 -6.30 4.74
N GLN A 687 -25.60 -7.26 5.43
CA GLN A 687 -25.06 -8.42 4.72
C GLN A 687 -26.16 -9.14 3.95
N THR A 688 -27.36 -9.20 4.51
CA THR A 688 -28.49 -9.80 3.80
C THR A 688 -28.81 -9.02 2.54
N ARG A 689 -28.90 -7.69 2.66
CA ARG A 689 -29.22 -6.85 1.51
C ARG A 689 -28.15 -6.99 0.43
N ARG A 690 -26.90 -7.26 0.83
CA ARG A 690 -25.84 -7.47 -0.14
C ARG A 690 -25.87 -8.85 -0.80
N THR A 691 -26.57 -9.85 -0.23
CA THR A 691 -26.30 -11.19 -0.74
C THR A 691 -27.53 -12.03 -1.08
N LEU A 692 -28.56 -12.04 -0.23
CA LEU A 692 -29.52 -13.14 -0.25
C LEU A 692 -30.56 -12.98 -1.35
N GLY A 693 -30.78 -14.05 -2.11
CA GLY A 693 -31.77 -14.09 -3.16
C GLY A 693 -32.60 -15.36 -3.08
N PRO A 694 -33.40 -15.61 -4.11
CA PRO A 694 -34.33 -16.75 -4.04
C PRO A 694 -33.64 -18.11 -3.98
N GLY A 695 -32.48 -18.25 -4.62
CA GLY A 695 -31.80 -19.53 -4.60
C GLY A 695 -31.03 -19.85 -3.34
N HIS A 696 -31.02 -18.96 -2.35
CA HIS A 696 -30.36 -19.22 -1.08
C HIS A 696 -31.43 -19.60 -0.07
N GLY A 697 -31.90 -20.84 -0.20
CA GLY A 697 -32.99 -21.33 0.61
C GLY A 697 -32.58 -21.54 2.05
N PRO A 698 -33.52 -21.30 2.96
CA PRO A 698 -33.22 -21.50 4.38
C PRO A 698 -33.01 -22.97 4.71
N LEU A 699 -32.28 -23.19 5.81
CA LEU A 699 -32.15 -24.55 6.33
C LEU A 699 -33.47 -25.07 6.87
N GLY A 700 -34.20 -24.21 7.59
CA GLY A 700 -35.37 -24.64 8.35
C GLY A 700 -35.22 -24.20 9.78
N PRO A 701 -35.93 -24.85 10.70
CA PRO A 701 -35.83 -24.45 12.11
C PRO A 701 -34.39 -24.53 12.62
N ILE A 702 -33.93 -23.42 13.18
CA ILE A 702 -32.58 -23.33 13.74
C ILE A 702 -32.71 -23.13 15.24
N VAL A 703 -31.98 -23.95 15.99
CA VAL A 703 -31.91 -23.86 17.44
C VAL A 703 -30.73 -22.97 17.79
N CYS A 704 -31.00 -21.87 18.48
CA CYS A 704 -29.97 -20.93 18.92
C CYS A 704 -29.81 -21.07 20.43
N ILE A 705 -28.64 -21.54 20.85
CA ILE A 705 -28.33 -21.78 22.24
C ILE A 705 -27.18 -20.84 22.59
N SER A 706 -27.38 -20.03 23.62
CA SER A 706 -26.51 -18.91 23.91
C SER A 706 -26.00 -18.96 25.34
N PRO A 707 -24.86 -18.33 25.60
CA PRO A 707 -24.26 -18.37 26.93
C PRO A 707 -24.76 -17.22 27.80
N TRP A 708 -24.47 -17.33 29.10
CA TRP A 708 -24.90 -16.31 30.04
C TRP A 708 -24.07 -15.02 29.93
N ASN A 709 -22.84 -15.10 29.43
CA ASN A 709 -21.89 -14.03 29.73
C ASN A 709 -22.03 -12.83 28.81
N PHE A 710 -22.58 -13.02 27.62
CA PHE A 710 -23.00 -11.92 26.76
C PHE A 710 -24.48 -12.15 26.49
N PRO A 711 -25.33 -11.90 27.49
CA PRO A 711 -26.71 -12.44 27.46
C PRO A 711 -27.64 -11.71 26.51
N LEU A 712 -27.24 -10.55 25.99
CA LEU A 712 -28.01 -9.91 24.94
C LEU A 712 -27.31 -9.95 23.60
N ALA A 713 -26.00 -9.71 23.57
CA ALA A 713 -25.29 -9.55 22.30
C ALA A 713 -25.21 -10.86 21.53
N ILE A 714 -24.65 -11.91 22.15
CA ILE A 714 -24.53 -13.17 21.42
C ILE A 714 -25.90 -13.79 21.20
N PHE A 715 -26.77 -13.66 22.19
CA PHE A 715 -28.15 -14.08 22.02
C PHE A 715 -28.78 -13.46 20.78
N THR A 716 -28.68 -12.12 20.66
CA THR A 716 -29.29 -11.42 19.53
C THR A 716 -28.58 -11.76 18.23
N GLY A 717 -27.26 -11.83 18.25
CA GLY A 717 -26.52 -12.08 17.03
C GLY A 717 -26.89 -13.39 16.38
N GLN A 718 -26.89 -14.49 17.15
CA GLN A 718 -27.25 -15.78 16.56
C GLN A 718 -28.66 -15.75 16.01
N ILE A 719 -29.61 -15.25 16.80
CA ILE A 719 -31.00 -15.26 16.37
C ILE A 719 -31.22 -14.38 15.15
N ALA A 720 -30.61 -13.18 15.15
CA ALA A 720 -30.79 -12.26 14.03
C ALA A 720 -30.28 -12.86 12.74
N ALA A 721 -29.09 -13.47 12.79
CA ALA A 721 -28.53 -14.09 11.60
C ALA A 721 -29.44 -15.20 11.09
N ALA A 722 -29.89 -16.08 11.98
CA ALA A 722 -30.74 -17.19 11.56
C ALA A 722 -32.04 -16.68 10.97
N LEU A 723 -32.66 -15.70 11.63
CA LEU A 723 -33.92 -15.13 11.15
C LEU A 723 -33.75 -14.49 9.78
N VAL A 724 -32.72 -13.66 9.63
CA VAL A 724 -32.64 -12.86 8.41
C VAL A 724 -32.28 -13.76 7.24
N ALA A 725 -31.60 -14.89 7.51
CA ALA A 725 -31.35 -15.89 6.49
C ALA A 725 -32.60 -16.67 6.09
N GLY A 726 -33.74 -16.42 6.73
CA GLY A 726 -34.98 -17.04 6.33
C GLY A 726 -35.43 -18.23 7.17
N ASN A 727 -34.81 -18.46 8.32
CA ASN A 727 -35.08 -19.60 9.18
C ASN A 727 -35.88 -19.18 10.39
N PRO A 728 -36.92 -19.93 10.75
CA PRO A 728 -37.54 -19.69 12.07
C PRO A 728 -36.60 -20.19 13.16
N VAL A 729 -36.68 -19.54 14.32
CA VAL A 729 -35.68 -19.73 15.37
C VAL A 729 -36.34 -20.24 16.63
N LEU A 730 -35.68 -21.20 17.27
CA LEU A 730 -35.97 -21.58 18.65
C LEU A 730 -34.83 -21.03 19.49
N ALA A 731 -35.14 -20.06 20.35
CA ALA A 731 -34.12 -19.33 21.11
C ALA A 731 -34.06 -19.86 22.53
N LYS A 732 -32.94 -20.47 22.90
CA LYS A 732 -32.78 -21.07 24.21
C LYS A 732 -31.70 -20.30 24.96
N PRO A 733 -32.07 -19.32 25.79
CA PRO A 733 -31.06 -18.55 26.50
C PRO A 733 -30.49 -19.34 27.67
N ALA A 734 -29.29 -18.93 28.08
CA ALA A 734 -28.68 -19.50 29.28
C ALA A 734 -29.65 -19.41 30.44
N GLU A 735 -29.64 -20.43 31.30
CA GLU A 735 -30.56 -20.45 32.42
C GLU A 735 -30.32 -19.28 33.37
N GLU A 736 -29.09 -18.77 33.42
CA GLU A 736 -28.77 -17.71 34.36
C GLU A 736 -29.34 -16.36 33.94
N THR A 737 -29.55 -16.14 32.64
CA THR A 737 -29.86 -14.81 32.12
C THR A 737 -31.06 -14.82 31.17
N PRO A 738 -32.22 -15.30 31.62
CA PRO A 738 -33.38 -15.36 30.71
C PRO A 738 -34.09 -14.04 30.51
N LEU A 739 -33.97 -13.09 31.45
CA LEU A 739 -34.81 -11.90 31.40
C LEU A 739 -34.43 -10.99 30.23
N ILE A 740 -33.15 -10.69 30.08
CA ILE A 740 -32.72 -9.84 28.97
C ILE A 740 -32.99 -10.55 27.65
N ALA A 741 -32.91 -11.88 27.64
CA ALA A 741 -33.25 -12.63 26.44
C ALA A 741 -34.72 -12.43 26.06
N ALA A 742 -35.61 -12.54 27.05
CA ALA A 742 -37.03 -12.36 26.77
C ALA A 742 -37.30 -10.95 26.26
N GLU A 743 -36.56 -9.98 26.79
CA GLU A 743 -36.73 -8.61 26.33
C GLU A 743 -36.21 -8.45 24.91
N GLY A 744 -35.11 -9.13 24.58
CA GLY A 744 -34.63 -9.10 23.21
C GLY A 744 -35.63 -9.70 22.23
N VAL A 745 -36.26 -10.82 22.61
CA VAL A 745 -37.31 -11.42 21.77
C VAL A 745 -38.51 -10.50 21.66
N ARG A 746 -38.89 -9.86 22.77
CA ARG A 746 -40.02 -8.93 22.71
C ARG A 746 -39.74 -7.80 21.74
N ILE A 747 -38.50 -7.29 21.75
CA ILE A 747 -38.11 -6.22 20.84
C ILE A 747 -38.12 -6.71 19.38
N LEU A 748 -37.56 -7.89 19.14
CA LEU A 748 -37.57 -8.46 17.79
C LEU A 748 -39.00 -8.66 17.29
N ARG A 749 -39.88 -9.17 18.16
CA ARG A 749 -41.27 -9.33 17.74
C ARG A 749 -41.92 -7.97 17.49
N GLU A 750 -41.64 -6.97 18.34
CA GLU A 750 -42.19 -5.64 18.09
C GLU A 750 -41.70 -5.09 16.76
N ALA A 751 -40.46 -5.41 16.39
CA ALA A 751 -39.87 -4.98 15.12
C ALA A 751 -40.48 -5.67 13.90
N GLY A 752 -41.34 -6.67 14.09
CA GLY A 752 -42.00 -7.33 12.98
C GLY A 752 -41.69 -8.81 12.83
N ILE A 753 -40.77 -9.39 13.59
CA ILE A 753 -40.56 -10.83 13.50
C ILE A 753 -41.82 -11.54 13.99
N PRO A 754 -42.43 -12.40 13.18
CA PRO A 754 -43.66 -13.08 13.61
C PRO A 754 -43.38 -13.99 14.80
N ALA A 755 -44.41 -14.17 15.64
CA ALA A 755 -44.24 -15.04 16.80
C ALA A 755 -43.90 -16.46 16.38
N SER A 756 -44.42 -16.90 15.24
CA SER A 756 -44.11 -18.24 14.76
C SER A 756 -42.66 -18.36 14.28
N ALA A 757 -42.03 -17.24 13.92
CA ALA A 757 -40.66 -17.26 13.45
C ALA A 757 -39.64 -17.16 14.57
N LEU A 758 -40.05 -16.70 15.75
CA LEU A 758 -39.10 -16.53 16.85
C LEU A 758 -39.79 -16.94 18.15
N GLN A 759 -39.47 -18.12 18.64
CA GLN A 759 -40.00 -18.63 19.89
C GLN A 759 -38.91 -18.65 20.93
N LEU A 760 -39.26 -18.26 22.15
CA LEU A 760 -38.33 -18.20 23.27
C LEU A 760 -38.60 -19.37 24.21
N LEU A 761 -37.57 -20.15 24.52
CA LEU A 761 -37.70 -21.34 25.37
C LEU A 761 -36.71 -21.22 26.52
N PRO A 762 -37.08 -20.54 27.60
CA PRO A 762 -36.18 -20.46 28.76
C PRO A 762 -35.98 -21.82 29.40
N GLY A 763 -34.84 -21.96 30.07
CA GLY A 763 -34.58 -23.16 30.82
C GLY A 763 -33.11 -23.54 30.73
N ASP A 764 -32.81 -24.72 31.27
CA ASP A 764 -31.43 -25.15 31.44
C ASP A 764 -30.99 -26.00 30.25
N GLY A 765 -29.91 -26.77 30.43
CA GLY A 765 -29.37 -27.53 29.31
C GLY A 765 -30.30 -28.62 28.81
N ARG A 766 -31.20 -29.11 29.66
CA ARG A 766 -32.17 -30.11 29.22
C ARG A 766 -33.12 -29.53 28.16
N VAL A 767 -33.42 -28.24 28.25
CA VAL A 767 -34.22 -27.61 27.21
C VAL A 767 -33.41 -27.47 25.94
N GLY A 768 -32.14 -27.04 26.07
CA GLY A 768 -31.28 -27.00 24.91
C GLY A 768 -31.18 -28.34 24.23
N ALA A 769 -31.04 -29.41 25.02
CA ALA A 769 -30.84 -30.74 24.46
C ALA A 769 -32.12 -31.23 23.79
N ALA A 770 -33.27 -30.93 24.38
CA ALA A 770 -34.54 -31.34 23.78
C ALA A 770 -34.73 -30.66 22.43
N LEU A 771 -34.31 -29.40 22.31
CA LEU A 771 -34.39 -28.68 21.05
C LEU A 771 -33.44 -29.27 20.01
N VAL A 772 -32.19 -29.52 20.42
CA VAL A 772 -31.20 -30.09 19.51
C VAL A 772 -31.70 -31.41 18.94
N ALA A 773 -32.26 -32.27 19.81
CA ALA A 773 -32.67 -33.61 19.42
C ALA A 773 -33.96 -33.64 18.61
N ALA A 774 -34.66 -32.51 18.49
CA ALA A 774 -35.96 -32.53 17.85
C ALA A 774 -35.85 -32.83 16.36
N ALA A 775 -36.77 -33.66 15.86
CA ALA A 775 -36.61 -34.22 14.52
C ALA A 775 -36.50 -33.13 13.46
N GLU A 776 -37.24 -32.04 13.62
CA GLU A 776 -37.30 -31.00 12.60
C GLU A 776 -36.19 -29.94 12.74
N THR A 777 -35.27 -30.11 13.69
CA THR A 777 -34.17 -29.16 13.85
C THR A 777 -33.23 -29.26 12.66
N ALA A 778 -33.04 -28.14 11.94
CA ALA A 778 -32.31 -28.13 10.69
C ALA A 778 -30.93 -27.51 10.82
N GLY A 779 -30.61 -26.92 11.96
CA GLY A 779 -29.33 -26.32 12.18
C GLY A 779 -29.25 -25.88 13.63
N VAL A 780 -28.03 -25.83 14.18
CA VAL A 780 -27.81 -25.43 15.55
C VAL A 780 -26.72 -24.36 15.58
N MET A 781 -27.01 -23.26 16.26
CA MET A 781 -26.02 -22.22 16.53
C MET A 781 -25.78 -22.23 18.03
N PHE A 782 -24.55 -22.57 18.41
CA PHE A 782 -24.17 -22.76 19.80
C PHE A 782 -22.98 -21.86 20.13
N THR A 783 -23.11 -21.11 21.21
CA THR A 783 -21.98 -20.43 21.81
C THR A 783 -21.98 -20.81 23.29
N GLY A 784 -20.84 -21.29 23.77
CA GLY A 784 -20.76 -21.81 25.12
C GLY A 784 -19.48 -22.60 25.30
N SER A 785 -19.46 -23.46 26.33
CA SER A 785 -18.28 -24.25 26.62
C SER A 785 -18.02 -25.31 25.54
N THR A 786 -16.74 -25.63 25.36
CA THR A 786 -16.36 -26.68 24.40
C THR A 786 -16.99 -28.02 24.75
N GLU A 787 -17.12 -28.34 26.05
CA GLU A 787 -17.63 -29.65 26.44
C GLU A 787 -19.10 -29.80 26.11
N VAL A 788 -19.89 -28.74 26.27
CA VAL A 788 -21.29 -28.82 25.86
C VAL A 788 -21.40 -28.87 24.35
N ALA A 789 -20.61 -28.07 23.64
CA ALA A 789 -20.58 -28.16 22.18
C ALA A 789 -20.28 -29.58 21.72
N ARG A 790 -19.38 -30.28 22.41
CA ARG A 790 -19.04 -31.65 22.05
C ARG A 790 -20.23 -32.58 22.26
N LEU A 791 -21.03 -32.33 23.29
CA LEU A 791 -22.24 -33.13 23.49
C LEU A 791 -23.25 -32.87 22.38
N ILE A 792 -23.40 -31.61 21.97
CA ILE A 792 -24.31 -31.31 20.87
C ILE A 792 -23.82 -31.95 19.57
N GLN A 793 -22.51 -31.86 19.30
CA GLN A 793 -21.92 -32.50 18.13
C GLN A 793 -22.25 -33.99 18.11
N ALA A 794 -22.13 -34.66 19.26
CA ALA A 794 -22.41 -36.09 19.33
C ALA A 794 -23.87 -36.38 19.03
N GLN A 795 -24.78 -35.55 19.55
CA GLN A 795 -26.21 -35.79 19.29
C GLN A 795 -26.54 -35.58 17.83
N LEU A 796 -25.89 -34.59 17.20
CA LEU A 796 -26.10 -34.33 15.78
C LEU A 796 -25.44 -35.37 14.88
N ALA A 797 -24.48 -36.14 15.39
CA ALA A 797 -23.72 -37.05 14.54
C ALA A 797 -24.58 -38.18 13.97
N ASP A 798 -25.69 -38.53 14.62
CA ASP A 798 -26.59 -39.57 14.13
C ASP A 798 -27.79 -38.99 13.40
N ARG A 799 -27.69 -37.74 12.94
CA ARG A 799 -28.79 -37.05 12.29
C ARG A 799 -28.39 -36.64 10.89
N LEU A 800 -29.35 -36.66 9.96
CA LEU A 800 -29.20 -36.07 8.64
C LEU A 800 -30.43 -35.24 8.32
N SER A 801 -30.24 -34.25 7.44
CA SER A 801 -31.34 -33.46 6.94
C SER A 801 -32.21 -34.33 6.03
N PRO A 802 -33.42 -33.89 5.69
CA PRO A 802 -34.20 -34.61 4.68
C PRO A 802 -33.43 -34.82 3.38
N ALA A 803 -32.54 -33.90 3.03
CA ALA A 803 -31.67 -34.04 1.87
C ALA A 803 -30.51 -35.00 2.11
N GLY A 804 -30.46 -35.64 3.28
CA GLY A 804 -29.41 -36.60 3.56
C GLY A 804 -28.04 -36.00 3.83
N ARG A 805 -27.98 -34.79 4.38
CA ARG A 805 -26.72 -34.10 4.65
C ARG A 805 -26.61 -33.78 6.14
N PRO A 806 -25.38 -33.59 6.65
CA PRO A 806 -25.22 -33.27 8.07
C PRO A 806 -25.97 -32.00 8.45
N ILE A 807 -26.46 -31.98 9.69
CA ILE A 807 -27.12 -30.81 10.26
C ILE A 807 -26.06 -29.78 10.61
N PRO A 808 -26.07 -28.60 10.00
CA PRO A 808 -25.01 -27.63 10.26
C PRO A 808 -24.97 -27.23 11.73
N LEU A 809 -23.76 -27.16 12.27
CA LEU A 809 -23.52 -26.71 13.63
C LEU A 809 -22.49 -25.59 13.58
N ILE A 810 -22.84 -24.44 14.14
CA ILE A 810 -21.87 -23.39 14.44
C ILE A 810 -21.64 -23.46 15.93
N ALA A 811 -20.43 -23.77 16.33
CA ALA A 811 -20.12 -24.00 17.74
C ALA A 811 -18.93 -23.13 18.07
N GLU A 812 -19.17 -22.03 18.78
CA GLU A 812 -18.13 -21.08 19.13
C GLU A 812 -17.87 -21.21 20.62
N THR A 813 -16.65 -21.60 20.98
CA THR A 813 -16.41 -22.17 22.31
C THR A 813 -15.26 -21.43 23.02
N GLY A 814 -14.62 -22.11 23.96
CA GLY A 814 -13.74 -21.45 24.90
C GLY A 814 -12.40 -21.02 24.31
N GLY A 815 -11.61 -20.32 25.14
CA GLY A 815 -10.28 -19.92 24.75
C GLY A 815 -9.30 -20.13 25.89
N GLN A 816 -8.03 -20.10 25.55
CA GLN A 816 -6.94 -20.10 26.54
C GLN A 816 -5.98 -19.01 26.09
N ASN A 817 -6.44 -17.77 26.19
CA ASN A 817 -5.90 -16.70 25.36
C ASN A 817 -4.64 -16.13 25.98
N ALA A 818 -3.62 -15.96 25.15
CA ALA A 818 -2.31 -15.48 25.56
C ALA A 818 -2.06 -14.08 25.04
N MET A 819 -1.22 -13.36 25.78
CA MET A 819 -0.58 -12.14 25.31
C MET A 819 0.91 -12.25 25.51
N ILE A 820 1.68 -11.96 24.46
CA ILE A 820 3.15 -11.99 24.53
C ILE A 820 3.65 -10.55 24.56
N VAL A 821 4.52 -10.25 25.51
CA VAL A 821 5.04 -8.92 25.73
C VAL A 821 6.56 -8.99 25.70
N ASP A 822 7.18 -8.19 24.85
CA ASP A 822 8.64 -8.22 24.83
C ASP A 822 9.18 -6.96 25.49
N SER A 823 10.51 -6.84 25.51
CA SER A 823 11.16 -5.73 26.20
C SER A 823 11.04 -4.39 25.46
N SER A 824 10.44 -4.37 24.27
CA SER A 824 10.22 -3.11 23.58
C SER A 824 8.90 -2.45 23.93
N ALA A 825 8.01 -3.17 24.62
CA ALA A 825 6.68 -2.64 24.90
C ALA A 825 6.74 -1.63 26.04
N LEU A 826 5.74 -0.75 26.09
CA LEU A 826 5.65 0.25 27.14
C LEU A 826 4.88 -0.32 28.33
N ALA A 827 5.53 -0.43 29.48
CA ALA A 827 4.95 -1.12 30.62
C ALA A 827 3.55 -0.59 30.96
N GLU A 828 3.38 0.72 30.99
CA GLU A 828 2.10 1.30 31.38
C GLU A 828 0.98 0.92 30.42
N GLN A 829 1.28 0.91 29.12
CA GLN A 829 0.32 0.45 28.12
C GLN A 829 -0.03 -1.00 28.34
N VAL A 830 1.00 -1.85 28.50
CA VAL A 830 0.80 -3.28 28.76
C VAL A 830 -0.11 -3.47 29.96
N VAL A 831 0.22 -2.79 31.07
CA VAL A 831 -0.52 -3.03 32.31
C VAL A 831 -1.99 -2.67 32.14
N GLY A 832 -2.27 -1.52 31.51
CA GLY A 832 -3.64 -1.17 31.29
C GLY A 832 -4.36 -2.18 30.41
N ASP A 833 -3.70 -2.63 29.34
CA ASP A 833 -4.35 -3.59 28.47
C ASP A 833 -4.51 -4.95 29.14
N VAL A 834 -3.58 -5.31 30.02
CA VAL A 834 -3.66 -6.59 30.72
C VAL A 834 -4.76 -6.56 31.77
N ILE A 835 -4.82 -5.49 32.57
CA ILE A 835 -5.85 -5.38 33.58
C ILE A 835 -7.23 -5.41 32.93
N THR A 836 -7.39 -4.68 31.83
CA THR A 836 -8.66 -4.71 31.11
C THR A 836 -8.94 -6.09 30.54
N SER A 837 -7.96 -6.68 29.86
CA SER A 837 -8.24 -7.93 29.14
C SER A 837 -8.52 -9.07 30.10
N ALA A 838 -7.84 -9.08 31.25
CA ALA A 838 -7.96 -10.21 32.17
C ALA A 838 -9.15 -10.07 33.11
N PHE A 839 -9.47 -8.86 33.55
CA PHE A 839 -10.38 -8.71 34.67
C PHE A 839 -11.66 -7.96 34.34
N ASP A 840 -11.74 -7.31 33.19
CA ASP A 840 -13.02 -6.77 32.72
C ASP A 840 -14.07 -7.88 32.76
N SER A 841 -15.26 -7.53 33.26
CA SER A 841 -16.36 -8.49 33.43
C SER A 841 -15.95 -9.69 34.28
N ALA A 842 -15.03 -9.45 35.22
CA ALA A 842 -14.48 -10.51 36.06
C ALA A 842 -13.94 -11.68 35.23
N GLY A 843 -13.31 -11.36 34.11
CA GLY A 843 -12.72 -12.39 33.29
C GLY A 843 -13.74 -13.28 32.61
N GLN A 844 -15.01 -12.90 32.62
CA GLN A 844 -16.06 -13.72 32.03
C GLN A 844 -16.36 -13.29 30.59
N ARG A 845 -15.30 -13.09 29.84
CA ARG A 845 -15.35 -12.95 28.39
C ARG A 845 -14.63 -14.15 27.82
N CYS A 846 -15.17 -14.71 26.74
CA CYS A 846 -14.44 -15.79 26.08
C CYS A 846 -13.09 -15.30 25.56
N SER A 847 -13.00 -14.01 25.26
CA SER A 847 -11.79 -13.37 24.75
C SER A 847 -10.78 -13.00 25.84
N ALA A 848 -11.12 -13.20 27.11
CA ALA A 848 -10.31 -12.64 28.19
C ALA A 848 -8.89 -13.19 28.19
N LEU A 849 -7.96 -12.36 28.64
CA LEU A 849 -6.57 -12.75 28.73
C LEU A 849 -6.37 -13.76 29.86
N ARG A 850 -5.92 -14.97 29.52
CA ARG A 850 -5.68 -16.02 30.50
C ARG A 850 -4.21 -16.21 30.83
N VAL A 851 -3.30 -16.03 29.87
CA VAL A 851 -1.88 -16.28 30.06
C VAL A 851 -1.10 -15.09 29.54
N LEU A 852 -0.48 -14.34 30.45
CA LEU A 852 0.41 -13.24 30.08
C LEU A 852 1.83 -13.78 30.02
N CYS A 853 2.52 -13.54 28.92
CA CYS A 853 3.87 -14.07 28.69
C CYS A 853 4.82 -12.88 28.62
N LEU A 854 5.71 -12.77 29.60
CA LEU A 854 6.56 -11.61 29.77
C LEU A 854 8.01 -11.97 29.47
N GLN A 855 8.65 -11.20 28.60
CA GLN A 855 10.06 -11.45 28.36
C GLN A 855 10.84 -11.25 29.67
N GLU A 856 11.78 -12.17 29.93
CA GLU A 856 12.40 -12.27 31.24
C GLU A 856 12.96 -10.93 31.71
N ASP A 857 13.60 -10.17 30.80
CA ASP A 857 14.29 -8.95 31.20
C ASP A 857 13.36 -7.86 31.75
N VAL A 858 12.08 -7.86 31.39
CA VAL A 858 11.13 -6.85 31.85
C VAL A 858 10.05 -7.44 32.73
N ALA A 859 10.12 -8.74 33.04
CA ALA A 859 9.02 -9.42 33.73
C ALA A 859 8.82 -8.85 35.14
N ASP A 860 9.91 -8.66 35.89
CA ASP A 860 9.77 -8.19 37.27
C ASP A 860 9.12 -6.82 37.32
N ARG A 861 9.56 -5.89 36.47
CA ARG A 861 9.01 -4.55 36.50
C ARG A 861 7.54 -4.53 36.11
N ILE A 862 7.19 -5.26 35.05
CA ILE A 862 5.79 -5.28 34.64
C ILE A 862 4.92 -5.99 35.67
N LEU A 863 5.42 -7.11 36.23
CA LEU A 863 4.66 -7.81 37.27
C LEU A 863 4.41 -6.93 38.48
N THR A 864 5.42 -6.17 38.90
CA THR A 864 5.23 -5.25 40.02
C THR A 864 4.15 -4.24 39.70
N MET A 865 4.20 -3.65 38.51
CA MET A 865 3.19 -2.67 38.12
C MET A 865 1.82 -3.32 38.03
N LEU A 866 1.77 -4.54 37.50
CA LEU A 866 0.48 -5.22 37.34
C LEU A 866 -0.17 -5.50 38.69
N LYS A 867 0.61 -5.99 39.66
CA LYS A 867 0.06 -6.23 40.99
C LYS A 867 -0.40 -4.93 41.62
N GLY A 868 0.35 -3.85 41.45
CA GLY A 868 -0.09 -2.57 41.98
C GLY A 868 -1.41 -2.13 41.37
N ALA A 869 -1.56 -2.31 40.06
CA ALA A 869 -2.78 -1.90 39.38
C ALA A 869 -3.95 -2.79 39.77
N LEU A 870 -3.68 -4.08 39.98
CA LEU A 870 -4.70 -5.01 40.49
C LEU A 870 -5.39 -4.45 41.72
N HIS A 871 -4.60 -3.94 42.68
CA HIS A 871 -5.17 -3.51 43.94
C HIS A 871 -5.94 -2.19 43.86
N GLU A 872 -5.95 -1.54 42.70
CA GLU A 872 -6.75 -0.33 42.53
C GLU A 872 -8.14 -0.62 41.98
N LEU A 873 -8.47 -1.90 41.77
CA LEU A 873 -9.79 -2.26 41.24
C LEU A 873 -10.82 -2.31 42.35
N HIS A 874 -12.02 -1.81 42.05
CA HIS A 874 -13.13 -1.82 42.97
C HIS A 874 -14.08 -2.95 42.55
N ILE A 875 -14.27 -3.91 43.45
CA ILE A 875 -15.12 -5.07 43.18
C ILE A 875 -16.38 -4.93 44.02
N GLY A 876 -17.54 -5.08 43.40
CA GLY A 876 -18.76 -5.03 44.18
C GLY A 876 -19.99 -5.15 43.30
N ARG A 877 -21.14 -4.94 43.93
CA ARG A 877 -22.40 -4.92 43.19
C ARG A 877 -22.35 -3.82 42.14
N THR A 878 -22.82 -4.13 40.95
CA THR A 878 -22.44 -3.33 39.79
C THR A 878 -23.37 -2.14 39.52
N ASP A 879 -24.30 -1.86 40.42
CA ASP A 879 -25.16 -0.69 40.25
C ASP A 879 -24.51 0.58 40.80
N ARG A 880 -23.17 0.64 40.79
CA ARG A 880 -22.40 1.83 41.14
C ARG A 880 -21.38 2.06 40.04
N LEU A 881 -21.30 3.30 39.56
CA LEU A 881 -20.33 3.64 38.52
C LEU A 881 -18.91 3.34 38.96
N SER A 882 -18.64 3.42 40.26
CA SER A 882 -17.29 3.22 40.78
C SER A 882 -16.86 1.76 40.78
N VAL A 883 -17.74 0.83 40.47
CA VAL A 883 -17.36 -0.58 40.50
C VAL A 883 -16.71 -0.93 39.18
N ASP A 884 -15.52 -1.52 39.24
CA ASP A 884 -14.79 -1.94 38.06
C ASP A 884 -15.10 -3.38 37.67
N VAL A 885 -15.23 -4.25 38.66
CA VAL A 885 -15.32 -5.70 38.46
C VAL A 885 -16.50 -6.20 39.25
N GLY A 886 -17.43 -6.88 38.59
CA GLY A 886 -18.60 -7.37 39.26
C GLY A 886 -18.43 -8.81 39.72
N PRO A 887 -19.54 -9.45 40.05
CA PRO A 887 -19.49 -10.83 40.55
C PRO A 887 -19.30 -11.80 39.40
N VAL A 888 -19.01 -13.05 39.78
CA VAL A 888 -19.17 -14.16 38.85
C VAL A 888 -20.61 -14.65 38.90
N ILE A 889 -21.02 -15.38 37.86
CA ILE A 889 -22.46 -15.49 37.60
C ILE A 889 -23.17 -16.35 38.64
N THR A 890 -22.50 -17.37 39.20
CA THR A 890 -23.16 -18.28 40.12
C THR A 890 -22.20 -18.71 41.22
N SER A 891 -22.77 -19.31 42.27
CA SER A 891 -21.93 -19.92 43.29
C SER A 891 -21.16 -21.11 42.73
N GLU A 892 -21.73 -21.83 41.77
CA GLU A 892 -21.01 -22.92 41.13
C GLU A 892 -19.81 -22.41 40.34
N ALA A 893 -20.00 -21.31 39.61
CA ALA A 893 -18.86 -20.71 38.91
C ALA A 893 -17.79 -20.28 39.91
N LYS A 894 -18.20 -19.62 40.99
CA LYS A 894 -17.26 -19.21 42.04
C LYS A 894 -16.49 -20.41 42.58
N ASP A 895 -17.19 -21.49 42.90
CA ASP A 895 -16.52 -22.65 43.49
C ASP A 895 -15.52 -23.26 42.52
N ASN A 896 -15.90 -23.35 41.24
CA ASN A 896 -15.00 -23.88 40.22
C ASN A 896 -13.73 -23.04 40.12
N ILE A 897 -13.89 -21.72 40.06
CA ILE A 897 -12.74 -20.82 39.92
C ILE A 897 -11.86 -20.92 41.16
N GLU A 898 -12.47 -20.87 42.35
CA GLU A 898 -11.68 -20.89 43.58
C GLU A 898 -10.92 -22.20 43.75
N LYS A 899 -11.52 -23.32 43.31
CA LYS A 899 -10.80 -24.59 43.37
C LYS A 899 -9.55 -24.54 42.52
N HIS A 900 -9.63 -23.90 41.36
CA HIS A 900 -8.44 -23.79 40.51
C HIS A 900 -7.37 -22.95 41.18
N ILE A 901 -7.76 -21.83 41.78
CA ILE A 901 -6.81 -20.96 42.47
C ILE A 901 -6.12 -21.74 43.59
N GLU A 902 -6.90 -22.47 44.37
CA GLU A 902 -6.31 -23.18 45.51
C GLU A 902 -5.42 -24.33 45.07
N ARG A 903 -5.74 -25.00 43.95
CA ARG A 903 -4.82 -25.99 43.40
C ARG A 903 -3.49 -25.34 43.07
N MET A 904 -3.51 -24.26 42.29
CA MET A 904 -2.28 -23.53 41.97
C MET A 904 -1.53 -23.13 43.24
N ARG A 905 -2.24 -22.54 44.20
CA ARG A 905 -1.60 -22.14 45.45
C ARG A 905 -1.04 -23.35 46.19
N GLY A 906 -1.74 -24.48 46.13
CA GLY A 906 -1.24 -25.68 46.76
C GLY A 906 0.00 -26.23 46.09
N LEU A 907 0.19 -25.94 44.81
CA LEU A 907 1.40 -26.37 44.10
C LEU A 907 2.58 -25.44 44.34
N GLY A 908 2.41 -24.40 45.17
CA GLY A 908 3.47 -23.46 45.43
C GLY A 908 3.58 -22.30 44.46
N ARG A 909 2.62 -22.15 43.55
CA ARG A 909 2.63 -21.01 42.65
C ARG A 909 2.31 -19.72 43.42
N LYS A 910 2.95 -18.63 43.03
CA LYS A 910 2.71 -17.35 43.69
C LYS A 910 1.35 -16.81 43.27
N VAL A 911 0.52 -16.46 44.25
CA VAL A 911 -0.85 -16.02 44.02
C VAL A 911 -1.03 -14.64 44.62
N GLU A 912 -1.46 -13.68 43.81
CA GLU A 912 -1.80 -12.33 44.25
C GLU A 912 -3.31 -12.14 44.11
N GLN A 913 -3.96 -11.68 45.19
CA GLN A 913 -5.40 -11.43 45.14
C GLN A 913 -5.75 -10.11 45.82
N ILE A 914 -6.71 -9.39 45.25
CA ILE A 914 -7.29 -8.24 45.95
C ILE A 914 -8.13 -8.74 47.12
N GLY A 915 -8.14 -7.96 48.21
CA GLY A 915 -9.06 -8.24 49.29
C GLY A 915 -10.44 -7.72 48.96
N LEU A 916 -11.46 -8.53 49.22
CA LEU A 916 -12.82 -8.15 48.90
C LEU A 916 -13.49 -7.47 50.09
N ALA A 917 -14.41 -6.56 49.80
CA ALA A 917 -15.16 -5.91 50.86
C ALA A 917 -16.20 -6.87 51.43
N SER A 918 -16.53 -6.67 52.70
CA SER A 918 -17.53 -7.51 53.36
C SER A 918 -18.85 -7.52 52.59
N GLU A 919 -19.20 -6.42 51.94
CA GLU A 919 -20.46 -6.33 51.20
C GLU A 919 -20.56 -7.35 50.07
N THR A 920 -19.44 -7.91 49.62
CA THR A 920 -19.52 -8.94 48.58
C THR A 920 -20.13 -10.24 49.08
N GLY A 921 -20.24 -10.42 50.40
CA GLY A 921 -20.73 -11.68 50.92
C GLY A 921 -22.15 -12.03 50.50
N VAL A 922 -22.97 -11.02 50.19
CA VAL A 922 -24.34 -11.28 49.77
C VAL A 922 -24.45 -11.76 48.32
N GLY A 923 -23.35 -11.74 47.58
CA GLY A 923 -23.35 -12.23 46.21
C GLY A 923 -22.25 -13.25 45.99
N THR A 924 -21.89 -13.54 44.74
CA THR A 924 -20.89 -14.55 44.42
C THR A 924 -19.74 -13.87 43.69
N PHE A 925 -18.70 -13.51 44.43
CA PHE A 925 -17.55 -12.78 43.91
C PHE A 925 -16.28 -13.61 44.02
N VAL A 926 -15.43 -13.50 43.01
CA VAL A 926 -14.06 -14.01 43.05
C VAL A 926 -13.15 -12.81 42.89
N PRO A 927 -12.18 -12.60 43.77
CA PRO A 927 -11.30 -11.45 43.61
C PRO A 927 -10.41 -11.63 42.40
N PRO A 928 -10.17 -10.57 41.65
CA PRO A 928 -9.14 -10.61 40.61
C PRO A 928 -7.84 -11.16 41.15
N THR A 929 -7.24 -12.07 40.39
CA THR A 929 -6.19 -12.95 40.86
C THR A 929 -5.10 -13.03 39.80
N ILE A 930 -3.84 -12.99 40.24
CA ILE A 930 -2.68 -13.21 39.38
C ILE A 930 -1.95 -14.42 39.92
N ILE A 931 -1.65 -15.38 39.05
CA ILE A 931 -0.96 -16.62 39.40
C ILE A 931 0.28 -16.71 38.54
N GLU A 932 1.45 -16.84 39.17
CA GLU A 932 2.68 -16.97 38.41
C GLU A 932 2.96 -18.44 38.14
N LEU A 933 2.99 -18.80 36.86
CA LEU A 933 3.21 -20.18 36.48
C LEU A 933 4.67 -20.39 36.09
N GLU A 934 5.10 -21.66 36.17
CA GLU A 934 6.40 -22.06 35.68
C GLU A 934 6.36 -22.39 34.19
N LYS A 935 5.34 -23.15 33.77
CA LYS A 935 5.20 -23.58 32.39
C LYS A 935 3.74 -23.42 31.97
N LEU A 936 3.55 -23.19 30.67
CA LEU A 936 2.20 -23.05 30.14
C LEU A 936 1.40 -24.32 30.34
N SER A 937 2.07 -25.48 30.43
CA SER A 937 1.40 -26.75 30.67
C SER A 937 0.81 -26.86 32.08
N ASP A 938 1.09 -25.90 32.95
CA ASP A 938 0.39 -25.83 34.23
C ASP A 938 -1.11 -25.63 34.05
N LEU A 939 -1.55 -25.09 32.92
CA LEU A 939 -2.96 -24.90 32.62
C LEU A 939 -3.46 -26.05 31.76
N GLN A 940 -4.63 -26.59 32.10
CA GLN A 940 -5.20 -27.71 31.37
C GLN A 940 -6.55 -27.40 30.73
N ARG A 941 -7.29 -26.41 31.22
CA ARG A 941 -8.59 -26.07 30.67
C ARG A 941 -8.88 -24.60 30.97
N GLU A 942 -9.72 -24.01 30.14
CA GLU A 942 -10.18 -22.65 30.36
C GLU A 942 -10.75 -22.47 31.76
N VAL A 943 -10.29 -21.44 32.46
CA VAL A 943 -10.82 -21.07 33.77
C VAL A 943 -11.55 -19.75 33.60
N PHE A 944 -12.88 -19.81 33.61
CA PHE A 944 -13.72 -18.71 33.15
C PHE A 944 -14.01 -17.76 34.32
N GLY A 945 -12.98 -17.03 34.71
CA GLY A 945 -13.09 -16.12 35.83
C GLY A 945 -11.94 -15.14 35.82
N PRO A 946 -11.86 -14.30 36.86
CA PRO A 946 -10.87 -13.21 36.88
C PRO A 946 -9.51 -13.70 37.36
N VAL A 947 -8.87 -14.56 36.57
CA VAL A 947 -7.65 -15.24 36.97
C VAL A 947 -6.63 -15.13 35.85
N LEU A 948 -5.63 -14.30 36.06
CA LEU A 948 -4.56 -14.08 35.09
C LEU A 948 -3.37 -14.95 35.48
N HIS A 949 -2.88 -15.72 34.53
CA HIS A 949 -1.67 -16.52 34.76
C HIS A 949 -0.53 -15.84 34.05
N VAL A 950 0.66 -15.90 34.65
CA VAL A 950 1.82 -15.17 34.16
C VAL A 950 2.97 -16.13 33.98
N ILE A 951 3.57 -16.13 32.80
CA ILE A 951 4.77 -16.91 32.58
C ILE A 951 5.84 -15.99 31.99
N ARG A 952 7.09 -16.39 32.21
CA ARG A 952 8.25 -15.64 31.73
CA ARG A 952 8.24 -15.64 31.73
C ARG A 952 8.95 -16.45 30.64
N TYR A 953 9.56 -15.73 29.70
CA TYR A 953 10.27 -16.40 28.62
C TYR A 953 11.54 -15.64 28.26
N ARG A 954 12.56 -16.38 27.82
CA ARG A 954 13.77 -15.77 27.28
C ARG A 954 13.58 -15.49 25.79
N ARG A 955 14.16 -14.39 25.31
CA ARG A 955 13.85 -13.93 23.96
C ARG A 955 14.15 -15.00 22.92
N ASP A 956 15.26 -15.72 23.07
CA ASP A 956 15.57 -16.76 22.08
C ASP A 956 14.52 -17.88 22.06
N ASP A 957 13.70 -18.00 23.11
CA ASP A 957 12.67 -19.03 23.17
C ASP A 957 11.30 -18.54 22.71
N LEU A 958 11.24 -17.39 22.03
CA LEU A 958 9.96 -16.84 21.57
C LEU A 958 9.23 -17.84 20.67
N ASP A 959 9.94 -18.43 19.71
CA ASP A 959 9.27 -19.35 18.79
C ASP A 959 8.73 -20.57 19.53
N ARG A 960 9.49 -21.09 20.49
CA ARG A 960 8.99 -22.22 21.28
C ARG A 960 7.78 -21.80 22.10
N LEU A 961 7.79 -20.56 22.61
CA LEU A 961 6.64 -20.07 23.37
C LEU A 961 5.39 -20.02 22.53
N VAL A 962 5.50 -19.53 21.29
CA VAL A 962 4.36 -19.57 20.37
C VAL A 962 3.88 -21.01 20.18
N ASP A 963 4.82 -21.95 20.05
CA ASP A 963 4.45 -23.36 20.00
C ASP A 963 3.63 -23.76 21.22
N ASP A 964 4.11 -23.36 22.41
CA ASP A 964 3.41 -23.71 23.65
C ASP A 964 2.01 -23.12 23.69
N VAL A 965 1.85 -21.90 23.20
CA VAL A 965 0.52 -21.28 23.14
C VAL A 965 -0.38 -22.06 22.20
N ASN A 966 0.11 -22.37 20.99
CA ASN A 966 -0.68 -23.15 20.06
C ASN A 966 -1.01 -24.53 20.62
N ALA A 967 -0.11 -25.08 21.43
CA ALA A 967 -0.24 -26.47 21.86
C ALA A 967 -1.40 -26.72 22.81
N THR A 968 -1.97 -25.67 23.42
CA THR A 968 -3.18 -25.88 24.22
C THR A 968 -4.31 -26.46 23.40
N GLY A 969 -4.29 -26.24 22.08
CA GLY A 969 -5.38 -26.63 21.22
C GLY A 969 -6.43 -25.56 21.01
N TYR A 970 -6.44 -24.53 21.83
CA TYR A 970 -7.34 -23.40 21.65
C TYR A 970 -6.80 -22.47 20.58
N GLY A 971 -7.61 -21.48 20.21
CA GLY A 971 -7.21 -20.53 19.19
C GLY A 971 -8.20 -19.40 19.02
N LEU A 972 -8.51 -18.70 20.12
CA LEU A 972 -9.54 -17.67 20.05
C LEU A 972 -8.90 -16.29 19.92
N THR A 973 -8.54 -15.65 21.03
CA THR A 973 -7.88 -14.36 20.94
C THR A 973 -6.42 -14.48 21.32
N PHE A 974 -5.62 -13.55 20.82
CA PHE A 974 -4.19 -13.52 21.09
C PHE A 974 -3.71 -12.09 20.98
N GLY A 975 -2.86 -11.68 21.91
CA GLY A 975 -2.31 -10.34 21.91
C GLY A 975 -0.79 -10.32 21.82
N LEU A 976 -0.26 -9.28 21.18
CA LEU A 976 1.18 -9.07 21.12
C LEU A 976 1.46 -7.60 21.36
N HIS A 977 2.35 -7.32 22.33
CA HIS A 977 2.85 -5.98 22.60
C HIS A 977 4.33 -5.95 22.23
N THR A 978 4.64 -5.22 21.17
CA THR A 978 6.00 -5.04 20.71
C THR A 978 6.00 -3.84 19.79
N ARG A 979 7.15 -3.20 19.68
CA ARG A 979 7.35 -2.17 18.68
C ARG A 979 8.11 -2.69 17.46
N LEU A 980 8.51 -3.96 17.45
CA LEU A 980 9.51 -4.44 16.51
C LEU A 980 8.86 -5.24 15.38
N ASP A 981 9.04 -4.78 14.14
CA ASP A 981 8.41 -5.44 12.99
C ASP A 981 8.82 -6.90 12.86
N GLU A 982 10.08 -7.23 13.15
CA GLU A 982 10.50 -8.61 13.00
C GLU A 982 9.73 -9.50 13.96
N THR A 983 9.48 -9.00 15.16
CA THR A 983 8.73 -9.79 16.14
C THR A 983 7.26 -9.89 15.75
N ILE A 984 6.68 -8.80 15.23
CA ILE A 984 5.29 -8.86 14.74
C ILE A 984 5.18 -9.89 13.64
N ALA A 985 6.09 -9.86 12.67
CA ALA A 985 5.99 -10.77 11.53
C ALA A 985 6.16 -12.20 12.00
N HIS A 986 7.15 -12.45 12.85
CA HIS A 986 7.39 -13.78 13.39
C HIS A 986 6.16 -14.29 14.12
N VAL A 987 5.72 -13.57 15.14
CA VAL A 987 4.67 -14.07 16.01
C VAL A 987 3.35 -14.20 15.26
N THR A 988 2.96 -13.18 14.48
CA THR A 988 1.66 -13.27 13.82
C THR A 988 1.67 -14.34 12.73
N SER A 989 2.83 -14.69 12.18
CA SER A 989 2.86 -15.74 11.19
C SER A 989 2.78 -17.13 11.81
N ARG A 990 3.19 -17.27 13.07
CA ARG A 990 3.29 -18.59 13.71
C ARG A 990 2.13 -18.88 14.65
N ILE A 991 1.51 -17.85 15.23
CA ILE A 991 0.37 -18.08 16.12
C ILE A 991 -0.82 -18.57 15.29
N LYS A 992 -1.63 -19.43 15.90
CA LYS A 992 -2.83 -19.97 15.25
C LYS A 992 -4.05 -19.60 16.10
N ALA A 993 -4.60 -18.42 15.85
CA ALA A 993 -5.77 -17.97 16.58
C ALA A 993 -6.59 -17.10 15.64
N GLY A 994 -7.88 -16.97 15.95
CA GLY A 994 -8.80 -16.30 15.05
C GLY A 994 -8.82 -14.79 15.16
N ASN A 995 -8.44 -14.25 16.32
CA ASN A 995 -8.51 -12.81 16.55
C ASN A 995 -7.20 -12.37 17.17
N LEU A 996 -6.41 -11.62 16.41
CA LEU A 996 -5.13 -11.12 16.85
C LEU A 996 -5.23 -9.63 17.17
N TYR A 997 -4.45 -9.20 18.17
CA TYR A 997 -4.50 -7.80 18.60
C TYR A 997 -3.07 -7.36 18.86
N ILE A 998 -2.66 -6.27 18.24
CA ILE A 998 -1.29 -5.79 18.34
CA ILE A 998 -1.29 -5.79 18.36
C ILE A 998 -1.30 -4.45 19.08
N ASN A 999 -0.60 -4.42 20.23
CA ASN A 999 -0.42 -3.20 21.03
C ASN A 999 -1.75 -2.61 21.51
N ARG A 1000 -2.68 -3.49 21.90
CA ARG A 1000 -3.97 -3.06 22.44
C ARG A 1000 -4.51 -4.22 23.28
N ASN A 1001 -5.69 -4.01 23.88
CA ASN A 1001 -6.29 -5.12 24.61
C ASN A 1001 -6.79 -6.18 23.62
N ILE A 1002 -7.19 -7.33 24.15
CA ILE A 1002 -7.58 -8.46 23.29
C ILE A 1002 -9.08 -8.78 23.42
N ILE A 1003 -9.88 -7.83 23.88
CA ILE A 1003 -11.29 -8.12 24.09
C ILE A 1003 -12.16 -7.38 23.09
N GLY A 1004 -11.54 -6.89 22.02
CA GLY A 1004 -12.27 -6.27 20.94
C GLY A 1004 -12.96 -7.29 20.05
N ALA A 1005 -14.25 -7.09 19.83
CA ALA A 1005 -15.01 -7.88 18.89
C ALA A 1005 -16.00 -6.99 18.17
N VAL A 1006 -15.53 -5.85 17.67
CA VAL A 1006 -16.45 -4.92 17.02
C VAL A 1006 -17.00 -5.58 15.77
N VAL A 1007 -18.33 -5.68 15.71
CA VAL A 1007 -18.98 -6.35 14.58
C VAL A 1007 -18.55 -5.73 13.26
N GLY A 1008 -18.17 -6.58 12.30
CA GLY A 1008 -17.75 -6.12 10.98
C GLY A 1008 -16.42 -5.40 10.93
N VAL A 1009 -15.68 -5.36 12.04
CA VAL A 1009 -14.40 -4.66 12.15
C VAL A 1009 -13.36 -5.62 12.67
N GLN A 1010 -13.66 -6.29 13.79
CA GLN A 1010 -12.97 -7.52 14.20
C GLN A 1010 -14.01 -8.64 14.20
N PRO A 1011 -14.38 -9.16 13.02
CA PRO A 1011 -15.18 -10.39 12.98
C PRO A 1011 -14.57 -11.39 13.95
N PHE A 1012 -15.41 -12.02 14.76
CA PHE A 1012 -14.94 -12.66 15.96
C PHE A 1012 -15.19 -14.16 15.92
N GLY A 1013 -14.17 -14.93 16.26
CA GLY A 1013 -14.33 -16.38 16.31
C GLY A 1013 -13.01 -17.06 16.02
N GLY A 1014 -12.81 -18.20 16.64
CA GLY A 1014 -11.52 -18.85 16.61
C GLY A 1014 -11.54 -20.23 16.00
N ARG A 1015 -10.48 -21.00 16.25
CA ARG A 1015 -10.23 -22.28 15.62
C ARG A 1015 -9.88 -23.29 16.68
N GLY A 1016 -9.69 -24.55 16.25
CA GLY A 1016 -9.32 -25.58 17.20
C GLY A 1016 -10.42 -25.77 18.22
N LEU A 1017 -10.04 -25.85 19.50
CA LEU A 1017 -11.01 -26.02 20.57
C LEU A 1017 -11.88 -24.79 20.77
N SER A 1018 -11.62 -23.70 20.04
CA SER A 1018 -12.32 -22.44 20.24
C SER A 1018 -13.47 -22.23 19.28
N GLY A 1019 -13.62 -23.07 18.25
CA GLY A 1019 -14.70 -22.82 17.34
C GLY A 1019 -14.65 -23.59 16.04
N THR A 1020 -15.81 -23.71 15.40
CA THR A 1020 -15.92 -24.24 14.05
C THR A 1020 -15.86 -23.15 13.01
N GLY A 1021 -16.18 -21.92 13.39
CA GLY A 1021 -16.50 -20.91 12.42
C GLY A 1021 -17.81 -21.26 11.73
N PRO A 1022 -18.26 -20.41 10.80
CA PRO A 1022 -17.61 -19.14 10.45
C PRO A 1022 -17.76 -18.10 11.54
N LYS A 1023 -17.01 -17.00 11.43
CA LYS A 1023 -16.99 -15.97 12.45
C LYS A 1023 -18.32 -15.23 12.53
N ALA A 1024 -18.83 -15.07 13.75
CA ALA A 1024 -19.89 -14.10 14.00
C ALA A 1024 -19.39 -12.69 13.69
N GLY A 1025 -20.30 -11.84 13.23
CA GLY A 1025 -19.91 -10.50 12.86
C GLY A 1025 -19.00 -10.42 11.67
N GLY A 1026 -18.96 -11.48 10.84
CA GLY A 1026 -18.17 -11.50 9.64
C GLY A 1026 -19.01 -11.93 8.45
N PRO A 1027 -18.39 -11.87 7.27
CA PRO A 1027 -19.15 -11.97 6.01
C PRO A 1027 -19.46 -13.40 5.58
N LEU A 1028 -18.89 -14.42 6.22
CA LEU A 1028 -19.22 -15.79 5.90
C LEU A 1028 -20.36 -16.35 6.74
N TYR A 1029 -20.87 -15.59 7.71
CA TYR A 1029 -21.76 -16.15 8.73
C TYR A 1029 -23.11 -16.54 8.14
N LEU A 1030 -23.77 -15.62 7.44
CA LEU A 1030 -25.11 -15.90 6.93
C LEU A 1030 -25.11 -17.07 5.97
N GLY A 1031 -24.01 -17.26 5.24
CA GLY A 1031 -23.97 -18.30 4.24
C GLY A 1031 -24.02 -19.70 4.81
N ARG A 1032 -23.68 -19.86 6.10
CA ARG A 1032 -23.79 -21.14 6.76
C ARG A 1032 -25.23 -21.47 7.13
N LEU A 1033 -26.13 -20.49 7.05
CA LEU A 1033 -27.49 -20.63 7.53
C LEU A 1033 -28.48 -20.83 6.39
N VAL A 1034 -27.99 -21.12 5.19
CA VAL A 1034 -28.83 -21.38 4.03
C VAL A 1034 -28.28 -22.64 3.38
N THR A 1035 -29.10 -23.24 2.50
CA THR A 1035 -28.68 -24.48 1.89
C THR A 1035 -27.67 -24.26 0.76
N THR A 1036 -27.74 -23.12 0.07
CA THR A 1036 -26.75 -22.75 -0.95
C THR A 1036 -26.16 -21.41 -0.56
N ALA A 1037 -24.85 -21.40 -0.28
CA ALA A 1037 -24.24 -20.19 0.25
C ALA A 1037 -24.11 -19.13 -0.84
N PRO A 1038 -24.42 -17.88 -0.55
CA PRO A 1038 -24.18 -16.80 -1.52
C PRO A 1038 -22.70 -16.45 -1.53
N VAL A 1039 -22.32 -15.63 -2.51
CA VAL A 1039 -20.97 -15.06 -2.53
C VAL A 1039 -20.95 -13.84 -1.60
N PRO A 1040 -20.17 -13.86 -0.52
CA PRO A 1040 -20.13 -12.71 0.36
C PRO A 1040 -19.55 -11.49 -0.33
N PRO A 1041 -19.86 -10.30 0.15
CA PRO A 1041 -19.20 -9.10 -0.36
C PRO A 1041 -17.70 -9.23 -0.21
N GLN A 1042 -16.97 -8.75 -1.23
CA GLN A 1042 -15.52 -8.69 -1.29
C GLN A 1042 -14.84 -10.05 -1.19
N HIS A 1043 -15.58 -11.15 -1.35
CA HIS A 1043 -15.05 -12.50 -1.11
C HIS A 1043 -14.52 -13.07 -2.42
N SER A 1044 -13.22 -12.94 -2.65
CA SER A 1044 -12.55 -13.49 -3.83
C SER A 1044 -11.06 -13.40 -3.58
N SER A 1045 -10.29 -14.10 -4.39
CA SER A 1045 -8.85 -13.99 -4.30
C SER A 1045 -8.26 -14.24 -5.67
N VAL A 1046 -7.27 -13.43 -6.04
CA VAL A 1046 -6.59 -13.67 -7.31
C VAL A 1046 -5.47 -14.67 -7.18
N HIS A 1047 -5.21 -15.19 -5.99
CA HIS A 1047 -4.13 -16.13 -5.74
CA HIS A 1047 -4.12 -16.13 -5.82
C HIS A 1047 -4.61 -17.56 -5.96
N THR A 1048 -3.78 -18.38 -6.59
CA THR A 1048 -4.09 -19.79 -6.83
C THR A 1048 -3.08 -20.63 -6.07
N ASP A 1049 -3.57 -21.57 -5.29
CA ASP A 1049 -2.67 -22.42 -4.56
C ASP A 1049 -1.79 -23.20 -5.53
N PRO A 1050 -0.48 -23.22 -5.33
CA PRO A 1050 0.41 -23.88 -6.30
C PRO A 1050 0.37 -25.40 -6.21
N VAL A 1051 0.04 -25.93 -5.03
CA VAL A 1051 -0.08 -27.39 -4.94
C VAL A 1051 -1.35 -27.84 -5.66
N LEU A 1052 -2.42 -27.04 -5.52
CA LEU A 1052 -3.61 -27.28 -6.33
C LEU A 1052 -3.24 -27.32 -7.81
N LEU A 1053 -2.47 -26.34 -8.29
CA LEU A 1053 -2.07 -26.34 -9.70
C LEU A 1053 -1.28 -27.59 -10.06
N ASP A 1054 -0.32 -28.00 -9.21
CA ASP A 1054 0.43 -29.21 -9.49
C ASP A 1054 -0.48 -30.44 -9.54
N PHE A 1055 -1.46 -30.49 -8.65
CA PHE A 1055 -2.39 -31.61 -8.64
C PHE A 1055 -3.25 -31.62 -9.89
N ALA A 1056 -3.71 -30.45 -10.35
CA ALA A 1056 -4.50 -30.40 -11.59
C ALA A 1056 -3.69 -30.88 -12.78
N LYS A 1057 -2.40 -30.52 -12.84
CA LYS A 1057 -1.54 -31.04 -13.90
C LYS A 1057 -1.35 -32.55 -13.80
N TRP A 1058 -1.11 -33.05 -12.58
CA TRP A 1058 -1.03 -34.48 -12.37
C TRP A 1058 -2.30 -35.20 -12.83
N LEU A 1059 -3.47 -34.61 -12.55
CA LEU A 1059 -4.72 -35.22 -13.01
C LEU A 1059 -4.77 -35.29 -14.53
N ASP A 1060 -4.39 -34.20 -15.20
CA ASP A 1060 -4.40 -34.23 -16.66
C ASP A 1060 -3.43 -35.29 -17.19
N GLY A 1061 -2.28 -35.45 -16.52
CA GLY A 1061 -1.34 -36.49 -16.93
C GLY A 1061 -1.89 -37.89 -16.77
N LYS A 1062 -2.74 -38.11 -15.76
CA LYS A 1062 -3.39 -39.41 -15.56
C LYS A 1062 -4.62 -39.61 -16.44
N GLY A 1063 -5.01 -38.63 -17.25
CA GLY A 1063 -6.20 -38.73 -18.05
C GLY A 1063 -7.50 -38.37 -17.36
N ALA A 1064 -7.44 -37.92 -16.10
CA ALA A 1064 -8.63 -37.51 -15.35
C ALA A 1064 -8.97 -36.07 -15.75
N ARG A 1065 -9.40 -35.92 -17.00
CA ARG A 1065 -9.53 -34.59 -17.58
C ARG A 1065 -10.64 -33.78 -16.91
N ALA A 1066 -11.78 -34.41 -16.64
CA ALA A 1066 -12.86 -33.68 -15.98
C ALA A 1066 -12.44 -33.25 -14.58
N GLU A 1067 -11.76 -34.12 -13.84
CA GLU A 1067 -11.33 -33.76 -12.49
C GLU A 1067 -10.27 -32.67 -12.51
N ALA A 1068 -9.37 -32.69 -13.49
CA ALA A 1068 -8.38 -31.62 -13.62
C ALA A 1068 -9.05 -30.28 -13.88
N GLU A 1069 -10.09 -30.28 -14.73
CA GLU A 1069 -10.86 -29.06 -14.94
C GLU A 1069 -11.54 -28.61 -13.65
N ALA A 1070 -12.15 -29.54 -12.94
CA ALA A 1070 -12.77 -29.19 -11.65
C ALA A 1070 -11.73 -28.68 -10.68
N ALA A 1071 -10.52 -29.23 -10.75
CA ALA A 1071 -9.45 -28.77 -9.85
C ALA A 1071 -9.06 -27.33 -10.17
N ARG A 1072 -8.87 -27.02 -11.45
CA ARG A 1072 -8.57 -25.65 -11.84
C ARG A 1072 -9.69 -24.70 -11.43
N ASN A 1073 -10.94 -25.13 -11.58
CA ASN A 1073 -12.06 -24.28 -11.17
C ASN A 1073 -12.05 -24.03 -9.68
N ALA A 1074 -11.72 -25.06 -8.87
CA ALA A 1074 -11.63 -24.85 -7.43
C ALA A 1074 -10.50 -23.89 -7.10
N GLY A 1075 -9.37 -24.01 -7.80
CA GLY A 1075 -8.27 -23.08 -7.60
C GLY A 1075 -8.69 -21.63 -7.80
N SER A 1076 -9.51 -21.37 -8.81
CA SER A 1076 -9.99 -20.03 -9.08
C SER A 1076 -11.06 -19.61 -8.09
N SER A 1077 -11.98 -20.51 -7.76
CA SER A 1077 -13.09 -20.18 -6.87
C SER A 1077 -12.65 -19.96 -5.44
N SER A 1078 -11.58 -20.63 -5.01
CA SER A 1078 -11.08 -20.47 -3.66
C SER A 1078 -10.81 -19.00 -3.36
N ALA A 1079 -11.16 -18.57 -2.14
CA ALA A 1079 -10.83 -17.23 -1.69
C ALA A 1079 -9.62 -17.23 -0.77
N LEU A 1080 -8.89 -18.35 -0.71
CA LEU A 1080 -7.63 -18.38 0.01
C LEU A 1080 -6.75 -17.22 -0.44
N GLY A 1081 -6.22 -16.47 0.54
CA GLY A 1081 -5.38 -15.35 0.22
C GLY A 1081 -6.08 -14.01 0.22
N LEU A 1082 -7.41 -14.00 0.37
CA LEU A 1082 -8.13 -12.74 0.59
CA LEU A 1082 -8.12 -12.74 0.58
C LEU A 1082 -7.45 -11.97 1.72
N ASP A 1083 -7.25 -10.66 1.50
CA ASP A 1083 -6.50 -9.84 2.44
C ASP A 1083 -7.12 -8.44 2.40
N LEU A 1084 -7.98 -8.13 3.37
CA LEU A 1084 -8.77 -6.91 3.34
C LEU A 1084 -8.49 -6.07 4.56
N GLU A 1085 -8.61 -4.76 4.40
CA GLU A 1085 -8.69 -3.85 5.54
C GLU A 1085 -10.13 -3.38 5.66
N LEU A 1086 -10.69 -3.53 6.86
CA LEU A 1086 -12.09 -3.22 7.15
C LEU A 1086 -12.20 -1.82 7.71
N PRO A 1087 -13.23 -1.06 7.30
CA PRO A 1087 -13.41 0.29 7.84
C PRO A 1087 -13.59 0.25 9.34
N GLY A 1088 -12.98 1.21 10.02
CA GLY A 1088 -13.10 1.31 11.46
C GLY A 1088 -12.65 2.65 11.98
N PRO A 1089 -12.34 2.71 13.27
CA PRO A 1089 -11.93 3.98 13.87
C PRO A 1089 -10.54 4.38 13.40
N VAL A 1090 -10.27 5.69 13.49
CA VAL A 1090 -8.90 6.16 13.24
C VAL A 1090 -7.96 5.56 14.28
N GLY A 1091 -6.68 5.53 13.93
CA GLY A 1091 -5.67 5.06 14.87
C GLY A 1091 -5.65 3.58 15.06
N GLU A 1092 -6.31 2.83 14.17
CA GLU A 1092 -6.37 1.39 14.23
C GLU A 1092 -6.39 0.87 12.81
N ARG A 1093 -5.74 -0.27 12.56
CA ARG A 1093 -5.84 -0.97 11.28
C ARG A 1093 -6.47 -2.32 11.56
N ASN A 1094 -7.57 -2.61 10.89
CA ASN A 1094 -8.33 -3.81 11.18
C ASN A 1094 -8.33 -4.65 9.92
N LEU A 1095 -7.69 -5.81 10.02
CA LEU A 1095 -7.40 -6.64 8.85
C LEU A 1095 -8.17 -7.93 8.93
N TYR A 1096 -8.57 -8.44 7.76
CA TYR A 1096 -9.36 -9.65 7.68
C TYR A 1096 -8.77 -10.47 6.55
N THR A 1097 -8.33 -11.70 6.85
CA THR A 1097 -7.61 -12.53 5.89
CA THR A 1097 -7.70 -12.51 5.81
C THR A 1097 -8.16 -13.95 5.90
N LEU A 1098 -8.06 -14.65 4.77
CA LEU A 1098 -8.47 -16.04 4.66
C LEU A 1098 -7.24 -16.91 4.45
N HIS A 1099 -7.04 -17.87 5.34
CA HIS A 1099 -5.91 -18.79 5.35
C HIS A 1099 -6.42 -20.21 5.16
N ALA A 1100 -5.48 -21.15 5.00
CA ALA A 1100 -5.86 -22.55 5.09
C ALA A 1100 -6.34 -22.89 6.50
N ARG A 1101 -7.23 -23.87 6.59
CA ARG A 1101 -7.69 -24.34 7.89
C ARG A 1101 -6.64 -25.21 8.57
N GLY A 1102 -5.97 -26.06 7.81
CA GLY A 1102 -5.00 -26.97 8.40
C GLY A 1102 -5.00 -28.28 7.65
N ARG A 1103 -5.19 -29.38 8.36
CA ARG A 1103 -5.24 -30.71 7.75
C ARG A 1103 -6.70 -31.16 7.72
N ILE A 1104 -7.20 -31.43 6.52
CA ILE A 1104 -8.59 -31.81 6.34
C ILE A 1104 -8.66 -33.33 6.23
N LEU A 1105 -9.56 -33.96 6.99
CA LEU A 1105 -9.80 -35.39 6.88
C LEU A 1105 -10.66 -35.64 5.65
N LEU A 1106 -10.16 -36.47 4.73
CA LEU A 1106 -10.92 -36.88 3.55
C LEU A 1106 -11.40 -38.31 3.72
N VAL A 1107 -12.71 -38.50 3.56
CA VAL A 1107 -13.29 -39.84 3.63
C VAL A 1107 -13.99 -40.09 2.30
N PRO A 1108 -13.26 -40.49 1.27
CA PRO A 1108 -13.85 -40.69 -0.04
C PRO A 1108 -14.47 -42.08 -0.15
N ALA A 1109 -15.31 -42.22 -1.17
CA ALA A 1109 -15.84 -43.51 -1.57
C ALA A 1109 -15.39 -43.95 -2.95
N THR A 1110 -15.20 -43.01 -3.87
CA THR A 1110 -14.82 -43.32 -5.24
C THR A 1110 -13.55 -42.57 -5.59
N GLU A 1111 -12.90 -43.02 -6.67
CA GLU A 1111 -11.71 -42.34 -7.17
C GLU A 1111 -12.02 -40.90 -7.55
N SER A 1112 -13.05 -40.69 -8.34
CA SER A 1112 -13.41 -39.32 -8.74
C SER A 1112 -13.78 -38.49 -7.52
N GLY A 1113 -14.52 -39.09 -6.59
CA GLY A 1113 -14.83 -38.37 -5.36
C GLY A 1113 -13.58 -37.93 -4.62
N LEU A 1114 -12.59 -38.82 -4.51
CA LEU A 1114 -11.34 -38.44 -3.87
C LEU A 1114 -10.67 -37.29 -4.60
N TYR A 1115 -10.62 -37.35 -5.93
CA TYR A 1115 -9.98 -36.28 -6.68
C TYR A 1115 -10.67 -34.94 -6.44
N HIS A 1116 -12.02 -34.95 -6.43
CA HIS A 1116 -12.76 -33.72 -6.14
C HIS A 1116 -12.50 -33.23 -4.72
N GLN A 1117 -12.49 -34.15 -3.74
CA GLN A 1117 -12.19 -33.76 -2.37
C GLN A 1117 -10.81 -33.17 -2.27
N LEU A 1118 -9.83 -33.83 -2.88
CA LEU A 1118 -8.46 -33.34 -2.83
CA LEU A 1118 -8.46 -33.35 -2.86
C LEU A 1118 -8.35 -31.98 -3.50
N ALA A 1119 -9.01 -31.79 -4.63
CA ALA A 1119 -8.99 -30.48 -5.30
C ALA A 1119 -9.56 -29.40 -4.37
N ALA A 1120 -10.68 -29.69 -3.71
CA ALA A 1120 -11.26 -28.68 -2.82
C ALA A 1120 -10.31 -28.32 -1.69
N ALA A 1121 -9.67 -29.33 -1.09
CA ALA A 1121 -8.81 -29.09 0.06
C ALA A 1121 -7.53 -28.38 -0.34
N LEU A 1122 -6.91 -28.79 -1.45
CA LEU A 1122 -5.67 -28.16 -1.88
C LEU A 1122 -5.89 -26.74 -2.35
N ALA A 1123 -7.00 -26.51 -3.08
CA ALA A 1123 -7.30 -25.18 -3.57
C ALA A 1123 -7.46 -24.17 -2.45
N THR A 1124 -7.79 -24.64 -1.24
CA THR A 1124 -7.94 -23.77 -0.08
C THR A 1124 -6.72 -23.85 0.85
N GLY A 1125 -5.60 -24.39 0.36
CA GLY A 1125 -4.32 -24.31 1.01
C GLY A 1125 -4.05 -25.40 2.02
N ASN A 1126 -4.96 -26.35 2.16
CA ASN A 1126 -4.91 -27.34 3.23
C ASN A 1126 -4.01 -28.52 2.85
N SER A 1127 -3.55 -29.22 3.87
CA SER A 1127 -3.08 -30.59 3.72
C SER A 1127 -4.25 -31.53 4.00
N VAL A 1128 -4.04 -32.82 3.76
CA VAL A 1128 -5.13 -33.78 3.92
C VAL A 1128 -4.62 -35.04 4.60
N ALA A 1129 -5.51 -35.70 5.31
CA ALA A 1129 -5.30 -37.09 5.71
C ALA A 1129 -6.44 -37.88 5.08
N ILE A 1130 -6.11 -38.84 4.23
CA ILE A 1130 -7.11 -39.61 3.50
C ILE A 1130 -7.36 -40.92 4.22
N ASP A 1131 -8.64 -41.27 4.39
CA ASP A 1131 -9.03 -42.52 5.02
C ASP A 1131 -8.43 -43.73 4.29
N ALA A 1132 -7.54 -44.46 4.96
CA ALA A 1132 -6.92 -45.59 4.30
C ALA A 1132 -7.92 -46.72 4.07
N ALA A 1133 -8.98 -46.79 4.87
CA ALA A 1133 -10.01 -47.82 4.68
C ALA A 1133 -10.78 -47.65 3.38
N SER A 1134 -10.63 -46.52 2.70
CA SER A 1134 -11.27 -46.33 1.41
C SER A 1134 -10.73 -47.28 0.35
N GLY A 1135 -9.53 -47.81 0.53
CA GLY A 1135 -8.93 -48.66 -0.49
C GLY A 1135 -8.55 -47.94 -1.77
N LEU A 1136 -8.38 -46.62 -1.72
CA LEU A 1136 -8.12 -45.84 -2.92
C LEU A 1136 -6.65 -45.44 -3.06
N GLN A 1137 -5.75 -46.09 -2.32
CA GLN A 1137 -4.34 -45.71 -2.37
C GLN A 1137 -3.78 -45.80 -3.78
N ALA A 1138 -4.23 -46.78 -4.58
CA ALA A 1138 -3.73 -46.88 -5.94
C ALA A 1138 -4.22 -45.76 -6.85
N SER A 1139 -5.19 -44.95 -6.40
CA SER A 1139 -5.63 -43.82 -7.21
C SER A 1139 -4.66 -42.64 -7.15
N LEU A 1140 -3.66 -42.67 -6.29
CA LEU A 1140 -2.76 -41.55 -6.10
C LEU A 1140 -1.30 -41.95 -6.32
N LYS A 1141 -1.06 -42.78 -7.33
CA LYS A 1141 0.30 -43.18 -7.65
C LYS A 1141 1.05 -42.04 -8.33
N ASN A 1142 2.34 -41.94 -8.03
CA ASN A 1142 3.25 -41.01 -8.71
C ASN A 1142 2.82 -39.56 -8.55
N LEU A 1143 2.42 -39.17 -7.34
CA LEU A 1143 2.10 -37.77 -7.11
C LEU A 1143 3.36 -36.92 -7.18
N PRO A 1144 3.24 -35.70 -7.69
CA PRO A 1144 4.32 -34.73 -7.54
C PRO A 1144 4.69 -34.61 -6.08
N GLN A 1145 5.98 -34.42 -5.81
CA GLN A 1145 6.41 -34.30 -4.42
C GLN A 1145 5.69 -33.16 -3.70
N THR A 1146 5.41 -32.06 -4.40
CA THR A 1146 4.73 -30.93 -3.76
C THR A 1146 3.36 -31.33 -3.24
N VAL A 1147 2.67 -32.20 -3.99
CA VAL A 1147 1.36 -32.69 -3.56
C VAL A 1147 1.51 -33.78 -2.52
N GLY A 1148 2.45 -34.71 -2.74
CA GLY A 1148 2.67 -35.76 -1.77
C GLY A 1148 2.97 -35.22 -0.38
N LEU A 1149 3.69 -34.09 -0.30
CA LEU A 1149 4.00 -33.49 0.99
C LEU A 1149 2.75 -33.11 1.76
N ARG A 1150 1.67 -32.82 1.06
CA ARG A 1150 0.41 -32.43 1.70
C ARG A 1150 -0.51 -33.59 2.00
N VAL A 1151 -0.17 -34.80 1.55
CA VAL A 1151 -1.07 -35.94 1.62
C VAL A 1151 -0.53 -36.95 2.62
N SER A 1152 -1.38 -37.37 3.55
CA SER A 1152 -1.07 -38.51 4.39
C SER A 1152 -2.23 -39.49 4.31
N TRP A 1153 -1.95 -40.74 4.63
CA TRP A 1153 -2.96 -41.77 4.72
C TRP A 1153 -3.18 -42.11 6.19
N SER A 1154 -4.43 -42.22 6.58
CA SER A 1154 -4.78 -42.44 7.98
C SER A 1154 -5.61 -43.70 8.10
N LYS A 1155 -5.10 -44.67 8.85
CA LYS A 1155 -5.92 -45.80 9.29
C LYS A 1155 -6.64 -45.47 10.59
N ASP A 1156 -5.95 -44.80 11.50
CA ASP A 1156 -6.46 -44.46 12.82
C ASP A 1156 -6.61 -42.93 12.85
N TRP A 1157 -7.81 -42.45 12.52
CA TRP A 1157 -8.03 -41.01 12.40
C TRP A 1157 -7.71 -40.29 13.70
N ALA A 1158 -8.07 -40.88 14.84
CA ALA A 1158 -7.86 -40.21 16.12
C ALA A 1158 -6.39 -40.07 16.46
N ALA A 1159 -5.52 -40.84 15.80
CA ALA A 1159 -4.09 -40.73 16.05
C ALA A 1159 -3.44 -39.64 15.21
N ASP A 1160 -4.04 -39.29 14.07
CA ASP A 1160 -3.40 -38.45 13.07
C ASP A 1160 -3.93 -37.02 13.06
N GLY A 1161 -4.75 -36.67 14.04
CA GLY A 1161 -5.24 -35.32 14.13
C GLY A 1161 -4.26 -34.41 14.83
N PRO A 1162 -4.71 -33.22 15.26
CA PRO A 1162 -6.09 -32.76 15.07
C PRO A 1162 -6.34 -32.33 13.63
N PHE A 1163 -7.57 -32.52 13.17
CA PHE A 1163 -7.94 -32.00 11.87
C PHE A 1163 -8.64 -30.66 12.03
N ALA A 1164 -8.85 -29.99 10.90
CA ALA A 1164 -9.53 -28.70 10.90
C ALA A 1164 -10.79 -28.72 10.06
N GLY A 1165 -11.22 -29.91 9.62
CA GLY A 1165 -12.42 -30.05 8.84
C GLY A 1165 -12.42 -31.44 8.22
N ALA A 1166 -13.53 -31.77 7.56
CA ALA A 1166 -13.62 -33.09 6.94
C ALA A 1166 -14.50 -33.01 5.70
N LEU A 1167 -14.17 -33.83 4.70
CA LEU A 1167 -14.98 -34.01 3.51
C LEU A 1167 -15.32 -35.49 3.41
N VAL A 1168 -16.61 -35.78 3.22
CA VAL A 1168 -17.10 -37.16 3.21
C VAL A 1168 -17.87 -37.39 1.93
N GLU A 1169 -17.69 -38.57 1.34
CA GLU A 1169 -18.46 -39.01 0.19
C GLU A 1169 -19.19 -40.30 0.53
N GLY A 1170 -20.47 -40.37 0.21
CA GLY A 1170 -21.19 -41.62 0.36
C GLY A 1170 -22.68 -41.43 0.33
N ASP A 1171 -23.38 -42.57 0.41
CA ASP A 1171 -24.82 -42.50 0.57
C ASP A 1171 -25.16 -42.14 2.01
N ALA A 1172 -26.45 -41.99 2.30
CA ALA A 1172 -26.88 -41.41 3.58
C ALA A 1172 -26.38 -42.23 4.77
N GLU A 1173 -26.45 -43.54 4.67
CA GLU A 1173 -26.02 -44.38 5.79
C GLU A 1173 -24.50 -44.36 5.96
N ARG A 1174 -23.75 -44.27 4.86
CA ARG A 1174 -22.30 -44.10 4.98
C ARG A 1174 -21.97 -42.75 5.62
N ILE A 1175 -22.65 -41.68 5.19
CA ILE A 1175 -22.37 -40.36 5.76
C ILE A 1175 -22.65 -40.37 7.26
N ARG A 1176 -23.76 -40.99 7.67
CA ARG A 1176 -24.11 -41.04 9.08
C ARG A 1176 -23.06 -41.79 9.88
N ALA A 1177 -22.58 -42.92 9.36
CA ALA A 1177 -21.57 -43.69 10.07
C ALA A 1177 -20.26 -42.93 10.18
N VAL A 1178 -19.83 -42.30 9.08
CA VAL A 1178 -18.59 -41.53 9.10
C VAL A 1178 -18.73 -40.35 10.05
N ASN A 1179 -19.88 -39.66 10.00
CA ASN A 1179 -20.12 -38.51 10.87
C ASN A 1179 -20.03 -38.90 12.34
N LYS A 1180 -20.55 -40.07 12.71
CA LYS A 1180 -20.44 -40.55 14.08
C LYS A 1180 -18.97 -40.81 14.46
N ALA A 1181 -18.23 -41.45 13.56
CA ALA A 1181 -16.80 -41.68 13.80
C ALA A 1181 -16.05 -40.36 13.94
N ILE A 1182 -16.39 -39.37 13.12
CA ILE A 1182 -15.69 -38.09 13.20
C ILE A 1182 -16.01 -37.39 14.52
N ALA A 1183 -17.28 -37.43 14.96
CA ALA A 1183 -17.64 -36.77 16.22
C ALA A 1183 -16.88 -37.38 17.39
N ALA A 1184 -16.51 -38.65 17.28
CA ALA A 1184 -15.79 -39.35 18.33
C ALA A 1184 -14.29 -39.01 18.38
N LEU A 1185 -13.77 -38.29 17.39
CA LEU A 1185 -12.35 -37.96 17.41
C LEU A 1185 -12.06 -36.96 18.54
N PRO A 1186 -10.95 -37.13 19.26
CA PRO A 1186 -10.65 -36.19 20.34
C PRO A 1186 -10.34 -34.80 19.79
N GLY A 1187 -10.53 -33.81 20.64
CA GLY A 1187 -10.10 -32.48 20.32
C GLY A 1187 -11.17 -31.61 19.70
N PRO A 1188 -10.83 -30.90 18.64
CA PRO A 1188 -11.74 -29.86 18.14
C PRO A 1188 -12.95 -30.47 17.44
N LEU A 1189 -14.05 -29.73 17.51
CA LEU A 1189 -15.19 -30.05 16.67
C LEU A 1189 -14.80 -29.81 15.21
N LEU A 1190 -15.16 -30.75 14.34
CA LEU A 1190 -14.79 -30.63 12.94
C LEU A 1190 -15.98 -30.17 12.11
N LEU A 1191 -15.76 -29.15 11.28
CA LEU A 1191 -16.76 -28.76 10.30
C LEU A 1191 -16.74 -29.78 9.17
N VAL A 1192 -17.79 -30.62 9.12
CA VAL A 1192 -17.89 -31.73 8.17
C VAL A 1192 -18.81 -31.31 7.02
N GLN A 1193 -18.37 -31.59 5.80
CA GLN A 1193 -19.19 -31.49 4.60
C GLN A 1193 -19.30 -32.85 3.97
N ALA A 1194 -20.51 -33.21 3.55
CA ALA A 1194 -20.74 -34.52 2.97
C ALA A 1194 -21.47 -34.38 1.66
N ALA A 1195 -21.24 -35.32 0.75
CA ALA A 1195 -21.94 -35.34 -0.52
C ALA A 1195 -21.99 -36.78 -1.02
N SER A 1196 -23.02 -37.09 -1.79
CA SER A 1196 -23.04 -38.37 -2.48
C SER A 1196 -22.13 -38.33 -3.70
N SER A 1197 -21.79 -39.51 -4.21
CA SER A 1197 -21.04 -39.53 -5.46
C SER A 1197 -21.80 -38.81 -6.57
N GLY A 1198 -23.13 -38.96 -6.60
CA GLY A 1198 -23.91 -38.31 -7.64
C GLY A 1198 -23.91 -36.80 -7.51
N GLU A 1199 -23.95 -36.30 -6.28
CA GLU A 1199 -23.90 -34.86 -6.06
C GLU A 1199 -22.56 -34.28 -6.47
N ILE A 1200 -21.48 -35.03 -6.21
CA ILE A 1200 -20.15 -34.60 -6.67
C ILE A 1200 -20.14 -34.50 -8.19
N ALA A 1201 -20.79 -35.44 -8.87
CA ALA A 1201 -20.81 -35.40 -10.33
C ALA A 1201 -21.67 -34.24 -10.84
N ARG A 1202 -22.76 -33.93 -10.16
CA ARG A 1202 -23.72 -32.93 -10.63
C ARG A 1202 -23.39 -31.51 -10.22
N ASN A 1203 -22.84 -31.32 -9.03
CA ASN A 1203 -22.74 -30.01 -8.42
C ASN A 1203 -21.28 -29.63 -8.18
N PRO A 1204 -20.75 -28.67 -8.93
CA PRO A 1204 -19.37 -28.23 -8.69
C PRO A 1204 -19.15 -27.71 -7.30
N ASP A 1205 -20.20 -27.27 -6.63
CA ASP A 1205 -20.13 -26.76 -5.27
C ASP A 1205 -20.61 -27.78 -4.24
N ALA A 1206 -20.57 -29.07 -4.58
CA ALA A 1206 -20.94 -30.10 -3.62
C ALA A 1206 -20.22 -29.91 -2.30
N TYR A 1207 -18.93 -29.58 -2.36
CA TYR A 1207 -18.17 -29.17 -1.20
C TYR A 1207 -17.94 -27.67 -1.31
N CYS A 1208 -18.37 -26.93 -0.30
CA CYS A 1208 -18.31 -25.49 -0.35
C CYS A 1208 -16.96 -25.02 0.15
N LEU A 1209 -16.27 -24.22 -0.67
CA LEU A 1209 -14.93 -23.78 -0.30
C LEU A 1209 -14.94 -22.73 0.81
N ASN A 1210 -16.10 -22.12 1.09
CA ASN A 1210 -16.19 -21.16 2.20
C ASN A 1210 -15.72 -21.77 3.52
N TRP A 1211 -15.99 -23.06 3.72
CA TRP A 1211 -15.75 -23.69 5.01
C TRP A 1211 -14.42 -24.43 5.06
N LEU A 1212 -13.63 -24.38 3.99
CA LEU A 1212 -12.30 -24.98 3.95
C LEU A 1212 -11.18 -23.96 4.12
N VAL A 1213 -11.52 -22.68 4.28
CA VAL A 1213 -10.55 -21.66 4.68
C VAL A 1213 -10.87 -21.25 6.10
N GLU A 1214 -9.90 -20.57 6.70
CA GLU A 1214 -10.02 -20.10 8.06
C GLU A 1214 -9.92 -18.59 8.07
N GLU A 1215 -10.88 -17.93 8.72
CA GLU A 1215 -10.83 -16.48 8.82
C GLU A 1215 -9.89 -16.06 9.94
N VAL A 1216 -9.12 -15.00 9.70
CA VAL A 1216 -8.28 -14.42 10.74
C VAL A 1216 -8.52 -12.91 10.75
N SER A 1217 -8.79 -12.38 11.93
CA SER A 1217 -8.93 -10.96 12.15
C SER A 1217 -7.70 -10.47 12.92
N ALA A 1218 -7.14 -9.34 12.49
CA ALA A 1218 -6.03 -8.72 13.20
C ALA A 1218 -6.35 -7.25 13.40
N SER A 1219 -6.24 -6.79 14.64
CA SER A 1219 -6.48 -5.40 14.97
C SER A 1219 -5.21 -4.81 15.54
N ILE A 1220 -4.65 -3.83 14.84
CA ILE A 1220 -3.38 -3.20 15.19
C ILE A 1220 -3.66 -1.78 15.66
N ASN A 1221 -3.20 -1.44 16.86
CA ASN A 1221 -3.31 -0.09 17.39
C ASN A 1221 -2.16 0.72 16.81
N THR A 1222 -2.44 1.53 15.80
CA THR A 1222 -1.39 2.26 15.12
C THR A 1222 -1.05 3.57 15.80
N ALA A 1223 -1.78 3.94 16.85
CA ALA A 1223 -1.45 5.09 17.67
C ALA A 1223 -0.54 4.72 18.84
N ALA A 1224 -0.12 3.45 18.91
CA ALA A 1224 0.54 2.94 20.11
C ALA A 1224 1.90 3.59 20.35
N ALA A 1225 2.55 4.09 19.29
CA ALA A 1225 3.85 4.72 19.48
C ALA A 1225 3.75 6.12 20.08
N GLY A 1226 2.54 6.64 20.27
CA GLY A 1226 2.37 7.91 20.93
C GLY A 1226 1.50 8.89 20.16
N GLY A 1227 1.04 8.49 18.98
CA GLY A 1227 0.24 9.40 18.18
C GLY A 1227 -0.14 8.76 16.86
N ASN A 1228 -1.05 9.44 16.17
CA ASN A 1228 -1.63 8.97 14.91
C ASN A 1228 -1.02 9.79 13.76
N ALA A 1229 -0.08 9.18 13.04
CA ALA A 1229 0.62 9.90 11.97
C ALA A 1229 -0.31 10.27 10.81
N SER A 1230 -1.17 9.33 10.39
CA SER A 1230 -1.99 9.62 9.22
C SER A 1230 -3.04 10.71 9.53
N LEU A 1231 -3.56 10.74 10.76
CA LEU A 1231 -4.55 11.75 11.10
C LEU A 1231 -3.91 13.13 11.22
N MET A 1232 -2.68 13.19 11.76
CA MET A 1232 -1.96 14.46 11.80
C MET A 1232 -1.63 14.97 10.41
N ALA A 1233 -1.50 14.06 9.44
CA ALA A 1233 -1.18 14.46 8.07
C ALA A 1233 -2.38 15.04 7.34
N ILE A 1234 -3.60 14.80 7.83
CA ILE A 1234 -4.81 15.41 7.26
C ILE A 1234 -5.40 16.47 8.17
N GLY A 1235 -4.87 16.65 9.38
CA GLY A 1235 -5.40 17.63 10.32
C GLY A 1235 -5.31 19.07 9.84
N ALA B 16 29.98 2.89 -52.80
CA ALA B 16 29.55 2.88 -51.41
C ALA B 16 29.13 4.29 -50.97
N PRO B 17 27.90 4.42 -50.48
CA PRO B 17 27.45 5.74 -50.00
C PRO B 17 28.31 6.21 -48.84
N ALA B 18 28.57 7.52 -48.81
CA ALA B 18 29.31 8.11 -47.72
C ALA B 18 28.55 7.92 -46.41
N PRO B 19 29.21 7.52 -45.32
CA PRO B 19 28.48 7.31 -44.06
C PRO B 19 27.74 8.56 -43.61
N PHE B 20 26.47 8.37 -43.27
CA PHE B 20 25.59 9.39 -42.71
C PHE B 20 25.28 10.52 -43.68
N ALA B 21 25.62 10.36 -44.96
CA ALA B 21 25.34 11.41 -45.94
C ALA B 21 23.83 11.64 -46.13
N ASP B 22 23.01 10.67 -45.79
CA ASP B 22 21.56 10.83 -45.91
C ASP B 22 20.88 10.47 -44.61
N PHE B 23 21.45 10.92 -43.49
CA PHE B 23 21.00 10.41 -42.19
C PHE B 23 19.55 10.79 -41.91
N ALA B 24 19.26 12.10 -41.94
CA ALA B 24 17.90 12.53 -41.65
C ALA B 24 17.64 13.92 -42.22
N PRO B 25 17.72 14.08 -43.53
CA PRO B 25 17.46 15.38 -44.14
C PRO B 25 16.03 15.81 -43.87
N PRO B 26 15.82 17.08 -43.51
CA PRO B 26 14.45 17.55 -43.29
C PRO B 26 13.64 17.53 -44.57
N VAL B 27 12.32 17.48 -44.38
CA VAL B 27 11.41 17.54 -45.52
C VAL B 27 11.65 18.81 -46.33
N ARG B 28 11.91 19.92 -45.66
CA ARG B 28 12.12 21.20 -46.32
C ARG B 28 13.08 22.02 -45.48
N PRO B 29 13.78 22.98 -46.08
CA PRO B 29 14.58 23.92 -45.28
C PRO B 29 13.68 24.60 -44.25
N GLN B 30 14.20 24.72 -43.04
CA GLN B 30 13.42 25.23 -41.93
C GLN B 30 13.41 26.75 -41.97
N SER B 31 12.22 27.33 -42.12
CA SER B 31 12.05 28.77 -42.14
C SER B 31 12.32 29.36 -40.76
N THR B 32 12.40 30.70 -40.73
CA THR B 32 12.51 31.39 -39.44
C THR B 32 11.37 30.99 -38.51
N LEU B 33 10.13 30.95 -39.01
CA LEU B 33 9.01 30.59 -38.17
C LEU B 33 9.07 29.12 -37.73
N ARG B 34 9.50 28.22 -38.62
CA ARG B 34 9.61 26.83 -38.21
C ARG B 34 10.71 26.65 -37.18
N ARG B 35 11.83 27.38 -37.34
CA ARG B 35 12.89 27.30 -36.35
C ARG B 35 12.44 27.79 -34.98
N ALA B 36 11.58 28.81 -34.94
CA ALA B 36 11.10 29.31 -33.66
C ALA B 36 10.25 28.27 -32.95
N ILE B 37 9.50 27.47 -33.70
CA ILE B 37 8.77 26.36 -33.12
C ILE B 37 9.73 25.37 -32.47
N THR B 38 10.71 24.89 -33.26
CA THR B 38 11.61 23.86 -32.76
C THR B 38 12.36 24.33 -31.53
N ALA B 39 12.74 25.60 -31.50
CA ALA B 39 13.49 26.15 -30.38
C ALA B 39 12.71 26.08 -29.07
N ALA B 40 11.38 26.04 -29.13
CA ALA B 40 10.57 26.04 -27.93
C ALA B 40 10.22 24.65 -27.43
N TYR B 41 10.63 23.60 -28.17
CA TYR B 41 10.15 22.23 -27.96
C TYR B 41 10.16 21.85 -26.48
N ARG B 42 11.30 22.03 -25.81
CA ARG B 42 11.44 21.64 -24.42
C ARG B 42 11.93 22.81 -23.57
N ARG B 43 11.50 24.02 -23.91
CA ARG B 43 11.92 25.22 -23.20
C ARG B 43 11.51 25.12 -21.72
N PRO B 44 12.36 25.57 -20.79
CA PRO B 44 11.99 25.49 -19.37
C PRO B 44 10.66 26.17 -19.10
N GLU B 45 9.88 25.55 -18.21
CA GLU B 45 8.56 26.05 -17.89
C GLU B 45 8.62 27.47 -17.34
N THR B 46 9.67 27.80 -16.58
CA THR B 46 9.77 29.17 -16.07
C THR B 46 10.06 30.17 -17.18
N GLU B 47 10.57 29.73 -18.33
CA GLU B 47 10.74 30.65 -19.45
C GLU B 47 9.49 30.74 -20.30
N CYS B 48 8.71 29.66 -20.37
CA CYS B 48 7.49 29.68 -21.18
C CYS B 48 6.44 30.62 -20.62
N LEU B 49 6.29 30.63 -19.30
CA LEU B 49 5.08 31.25 -18.76
C LEU B 49 5.04 32.77 -18.80
N PRO B 50 6.10 33.52 -18.50
CA PRO B 50 5.96 35.00 -18.43
C PRO B 50 5.38 35.60 -19.70
N PRO B 51 5.87 35.26 -20.91
CA PRO B 51 5.22 35.85 -22.10
C PRO B 51 3.78 35.42 -22.27
N LEU B 52 3.42 34.21 -21.82
CA LEU B 52 2.02 33.80 -21.89
C LEU B 52 1.16 34.59 -20.92
N VAL B 53 1.66 34.82 -19.70
CA VAL B 53 0.92 35.65 -18.73
C VAL B 53 0.64 37.03 -19.32
N GLU B 54 1.67 37.66 -19.89
CA GLU B 54 1.49 38.99 -20.48
C GLU B 54 0.45 38.96 -21.60
N ALA B 55 0.54 37.98 -22.50
CA ALA B 55 -0.39 37.91 -23.63
C ALA B 55 -1.81 37.59 -23.18
N ALA B 56 -1.97 36.87 -22.07
CA ALA B 56 -3.27 36.46 -21.58
C ALA B 56 -3.88 37.48 -20.62
N THR B 57 -3.17 38.56 -20.33
CA THR B 57 -3.65 39.55 -19.36
C THR B 57 -4.82 40.33 -19.94
N GLN B 58 -5.90 40.45 -19.18
CA GLN B 58 -7.04 41.26 -19.56
C GLN B 58 -7.33 42.31 -18.49
N SER B 59 -8.04 43.36 -18.89
CA SER B 59 -8.36 44.45 -18.00
C SER B 59 -9.23 43.97 -16.83
N LYS B 60 -9.33 44.82 -15.81
CA LYS B 60 -10.15 44.47 -14.65
C LYS B 60 -11.62 44.37 -15.03
N GLU B 61 -12.07 45.23 -15.96
CA GLU B 61 -13.47 45.20 -16.37
C GLU B 61 -13.79 43.88 -17.05
N ILE B 62 -12.92 43.44 -17.95
CA ILE B 62 -13.16 42.17 -18.65
C ILE B 62 -13.06 40.99 -17.69
N ARG B 63 -12.06 41.00 -16.82
CA ARG B 63 -11.91 39.90 -15.86
C ARG B 63 -13.12 39.81 -14.94
N ASP B 64 -13.70 40.97 -14.57
CA ASP B 64 -14.91 40.97 -13.77
C ASP B 64 -16.11 40.46 -14.58
N ALA B 65 -16.26 40.97 -15.81
CA ALA B 65 -17.34 40.47 -16.66
C ALA B 65 -17.21 38.99 -16.96
N ALA B 66 -15.98 38.51 -17.16
CA ALA B 66 -15.78 37.09 -17.45
C ALA B 66 -16.11 36.22 -16.25
N ALA B 67 -15.71 36.65 -15.05
CA ALA B 67 -16.05 35.88 -13.87
C ALA B 67 -17.55 35.82 -13.65
N SER B 68 -18.26 36.88 -14.03
CA SER B 68 -19.72 36.89 -13.91
C SER B 68 -20.34 35.92 -14.92
N THR B 69 -19.91 36.01 -16.18
CA THR B 69 -20.39 35.07 -17.19
C THR B 69 -20.06 33.63 -16.80
N ALA B 70 -18.85 33.38 -16.30
CA ALA B 70 -18.47 32.03 -15.92
C ALA B 70 -19.32 31.51 -14.76
N ARG B 71 -19.60 32.37 -13.78
CA ARG B 71 -20.43 31.94 -12.65
C ARG B 71 -21.84 31.56 -13.10
N LYS B 72 -22.44 32.36 -13.98
CA LYS B 72 -23.76 32.04 -14.51
C LYS B 72 -23.76 30.70 -15.24
N LEU B 73 -22.70 30.43 -16.03
CA LEU B 73 -22.60 29.16 -16.72
C LEU B 73 -22.47 27.99 -15.75
N ILE B 74 -21.66 28.17 -14.70
CA ILE B 74 -21.42 27.09 -13.75
C ILE B 74 -22.66 26.83 -12.91
N GLU B 75 -23.35 27.89 -12.48
CA GLU B 75 -24.59 27.71 -11.75
C GLU B 75 -25.65 27.04 -12.62
N ALA B 76 -25.70 27.39 -13.91
CA ALA B 76 -26.60 26.70 -14.81
C ALA B 76 -26.24 25.23 -14.92
N LEU B 77 -24.94 24.93 -15.07
CA LEU B 77 -24.48 23.55 -15.17
C LEU B 77 -24.86 22.75 -13.92
N ARG B 78 -24.56 23.30 -12.73
CA ARG B 78 -24.82 22.59 -11.50
C ARG B 78 -26.31 22.53 -11.17
N GLY B 79 -27.12 23.45 -11.69
CA GLY B 79 -28.53 23.46 -11.42
C GLY B 79 -29.28 22.44 -12.25
N LYS B 80 -28.93 22.33 -13.53
CA LYS B 80 -29.57 21.37 -14.42
C LYS B 80 -29.10 19.95 -14.17
N HIS B 81 -28.12 19.76 -13.29
CA HIS B 81 -27.58 18.43 -13.04
C HIS B 81 -28.66 17.54 -12.43
N SER B 82 -28.76 16.32 -12.93
CA SER B 82 -29.75 15.36 -12.46
C SER B 82 -29.14 14.05 -11.99
N GLY B 83 -28.10 13.56 -12.65
CA GLY B 83 -27.52 12.27 -12.30
C GLY B 83 -27.60 11.34 -13.49
N SER B 84 -26.48 10.65 -13.75
CA SER B 84 -26.39 9.78 -14.91
C SER B 84 -27.31 8.56 -14.73
N GLY B 85 -27.41 7.78 -15.81
CA GLY B 85 -28.24 6.59 -15.76
C GLY B 85 -27.61 5.46 -14.96
N VAL B 86 -26.28 5.33 -15.03
CA VAL B 86 -25.60 4.26 -14.31
C VAL B 86 -25.70 4.47 -12.80
N GLU B 87 -25.53 5.72 -12.35
CA GLU B 87 -25.70 6.01 -10.93
C GLU B 87 -27.10 5.64 -10.45
N GLY B 88 -28.12 5.88 -11.27
CA GLY B 88 -29.48 5.52 -10.89
C GLY B 88 -29.70 4.02 -10.88
N LEU B 89 -29.03 3.30 -11.77
CA LEU B 89 -29.08 1.84 -11.74
C LEU B 89 -28.39 1.29 -10.50
N VAL B 90 -27.21 1.84 -10.17
CA VAL B 90 -26.49 1.42 -8.98
C VAL B 90 -27.31 1.67 -7.73
N GLN B 91 -28.03 2.79 -7.68
CA GLN B 91 -28.87 3.08 -6.51
C GLN B 91 -30.10 2.18 -6.46
N GLU B 92 -30.77 1.99 -7.61
CA GLU B 92 -32.00 1.22 -7.62
C GLU B 92 -31.81 -0.21 -7.15
N TYR B 93 -30.72 -0.86 -7.59
CA TYR B 93 -30.48 -2.24 -7.23
C TYR B 93 -29.41 -2.40 -6.16
N SER B 94 -29.02 -1.31 -5.50
CA SER B 94 -28.06 -1.34 -4.39
C SER B 94 -26.78 -2.05 -4.78
N LEU B 95 -26.28 -1.73 -5.97
CA LEU B 95 -25.07 -2.34 -6.48
C LEU B 95 -23.82 -1.75 -5.84
N SER B 96 -22.87 -2.62 -5.51
CA SER B 96 -21.53 -2.14 -5.22
C SER B 96 -20.88 -1.66 -6.52
N SER B 97 -19.71 -1.02 -6.39
CA SER B 97 -18.99 -0.59 -7.60
C SER B 97 -18.60 -1.78 -8.46
N GLN B 98 -18.02 -2.82 -7.84
CA GLN B 98 -17.63 -3.99 -8.63
C GLN B 98 -18.84 -4.64 -9.28
N GLU B 99 -19.98 -4.66 -8.59
CA GLU B 99 -21.18 -5.20 -9.19
C GLU B 99 -21.63 -4.34 -10.36
N GLY B 100 -21.52 -3.01 -10.23
CA GLY B 100 -21.87 -2.16 -11.35
C GLY B 100 -20.97 -2.40 -12.55
N VAL B 101 -19.66 -2.50 -12.30
CA VAL B 101 -18.71 -2.80 -13.38
C VAL B 101 -19.02 -4.15 -14.00
N ALA B 102 -19.24 -5.17 -13.15
CA ALA B 102 -19.50 -6.51 -13.66
C ALA B 102 -20.78 -6.54 -14.51
N LEU B 103 -21.82 -5.85 -14.03
CA LEU B 103 -23.08 -5.80 -14.77
C LEU B 103 -22.88 -5.16 -16.13
N MET B 104 -22.12 -4.08 -16.19
CA MET B 104 -21.89 -3.43 -17.48
C MET B 104 -21.08 -4.31 -18.41
N CYS B 105 -20.10 -5.05 -17.88
CA CYS B 105 -19.38 -6.02 -18.70
C CYS B 105 -20.31 -7.07 -19.27
N LEU B 106 -21.24 -7.56 -18.44
CA LEU B 106 -22.23 -8.53 -18.90
C LEU B 106 -23.14 -7.91 -19.95
N ALA B 107 -23.60 -6.68 -19.70
CA ALA B 107 -24.45 -5.99 -20.67
C ALA B 107 -23.73 -5.81 -21.99
N GLU B 108 -22.45 -5.43 -21.95
CA GLU B 108 -21.64 -5.28 -23.16
C GLU B 108 -21.58 -6.58 -23.94
N ALA B 109 -21.36 -7.70 -23.25
CA ALA B 109 -21.30 -8.98 -23.94
C ALA B 109 -22.66 -9.35 -24.54
N LEU B 110 -23.76 -9.10 -23.79
CA LEU B 110 -25.09 -9.39 -24.29
C LEU B 110 -25.44 -8.53 -25.49
N LEU B 111 -24.90 -7.32 -25.56
CA LEU B 111 -25.18 -6.46 -26.70
C LEU B 111 -24.42 -6.87 -27.95
N ARG B 112 -23.43 -7.76 -27.83
CA ARG B 112 -22.80 -8.33 -29.00
C ARG B 112 -23.69 -9.38 -29.68
N ILE B 113 -24.83 -9.69 -29.08
CA ILE B 113 -25.85 -10.52 -29.73
C ILE B 113 -26.79 -9.58 -30.48
N PRO B 114 -26.74 -9.54 -31.82
CA PRO B 114 -27.50 -8.50 -32.54
C PRO B 114 -29.00 -8.69 -32.54
N ASP B 115 -29.48 -9.93 -32.49
CA ASP B 115 -30.93 -10.16 -32.54
C ASP B 115 -31.52 -9.99 -31.16
N THR B 116 -32.48 -9.06 -31.03
CA THR B 116 -33.07 -8.75 -29.73
C THR B 116 -33.71 -9.98 -29.11
N ALA B 117 -34.47 -10.73 -29.90
CA ALA B 117 -35.17 -11.88 -29.34
C ALA B 117 -34.19 -12.95 -28.86
N THR B 118 -33.10 -13.17 -29.60
CA THR B 118 -32.10 -14.16 -29.20
C THR B 118 -31.43 -13.76 -27.90
N ARG B 119 -31.07 -12.48 -27.78
CA ARG B 119 -30.43 -11.99 -26.56
C ARG B 119 -31.41 -12.05 -25.38
N ASP B 120 -32.65 -11.58 -25.59
CA ASP B 120 -33.67 -11.68 -24.54
C ASP B 120 -33.89 -13.12 -24.12
N ALA B 121 -33.77 -14.07 -25.04
CA ALA B 121 -33.96 -15.47 -24.70
C ALA B 121 -32.78 -16.02 -23.91
N LEU B 122 -31.56 -15.61 -24.26
CA LEU B 122 -30.41 -16.00 -23.46
C LEU B 122 -30.53 -15.45 -22.04
N ILE B 123 -31.03 -14.23 -21.92
CA ILE B 123 -31.14 -13.58 -20.61
C ILE B 123 -32.16 -14.31 -19.75
N ARG B 124 -33.34 -14.58 -20.30
CA ARG B 124 -34.44 -15.12 -19.49
C ARG B 124 -34.22 -16.59 -19.14
N ASP B 125 -33.62 -17.35 -20.04
CA ASP B 125 -33.53 -18.80 -19.86
C ASP B 125 -32.15 -19.28 -19.41
N LYS B 126 -31.10 -18.47 -19.57
CA LYS B 126 -29.75 -18.91 -19.22
C LYS B 126 -29.06 -17.99 -18.22
N ILE B 127 -29.00 -16.69 -18.50
CA ILE B 127 -28.18 -15.80 -17.68
C ILE B 127 -28.84 -15.55 -16.32
N ALA B 128 -30.16 -15.33 -16.32
CA ALA B 128 -30.86 -15.03 -15.07
C ALA B 128 -30.78 -16.18 -14.08
N ASP B 129 -30.52 -17.40 -14.55
CA ASP B 129 -30.35 -18.55 -13.69
C ASP B 129 -28.89 -18.75 -13.26
N GLY B 130 -28.12 -17.67 -13.16
CA GLY B 130 -26.78 -17.75 -12.62
C GLY B 130 -25.74 -18.31 -13.56
N ASN B 131 -26.13 -19.28 -14.38
CA ASN B 131 -25.23 -19.90 -15.35
C ASN B 131 -24.87 -18.88 -16.42
N TRP B 132 -23.99 -17.95 -16.06
CA TRP B 132 -23.52 -16.94 -17.00
C TRP B 132 -22.15 -17.25 -17.58
N LYS B 133 -21.34 -18.06 -16.90
CA LYS B 133 -19.98 -18.31 -17.37
C LYS B 133 -19.99 -19.06 -18.70
N SER B 134 -20.93 -19.98 -18.88
CA SER B 134 -20.93 -20.84 -20.06
C SER B 134 -21.36 -20.07 -21.30
N HIS B 135 -22.59 -19.55 -21.31
CA HIS B 135 -23.19 -18.98 -22.51
C HIS B 135 -22.49 -17.71 -22.99
N LEU B 136 -21.58 -17.15 -22.21
CA LEU B 136 -20.83 -15.98 -22.65
C LEU B 136 -19.34 -16.13 -22.36
N ARG B 140 -13.01 -15.91 -24.33
CA ARG B 140 -12.56 -14.60 -23.88
C ARG B 140 -13.32 -14.14 -22.63
N SER B 141 -12.56 -13.63 -21.65
CA SER B 141 -13.15 -13.17 -20.41
C SER B 141 -14.28 -12.18 -20.67
N LEU B 142 -15.36 -12.32 -19.88
CA LEU B 142 -16.41 -11.31 -19.88
C LEU B 142 -15.88 -9.94 -19.49
N PHE B 143 -14.78 -9.88 -18.75
CA PHE B 143 -14.33 -8.66 -18.09
C PHE B 143 -13.14 -8.02 -18.82
N VAL B 144 -12.92 -8.36 -20.09
CA VAL B 144 -11.78 -7.83 -20.83
C VAL B 144 -11.77 -6.30 -20.83
N ASN B 145 -12.95 -5.68 -20.93
CA ASN B 145 -13.05 -4.22 -20.97
C ASN B 145 -13.47 -3.62 -19.62
N ALA B 146 -13.25 -4.32 -18.53
CA ALA B 146 -13.74 -3.84 -17.24
C ALA B 146 -13.06 -2.53 -16.82
N ALA B 147 -11.85 -2.26 -17.30
CA ALA B 147 -11.22 -0.99 -16.93
C ALA B 147 -12.02 0.18 -17.45
N THR B 148 -12.56 0.05 -18.67
CA THR B 148 -13.42 1.08 -19.23
C THR B 148 -14.68 1.24 -18.39
N TRP B 149 -15.34 0.14 -18.05
CA TRP B 149 -16.56 0.25 -17.27
C TRP B 149 -16.28 0.70 -15.84
N GLY B 150 -15.10 0.36 -15.32
CA GLY B 150 -14.69 0.89 -14.04
C GLY B 150 -14.61 2.40 -14.05
N LEU B 151 -14.10 2.98 -15.14
CA LEU B 151 -14.13 4.43 -15.28
C LEU B 151 -15.57 4.94 -15.30
N VAL B 152 -16.44 4.28 -16.07
CA VAL B 152 -17.84 4.71 -16.13
C VAL B 152 -18.49 4.65 -14.76
N VAL B 153 -18.23 3.58 -14.00
CA VAL B 153 -18.97 3.36 -12.77
C VAL B 153 -18.35 4.16 -11.62
N THR B 154 -17.03 4.14 -11.49
CA THR B 154 -16.37 4.73 -10.33
C THR B 154 -15.72 6.08 -10.62
N GLY B 155 -15.47 6.40 -11.88
CA GLY B 155 -14.70 7.57 -12.21
C GLY B 155 -13.19 7.41 -12.10
N LYS B 156 -12.70 6.22 -11.72
CA LYS B 156 -11.29 5.96 -11.59
C LYS B 156 -10.87 4.87 -12.55
N LEU B 157 -9.62 4.92 -12.99
CA LEU B 157 -9.07 3.94 -13.91
C LEU B 157 -8.13 3.02 -13.17
N THR B 158 -8.34 1.72 -13.27
CA THR B 158 -7.37 0.72 -12.83
C THR B 158 -6.75 0.08 -14.06
N SER B 159 -5.44 -0.10 -14.03
CA SER B 159 -4.73 -0.57 -15.22
C SER B 159 -5.09 -2.01 -15.56
N THR B 160 -5.33 -2.84 -14.55
CA THR B 160 -5.68 -4.23 -14.76
C THR B 160 -6.98 -4.52 -14.01
N VAL B 161 -7.55 -5.67 -14.31
CA VAL B 161 -8.90 -6.05 -13.92
C VAL B 161 -8.81 -7.14 -12.86
N ASN B 162 -9.46 -6.94 -11.72
CA ASN B 162 -9.57 -8.04 -10.75
C ASN B 162 -10.75 -8.90 -11.20
N ASP B 163 -10.45 -9.88 -12.05
CA ASP B 163 -11.48 -10.70 -12.66
C ASP B 163 -12.10 -11.68 -11.67
N ARG B 164 -11.38 -12.05 -10.59
CA ARG B 164 -12.01 -12.87 -9.57
CA ARG B 164 -12.00 -12.86 -9.56
C ARG B 164 -13.02 -12.06 -8.77
N SER B 165 -12.69 -10.80 -8.46
CA SER B 165 -13.63 -9.93 -7.75
C SER B 165 -14.86 -9.66 -8.61
N LEU B 166 -14.65 -9.42 -9.91
CA LEU B 166 -15.76 -9.17 -10.82
C LEU B 166 -16.63 -10.41 -10.99
N ALA B 167 -16.00 -11.59 -11.12
CA ALA B 167 -16.79 -12.81 -11.24
C ALA B 167 -17.64 -13.04 -9.99
N ALA B 168 -17.04 -12.81 -8.81
CA ALA B 168 -17.79 -12.90 -7.57
C ALA B 168 -18.95 -11.92 -7.56
N ALA B 169 -18.70 -10.69 -8.01
CA ALA B 169 -19.74 -9.66 -7.96
C ALA B 169 -20.85 -9.95 -8.96
N LEU B 170 -20.51 -10.49 -10.13
CA LEU B 170 -21.55 -10.81 -11.10
C LEU B 170 -22.44 -11.96 -10.59
N THR B 171 -21.82 -13.01 -10.05
CA THR B 171 -22.60 -14.07 -9.45
C THR B 171 -23.50 -13.53 -8.35
N ARG B 172 -22.97 -12.65 -7.51
CA ARG B 172 -23.74 -12.15 -6.39
C ARG B 172 -24.92 -11.33 -6.87
N LEU B 173 -24.70 -10.44 -7.83
CA LEU B 173 -25.78 -9.57 -8.25
C LEU B 173 -26.87 -10.34 -8.98
N ILE B 174 -26.48 -11.31 -9.83
CA ILE B 174 -27.49 -12.09 -10.55
C ILE B 174 -28.29 -12.95 -9.59
N SER B 175 -27.61 -13.62 -8.65
CA SER B 175 -28.32 -14.48 -7.70
C SER B 175 -29.24 -13.66 -6.80
N ARG B 176 -28.88 -12.41 -6.53
CA ARG B 176 -29.69 -11.54 -5.67
C ARG B 176 -30.83 -10.89 -6.43
N CYS B 177 -30.58 -10.41 -7.65
CA CYS B 177 -31.56 -9.58 -8.35
C CYS B 177 -32.13 -10.19 -9.63
N GLY B 178 -31.49 -11.21 -10.19
CA GLY B 178 -32.15 -11.94 -11.27
C GLY B 178 -32.27 -11.16 -12.56
N GLU B 179 -33.24 -11.61 -13.39
CA GLU B 179 -33.39 -11.03 -14.72
C GLU B 179 -33.63 -9.51 -14.72
N PRO B 180 -34.42 -8.93 -13.81
CA PRO B 180 -34.66 -7.48 -13.90
C PRO B 180 -33.40 -6.63 -13.88
N VAL B 181 -32.38 -6.99 -13.09
CA VAL B 181 -31.19 -6.14 -13.08
C VAL B 181 -30.40 -6.34 -14.37
N ILE B 182 -30.47 -7.54 -14.96
CA ILE B 182 -29.77 -7.78 -16.22
C ILE B 182 -30.38 -6.94 -17.33
N ARG B 183 -31.71 -6.96 -17.44
CA ARG B 183 -32.39 -6.18 -18.48
C ARG B 183 -32.11 -4.69 -18.32
N ARG B 184 -32.14 -4.18 -17.08
CA ARG B 184 -31.82 -2.77 -16.85
C ARG B 184 -30.39 -2.45 -17.23
N GLY B 185 -29.45 -3.36 -16.96
CA GLY B 185 -28.06 -3.09 -17.33
C GLY B 185 -27.88 -3.07 -18.84
N VAL B 186 -28.54 -3.99 -19.54
CA VAL B 186 -28.51 -4.02 -21.00
C VAL B 186 -29.06 -2.71 -21.56
N ASP B 187 -30.24 -2.30 -21.09
CA ASP B 187 -30.84 -1.06 -21.58
C ASP B 187 -29.95 0.13 -21.28
N MET B 188 -29.31 0.13 -20.09
CA MET B 188 -28.41 1.21 -19.70
C MET B 188 -27.18 1.26 -20.60
N ALA B 189 -26.54 0.11 -20.82
CA ALA B 189 -25.36 0.08 -21.66
C ALA B 189 -25.69 0.47 -23.10
N MET B 190 -26.88 0.10 -23.57
CA MET B 190 -27.29 0.48 -24.91
C MET B 190 -27.39 1.99 -25.04
N ARG B 191 -27.98 2.65 -24.04
CA ARG B 191 -28.14 4.10 -24.09
C ARG B 191 -26.79 4.80 -24.13
N MET B 192 -25.80 4.25 -23.43
CA MET B 192 -24.49 4.89 -23.39
C MET B 192 -23.67 4.60 -24.64
N MET B 193 -23.46 3.33 -24.94
CA MET B 193 -22.59 2.95 -26.05
C MET B 193 -23.18 3.34 -27.40
N GLY B 194 -24.49 3.55 -27.49
CA GLY B 194 -25.12 3.84 -28.76
C GLY B 194 -25.49 5.30 -28.95
N GLU B 195 -25.56 6.05 -27.85
CA GLU B 195 -26.06 7.43 -27.93
C GLU B 195 -25.28 8.45 -27.12
N GLN B 196 -24.67 8.08 -25.98
CA GLN B 196 -23.94 9.05 -25.17
C GLN B 196 -22.47 9.15 -25.55
N PHE B 197 -21.82 8.03 -25.86
CA PHE B 197 -20.40 8.04 -26.23
C PHE B 197 -20.23 8.38 -27.71
N VAL B 198 -20.99 7.72 -28.58
CA VAL B 198 -20.91 7.96 -30.01
C VAL B 198 -22.17 8.68 -30.44
N THR B 199 -22.03 9.51 -31.47
CA THR B 199 -23.21 10.14 -32.05
C THR B 199 -24.02 9.15 -32.85
N GLY B 200 -23.36 8.13 -33.41
CA GLY B 200 -24.06 7.06 -34.08
C GLY B 200 -23.08 5.97 -34.44
N GLU B 201 -23.64 4.77 -34.70
CA GLU B 201 -22.77 3.66 -35.09
C GLU B 201 -22.26 3.81 -36.50
N THR B 202 -23.05 4.41 -37.39
CA THR B 202 -22.67 4.68 -38.77
C THR B 202 -22.81 6.18 -39.04
N ILE B 203 -22.20 6.63 -40.14
CA ILE B 203 -22.23 8.06 -40.43
C ILE B 203 -23.66 8.50 -40.77
N ARG B 204 -24.46 7.66 -41.41
CA ARG B 204 -25.81 8.12 -41.71
C ARG B 204 -26.68 8.13 -40.46
N GLU B 205 -26.36 7.28 -39.47
CA GLU B 205 -27.05 7.39 -38.18
C GLU B 205 -26.62 8.65 -37.43
N ALA B 206 -25.33 8.94 -37.41
CA ALA B 206 -24.87 10.16 -36.76
C ALA B 206 -25.45 11.39 -37.45
N LEU B 207 -25.49 11.38 -38.78
CA LEU B 207 -26.05 12.50 -39.51
C LEU B 207 -27.51 12.73 -39.16
N LYS B 208 -28.30 11.65 -39.08
CA LYS B 208 -29.71 11.79 -38.72
C LYS B 208 -29.87 12.36 -37.32
N ARG B 209 -29.07 11.87 -36.36
CA ARG B 209 -29.21 12.36 -34.99
C ARG B 209 -28.74 13.80 -34.82
N SER B 210 -27.99 14.32 -35.79
CA SER B 210 -27.43 15.66 -35.65
C SER B 210 -28.44 16.77 -35.93
N LYS B 211 -29.55 16.46 -36.61
CA LYS B 211 -30.49 17.50 -37.00
C LYS B 211 -31.04 18.25 -35.79
N GLU B 212 -31.24 17.54 -34.67
CA GLU B 212 -31.90 18.14 -33.51
C GLU B 212 -31.09 19.31 -32.97
N LEU B 213 -29.81 19.09 -32.67
CA LEU B 213 -29.01 20.20 -32.16
C LEU B 213 -28.62 21.17 -33.27
N GLU B 214 -28.53 20.71 -34.52
CA GLU B 214 -28.31 21.67 -35.61
C GLU B 214 -29.43 22.70 -35.68
N GLU B 215 -30.68 22.29 -35.46
CA GLU B 215 -31.78 23.25 -35.46
C GLU B 215 -31.65 24.27 -34.33
N LYS B 216 -30.96 23.92 -33.25
CA LYS B 216 -30.71 24.86 -32.16
C LYS B 216 -29.51 25.77 -32.41
N GLY B 217 -28.76 25.55 -33.47
CA GLY B 217 -27.61 26.38 -33.77
C GLY B 217 -26.26 25.72 -33.56
N PHE B 218 -26.23 24.44 -33.21
CA PHE B 218 -24.97 23.71 -33.18
C PHE B 218 -24.56 23.30 -34.60
N SER B 219 -23.28 22.95 -34.73
CA SER B 219 -22.75 22.32 -35.94
C SER B 219 -21.97 21.09 -35.52
N TYR B 220 -21.44 20.36 -36.50
CA TYR B 220 -20.82 19.08 -36.18
C TYR B 220 -19.52 18.90 -36.96
N SER B 221 -18.66 18.10 -36.36
CA SER B 221 -17.44 17.60 -37.00
C SER B 221 -17.35 16.12 -36.64
N TYR B 222 -17.44 15.24 -37.65
CA TYR B 222 -17.49 13.80 -37.40
C TYR B 222 -16.11 13.16 -37.38
N ASP B 223 -15.93 12.24 -36.46
CA ASP B 223 -14.70 11.46 -36.33
C ASP B 223 -15.03 9.99 -36.47
N MET B 224 -14.47 9.35 -37.50
CA MET B 224 -14.66 7.93 -37.68
C MET B 224 -13.72 7.21 -36.72
N LEU B 225 -14.30 6.60 -35.68
CA LEU B 225 -13.55 6.00 -34.59
C LEU B 225 -12.65 4.87 -35.07
N GLY B 226 -11.44 4.82 -34.51
CA GLY B 226 -10.51 3.74 -34.78
C GLY B 226 -9.17 4.04 -34.17
N GLU B 227 -8.32 3.02 -34.16
CA GLU B 227 -6.96 3.17 -33.68
C GLU B 227 -6.03 3.59 -34.83
N ALA B 228 -4.85 4.08 -34.47
CA ALA B 228 -3.83 4.37 -35.45
C ALA B 228 -3.54 3.13 -36.27
N ALA B 229 -3.13 3.34 -37.52
CA ALA B 229 -2.92 2.21 -38.43
C ALA B 229 -1.68 1.42 -38.00
N THR B 230 -1.83 0.10 -37.89
CA THR B 230 -0.73 -0.83 -37.66
C THR B 230 -0.18 -1.41 -38.95
N THR B 231 -1.06 -1.63 -39.92
CA THR B 231 -0.69 -2.27 -41.18
C THR B 231 -1.14 -1.39 -42.33
N ALA B 232 -0.62 -1.70 -43.52
CA ALA B 232 -1.08 -1.01 -44.71
C ALA B 232 -2.57 -1.20 -44.93
N ALA B 233 -3.07 -2.41 -44.63
CA ALA B 233 -4.49 -2.69 -44.82
C ALA B 233 -5.34 -1.86 -43.88
N ASP B 234 -4.88 -1.66 -42.63
CA ASP B 234 -5.57 -0.74 -41.72
C ASP B 234 -5.70 0.64 -42.34
N ALA B 235 -4.56 1.17 -42.81
CA ALA B 235 -4.52 2.54 -43.30
C ALA B 235 -5.42 2.70 -44.52
N GLU B 236 -5.42 1.71 -45.41
CA GLU B 236 -6.27 1.78 -46.58
C GLU B 236 -7.74 1.76 -46.18
N ARG B 237 -8.09 0.91 -45.22
CA ARG B 237 -9.47 0.87 -44.76
C ARG B 237 -9.89 2.20 -44.15
N TYR B 238 -9.06 2.78 -43.27
CA TYR B 238 -9.42 4.06 -42.66
C TYR B 238 -9.53 5.14 -43.71
N TYR B 239 -8.66 5.11 -44.73
CA TYR B 239 -8.82 6.04 -45.85
C TYR B 239 -10.19 5.90 -46.48
N ARG B 240 -10.59 4.67 -46.81
CA ARG B 240 -11.88 4.45 -47.45
C ARG B 240 -13.03 4.85 -46.53
N ASP B 241 -12.89 4.61 -45.22
CA ASP B 241 -13.95 4.99 -44.29
C ASP B 241 -14.09 6.52 -44.22
N TYR B 242 -12.96 7.24 -44.16
CA TYR B 242 -13.02 8.70 -44.24
C TYR B 242 -13.64 9.16 -45.55
N GLU B 243 -13.21 8.55 -46.67
CA GLU B 243 -13.75 8.92 -47.97
C GLU B 243 -15.26 8.75 -48.01
N SER B 244 -15.75 7.58 -47.56
CA SER B 244 -17.18 7.34 -47.53
CA SER B 244 -17.19 7.36 -47.54
CA SER B 244 -17.18 7.35 -47.53
C SER B 244 -17.89 8.36 -46.66
N ALA B 245 -17.31 8.68 -45.50
CA ALA B 245 -17.92 9.65 -44.60
C ALA B 245 -18.00 11.03 -45.23
N ILE B 246 -16.93 11.47 -45.90
CA ILE B 246 -16.94 12.78 -46.54
C ILE B 246 -18.07 12.88 -47.56
N HIS B 247 -18.29 11.82 -48.35
CA HIS B 247 -19.42 11.84 -49.28
C HIS B 247 -20.74 11.99 -48.54
N ALA B 248 -20.89 11.28 -47.41
CA ALA B 248 -22.16 11.35 -46.71
C ALA B 248 -22.33 12.70 -46.02
N ILE B 249 -21.25 13.17 -45.37
CA ILE B 249 -21.30 14.48 -44.72
C ILE B 249 -21.51 15.57 -45.75
N GLY B 250 -20.80 15.48 -46.88
CA GLY B 250 -20.91 16.51 -47.89
C GLY B 250 -22.31 16.60 -48.49
N LYS B 251 -22.95 15.45 -48.72
CA LYS B 251 -24.30 15.46 -49.24
C LYS B 251 -25.27 16.01 -48.21
N ALA B 252 -25.08 15.63 -46.94
CA ALA B 252 -25.90 16.19 -45.85
C ALA B 252 -25.71 17.70 -45.72
N SER B 253 -24.47 18.16 -45.87
CA SER B 253 -24.19 19.59 -45.80
C SER B 253 -25.05 20.37 -46.79
N ALA B 254 -25.19 19.86 -48.01
CA ALA B 254 -26.10 20.41 -49.01
C ALA B 254 -25.84 21.89 -49.24
N GLY B 255 -24.56 22.27 -49.28
CA GLY B 255 -24.19 23.63 -49.60
C GLY B 255 -24.24 24.62 -48.45
N ARG B 256 -24.39 24.15 -47.21
CA ARG B 256 -24.41 25.05 -46.07
C ARG B 256 -23.06 25.72 -45.82
N GLY B 257 -21.98 25.20 -46.40
CA GLY B 257 -20.67 25.79 -46.22
C GLY B 257 -19.97 25.36 -44.95
N ILE B 258 -18.74 25.86 -44.79
CA ILE B 258 -17.85 25.31 -43.77
C ILE B 258 -18.20 25.77 -42.36
N TYR B 259 -18.92 26.88 -42.20
CA TYR B 259 -19.23 27.40 -40.86
C TYR B 259 -20.57 26.88 -40.34
N GLU B 260 -21.63 26.93 -41.15
CA GLU B 260 -22.90 26.41 -40.71
C GLU B 260 -22.99 24.90 -40.87
N GLY B 261 -22.39 24.36 -41.94
CA GLY B 261 -22.52 22.95 -42.24
C GLY B 261 -21.50 22.09 -41.52
N PRO B 262 -21.73 20.78 -41.57
CA PRO B 262 -20.87 19.84 -40.86
C PRO B 262 -19.53 19.67 -41.56
N GLY B 263 -18.56 19.17 -40.80
CA GLY B 263 -17.27 18.83 -41.35
C GLY B 263 -16.79 17.48 -40.86
N ILE B 264 -15.56 17.12 -41.20
CA ILE B 264 -14.97 15.87 -40.77
C ILE B 264 -13.65 16.17 -40.09
N SER B 265 -13.27 15.33 -39.14
CA SER B 265 -11.97 15.38 -38.47
C SER B 265 -11.23 14.09 -38.75
N ILE B 266 -9.94 14.18 -39.05
CA ILE B 266 -9.15 13.00 -39.39
C ILE B 266 -7.90 12.97 -38.52
N LYS B 267 -7.38 11.76 -38.30
CA LYS B 267 -6.10 11.56 -37.65
C LYS B 267 -5.10 11.05 -38.66
N LEU B 268 -3.97 11.74 -38.80
CA LEU B 268 -2.97 11.31 -39.78
C LEU B 268 -2.42 9.92 -39.45
N SER B 269 -2.31 9.57 -38.16
CA SER B 269 -1.83 8.23 -37.83
C SER B 269 -2.77 7.12 -38.28
N ALA B 270 -4.03 7.44 -38.58
CA ALA B 270 -4.93 6.44 -39.16
C ALA B 270 -4.60 6.14 -40.61
N LEU B 271 -3.91 7.05 -41.28
CA LEU B 271 -3.79 6.98 -42.72
C LEU B 271 -2.46 6.43 -43.19
N HIS B 272 -1.56 6.11 -42.25
CA HIS B 272 -0.30 5.49 -42.64
C HIS B 272 0.24 4.74 -41.43
N PRO B 273 0.78 3.53 -41.61
CA PRO B 273 1.26 2.75 -40.48
C PRO B 273 2.61 3.21 -39.93
N ARG B 274 3.32 4.09 -40.63
CA ARG B 274 4.61 4.60 -40.18
C ARG B 274 4.59 6.12 -40.18
N TYR B 275 3.61 6.70 -39.49
CA TYR B 275 3.49 8.15 -39.40
C TYR B 275 4.46 8.64 -38.32
N SER B 276 5.67 9.00 -38.74
CA SER B 276 6.69 9.42 -37.79
C SER B 276 7.80 10.20 -38.51
N ARG B 277 8.49 11.05 -37.75
CA ARG B 277 9.59 11.81 -38.31
C ARG B 277 10.65 10.88 -38.87
N ALA B 278 10.86 9.72 -38.25
CA ALA B 278 11.85 8.78 -38.75
C ALA B 278 11.50 8.28 -40.15
N GLN B 279 10.23 8.34 -40.55
CA GLN B 279 9.82 7.88 -41.87
C GLN B 279 9.24 9.04 -42.68
N ALA B 280 9.81 10.23 -42.51
CA ALA B 280 9.26 11.43 -43.12
C ALA B 280 9.13 11.30 -44.63
N ALA B 281 10.11 10.68 -45.28
CA ALA B 281 10.02 10.53 -46.72
C ALA B 281 8.79 9.72 -47.12
N ARG B 282 8.53 8.63 -46.40
CA ARG B 282 7.35 7.84 -46.71
C ARG B 282 6.08 8.62 -46.37
N VAL B 283 6.11 9.40 -45.29
CA VAL B 283 4.94 10.20 -44.94
C VAL B 283 4.60 11.18 -46.05
N MET B 284 5.60 11.91 -46.55
CA MET B 284 5.33 12.88 -47.61
C MET B 284 4.99 12.20 -48.93
N GLY B 285 5.55 11.01 -49.18
CA GLY B 285 5.30 10.36 -50.45
C GLY B 285 4.03 9.55 -50.48
N GLU B 286 3.60 9.03 -49.34
CA GLU B 286 2.48 8.09 -49.30
C GLU B 286 1.28 8.60 -48.50
N LEU B 287 1.52 9.22 -47.35
CA LEU B 287 0.42 9.73 -46.53
C LEU B 287 -0.14 11.01 -47.13
N LEU B 288 0.72 11.96 -47.47
CA LEU B 288 0.25 13.24 -47.97
C LEU B 288 -0.69 13.11 -49.18
N PRO B 289 -0.42 12.27 -50.19
CA PRO B 289 -1.40 12.14 -51.28
C PRO B 289 -2.77 11.68 -50.82
N ARG B 290 -2.83 10.83 -49.79
CA ARG B 290 -4.13 10.40 -49.28
CA ARG B 290 -4.13 10.40 -49.28
C ARG B 290 -4.88 11.55 -48.62
N VAL B 291 -4.18 12.35 -47.80
CA VAL B 291 -4.83 13.49 -47.18
C VAL B 291 -5.27 14.49 -48.25
N LYS B 292 -4.43 14.68 -49.27
CA LYS B 292 -4.82 15.61 -50.35
C LYS B 292 -6.10 15.16 -51.03
N ALA B 293 -6.21 13.86 -51.31
CA ALA B 293 -7.40 13.34 -51.97
C ALA B 293 -8.64 13.58 -51.12
N LEU B 294 -8.52 13.36 -49.81
CA LEU B 294 -9.63 13.61 -48.89
C LEU B 294 -9.97 15.08 -48.83
N ALA B 295 -8.94 15.92 -48.73
CA ALA B 295 -9.17 17.37 -48.75
C ALA B 295 -9.86 17.79 -50.04
N LEU B 296 -9.49 17.18 -51.17
CA LEU B 296 -10.11 17.56 -52.43
C LEU B 296 -11.58 17.20 -52.46
N LEU B 297 -11.95 16.07 -51.87
CA LEU B 297 -13.36 15.73 -51.70
C LEU B 297 -14.07 16.72 -50.79
N ALA B 298 -13.43 17.08 -49.66
CA ALA B 298 -14.03 18.06 -48.76
C ALA B 298 -14.23 19.39 -49.46
N LYS B 299 -13.25 19.81 -50.27
CA LYS B 299 -13.40 21.04 -51.03
C LYS B 299 -14.59 20.97 -51.98
N ASN B 300 -14.74 19.85 -52.69
CA ASN B 300 -15.82 19.75 -53.65
C ASN B 300 -17.18 19.88 -52.99
N TYR B 301 -17.30 19.43 -51.74
CA TYR B 301 -18.55 19.57 -51.00
C TYR B 301 -18.60 20.85 -50.18
N ASP B 302 -17.50 21.58 -50.13
CA ASP B 302 -17.34 22.77 -49.29
C ASP B 302 -17.72 22.48 -47.84
N ILE B 303 -17.07 21.45 -47.27
CA ILE B 303 -17.15 21.15 -45.85
C ILE B 303 -15.77 21.36 -45.24
N GLY B 304 -15.74 21.44 -43.91
CA GLY B 304 -14.47 21.53 -43.21
C GLY B 304 -13.81 20.16 -43.08
N LEU B 305 -12.48 20.15 -43.19
CA LEU B 305 -11.70 18.95 -42.91
C LEU B 305 -10.61 19.34 -41.93
N ASN B 306 -10.64 18.71 -40.75
CA ASN B 306 -9.77 19.09 -39.64
C ASN B 306 -8.75 17.99 -39.37
N ILE B 307 -7.49 18.36 -39.25
CA ILE B 307 -6.43 17.42 -38.91
C ILE B 307 -6.24 17.43 -37.40
N ASP B 308 -6.63 16.33 -36.74
CA ASP B 308 -6.50 16.20 -35.30
C ASP B 308 -5.04 16.24 -34.88
N ALA B 309 -4.77 16.78 -33.70
CA ALA B 309 -3.41 16.83 -33.19
C ALA B 309 -3.15 15.62 -32.30
N GLU B 310 -1.95 15.05 -32.41
CA GLU B 310 -1.65 13.81 -31.72
C GLU B 310 -0.45 14.00 -30.79
N GLU B 311 0.47 13.04 -30.75
CA GLU B 311 1.61 13.12 -29.82
C GLU B 311 2.53 14.28 -30.18
N ALA B 312 3.29 14.74 -29.19
CA ALA B 312 4.16 15.88 -29.39
C ALA B 312 5.17 15.65 -30.50
N ASP B 313 5.64 14.41 -30.67
CA ASP B 313 6.67 14.16 -31.68
C ASP B 313 6.10 14.06 -33.10
N ARG B 314 4.79 14.28 -33.27
CA ARG B 314 4.20 14.36 -34.59
C ARG B 314 3.80 15.78 -34.98
N LEU B 315 3.93 16.74 -34.06
CA LEU B 315 3.45 18.10 -34.32
C LEU B 315 4.14 18.71 -35.52
N GLU B 316 5.47 18.80 -35.50
CA GLU B 316 6.13 19.56 -36.54
C GLU B 316 6.07 18.82 -37.87
N LEU B 317 6.11 17.48 -37.83
CA LEU B 317 5.91 16.70 -39.04
C LEU B 317 4.57 17.03 -39.68
N SER B 318 3.51 17.17 -38.88
CA SER B 318 2.20 17.47 -39.47
C SER B 318 2.20 18.83 -40.14
N LEU B 319 3.04 19.77 -39.68
CA LEU B 319 3.10 21.09 -40.32
C LEU B 319 3.60 21.01 -41.75
N ASP B 320 4.47 20.04 -42.05
CA ASP B 320 4.94 19.90 -43.43
C ASP B 320 3.82 19.45 -44.34
N LEU B 321 2.87 18.66 -43.84
CA LEU B 321 1.71 18.33 -44.65
C LEU B 321 0.79 19.54 -44.80
N LEU B 322 0.54 20.27 -43.71
CA LEU B 322 -0.32 21.44 -43.78
C LEU B 322 0.22 22.46 -44.77
N GLU B 323 1.55 22.64 -44.79
CA GLU B 323 2.18 23.55 -45.73
C GLU B 323 1.84 23.18 -47.16
N VAL B 324 2.02 21.92 -47.53
CA VAL B 324 1.78 21.48 -48.91
C VAL B 324 0.31 21.63 -49.27
N LEU B 325 -0.59 21.25 -48.36
CA LEU B 325 -2.02 21.35 -48.66
C LEU B 325 -2.45 22.79 -48.88
N CYS B 326 -1.98 23.71 -48.04
CA CYS B 326 -2.39 25.11 -48.20
C CYS B 326 -1.84 25.75 -49.47
N LEU B 327 -0.74 25.24 -50.01
CA LEU B 327 -0.19 25.76 -51.25
C LEU B 327 -0.66 24.98 -52.48
N ASP B 328 -1.51 23.98 -52.31
CA ASP B 328 -1.97 23.14 -53.41
C ASP B 328 -3.07 23.87 -54.18
N GLY B 329 -2.79 24.19 -55.44
CA GLY B 329 -3.76 24.90 -56.26
C GLY B 329 -5.07 24.14 -56.47
N ASP B 330 -5.03 22.81 -56.44
CA ASP B 330 -6.27 22.04 -56.56
C ASP B 330 -7.27 22.40 -55.47
N LEU B 331 -6.78 22.89 -54.32
CA LEU B 331 -7.63 23.28 -53.20
C LEU B 331 -7.93 24.78 -53.18
N SER B 332 -7.58 25.49 -54.25
CA SER B 332 -7.71 26.93 -54.29
C SER B 332 -9.14 27.37 -54.02
N GLY B 333 -9.30 28.36 -53.14
CA GLY B 333 -10.60 28.92 -52.85
C GLY B 333 -11.34 28.24 -51.72
N TRP B 334 -10.84 27.13 -51.21
CA TRP B 334 -11.49 26.37 -50.15
C TRP B 334 -10.88 26.75 -48.81
N ASN B 335 -11.71 27.24 -47.89
CA ASN B 335 -11.24 27.64 -46.58
C ASN B 335 -11.61 26.63 -45.51
N GLY B 336 -11.93 25.40 -45.90
CA GLY B 336 -12.29 24.38 -44.94
C GLY B 336 -11.16 23.61 -44.32
N MET B 337 -9.92 23.86 -44.74
CA MET B 337 -8.80 23.16 -44.12
C MET B 337 -8.68 23.56 -42.66
N GLY B 338 -8.71 22.57 -41.77
CA GLY B 338 -8.63 22.80 -40.35
C GLY B 338 -7.42 22.15 -39.70
N PHE B 339 -6.98 22.68 -38.56
CA PHE B 339 -5.78 22.16 -37.94
C PHE B 339 -5.84 22.40 -36.45
N VAL B 340 -5.59 21.36 -35.67
CA VAL B 340 -5.65 21.44 -34.22
C VAL B 340 -4.28 21.83 -33.69
N VAL B 341 -4.27 22.72 -32.69
CA VAL B 341 -3.06 23.02 -31.94
CA VAL B 341 -3.06 23.02 -31.94
C VAL B 341 -3.37 22.87 -30.46
N GLN B 342 -2.42 22.29 -29.72
CA GLN B 342 -2.63 21.91 -28.33
C GLN B 342 -1.97 22.92 -27.41
N ALA B 343 -2.79 23.58 -26.58
CA ALA B 343 -2.27 24.66 -25.74
C ALA B 343 -1.41 24.15 -24.59
N TYR B 344 -1.50 22.86 -24.24
CA TYR B 344 -0.57 22.37 -23.22
C TYR B 344 0.84 22.23 -23.77
N GLY B 345 1.05 22.44 -25.07
CA GLY B 345 2.37 22.31 -25.66
C GLY B 345 3.12 23.64 -25.61
N LYS B 346 4.42 23.54 -25.29
CA LYS B 346 5.26 24.71 -25.18
C LYS B 346 5.46 25.43 -26.51
N ARG B 347 5.27 24.74 -27.63
CA ARG B 347 5.44 25.35 -28.93
C ARG B 347 4.19 26.04 -29.45
N CYS B 348 3.06 25.93 -28.73
CA CYS B 348 1.76 26.35 -29.25
C CYS B 348 1.73 27.77 -29.82
N PRO B 349 2.20 28.81 -29.12
CA PRO B 349 2.10 30.15 -29.73
C PRO B 349 2.96 30.29 -30.97
N PHE B 350 4.12 29.62 -31.01
CA PHE B 350 4.97 29.67 -32.19
C PHE B 350 4.36 28.90 -33.35
N VAL B 351 3.70 27.76 -33.05
CA VAL B 351 2.95 27.05 -34.09
C VAL B 351 1.84 27.95 -34.65
N LEU B 352 1.13 28.67 -33.78
CA LEU B 352 0.11 29.58 -34.26
C LEU B 352 0.71 30.68 -35.14
N ASP B 353 1.87 31.22 -34.75
CA ASP B 353 2.55 32.19 -35.61
C ASP B 353 2.79 31.61 -36.99
N PHE B 354 3.28 30.37 -37.03
CA PHE B 354 3.55 29.72 -38.32
C PHE B 354 2.27 29.55 -39.12
N ILE B 355 1.19 29.13 -38.47
CA ILE B 355 -0.07 28.88 -39.17
C ILE B 355 -0.67 30.19 -39.68
N ILE B 356 -0.66 31.23 -38.86
CA ILE B 356 -1.23 32.50 -39.28
C ILE B 356 -0.45 33.04 -40.47
N ASP B 357 0.88 32.92 -40.42
CA ASP B 357 1.70 33.32 -41.56
C ASP B 357 1.38 32.49 -42.80
N LEU B 358 1.25 31.17 -42.63
CA LEU B 358 0.91 30.31 -43.77
C LEU B 358 -0.43 30.70 -44.38
N ALA B 359 -1.42 30.99 -43.53
CA ALA B 359 -2.71 31.44 -44.04
C ALA B 359 -2.57 32.74 -44.82
N ARG B 360 -1.80 33.69 -44.27
CA ARG B 360 -1.65 34.98 -44.94
C ARG B 360 -1.00 34.81 -46.31
N ARG B 361 0.05 34.00 -46.40
CA ARG B 361 0.74 33.90 -47.68
C ARG B 361 0.07 32.94 -48.65
N SER B 362 -0.76 32.01 -48.18
CA SER B 362 -1.41 31.07 -49.08
C SER B 362 -2.80 31.51 -49.53
N GLY B 363 -3.36 32.55 -48.94
CA GLY B 363 -4.72 32.92 -49.30
C GLY B 363 -5.76 31.92 -48.85
N ARG B 364 -5.49 31.20 -47.78
CA ARG B 364 -6.41 30.24 -47.20
C ARG B 364 -6.74 30.71 -45.80
N ARG B 365 -8.03 30.88 -45.51
CA ARG B 365 -8.42 31.09 -44.12
C ARG B 365 -8.42 29.74 -43.43
N ILE B 366 -7.40 29.49 -42.62
CA ILE B 366 -7.24 28.19 -41.99
C ILE B 366 -8.11 28.13 -40.75
N MET B 367 -8.87 27.06 -40.60
CA MET B 367 -9.63 26.82 -39.37
C MET B 367 -8.68 26.24 -38.33
N VAL B 368 -8.59 26.87 -37.17
CA VAL B 368 -7.64 26.47 -36.14
C VAL B 368 -8.43 26.04 -34.92
N ARG B 369 -8.39 24.75 -34.61
CA ARG B 369 -9.04 24.24 -33.41
C ARG B 369 -8.03 24.30 -32.28
N LEU B 370 -8.26 25.17 -31.32
CA LEU B 370 -7.39 25.30 -30.16
C LEU B 370 -7.93 24.39 -29.07
N VAL B 371 -7.17 23.35 -28.73
CA VAL B 371 -7.50 22.44 -27.65
C VAL B 371 -6.44 22.57 -26.58
N LYS B 372 -6.73 21.99 -25.41
CA LYS B 372 -5.67 21.95 -24.40
C LYS B 372 -4.68 20.79 -24.66
N GLY B 373 -5.19 19.58 -24.88
CA GLY B 373 -4.32 18.47 -25.26
C GLY B 373 -4.74 17.17 -24.62
N ALA B 374 -4.75 16.06 -25.38
CA ALA B 374 -5.33 14.81 -24.92
C ALA B 374 -4.30 13.76 -24.49
N TYR B 375 -3.01 14.07 -24.54
CA TYR B 375 -1.99 13.04 -24.32
C TYR B 375 -1.11 13.33 -23.12
N TRP B 376 -1.60 14.09 -22.14
CA TRP B 376 -0.70 14.65 -21.14
C TRP B 376 0.07 13.58 -20.37
N ASP B 377 -0.64 12.59 -19.79
CA ASP B 377 0.08 11.60 -19.01
CA ASP B 377 0.01 11.52 -19.04
C ASP B 377 1.08 10.83 -19.87
N ALA B 378 0.74 10.55 -21.13
CA ALA B 378 1.67 9.85 -22.01
C ALA B 378 2.89 10.71 -22.31
N GLU B 379 2.70 12.02 -22.44
CA GLU B 379 3.85 12.86 -22.75
C GLU B 379 4.81 12.95 -21.56
N ILE B 380 4.26 12.95 -20.33
CA ILE B 380 5.14 12.95 -19.16
C ILE B 380 5.98 11.67 -19.14
N LYS B 381 5.32 10.52 -19.31
CA LYS B 381 6.02 9.26 -19.26
C LYS B 381 7.07 9.17 -20.36
N ARG B 382 6.71 9.59 -21.57
CA ARG B 382 7.62 9.46 -22.72
C ARG B 382 8.89 10.26 -22.48
N ALA B 383 8.76 11.51 -22.03
CA ALA B 383 9.94 12.34 -21.82
C ALA B 383 10.84 11.76 -20.73
N GLN B 384 10.23 11.18 -19.70
CA GLN B 384 11.02 10.55 -18.65
C GLN B 384 11.74 9.32 -19.16
N LEU B 385 11.02 8.45 -19.89
CA LEU B 385 11.63 7.25 -20.47
C LEU B 385 12.81 7.62 -21.36
N ASP B 386 12.65 8.68 -22.14
CA ASP B 386 13.66 9.00 -23.15
C ASP B 386 14.76 9.88 -22.60
N GLY B 387 14.71 10.25 -21.32
CA GLY B 387 15.78 11.05 -20.72
C GLY B 387 15.97 12.39 -21.39
N LEU B 388 14.89 13.05 -21.78
CA LEU B 388 15.08 14.26 -22.56
C LEU B 388 15.15 15.48 -21.64
N ALA B 389 15.48 16.62 -22.25
CA ALA B 389 15.88 17.78 -21.45
C ALA B 389 14.74 18.29 -20.58
N ASP B 390 13.52 18.22 -21.10
CA ASP B 390 12.36 18.71 -20.38
C ASP B 390 11.15 18.08 -21.04
N PHE B 391 9.98 18.39 -20.53
CA PHE B 391 8.75 17.95 -21.15
C PHE B 391 8.38 18.85 -22.32
N PRO B 392 7.66 18.33 -23.32
CA PRO B 392 7.13 19.18 -24.38
C PRO B 392 5.76 19.76 -24.07
N VAL B 393 5.27 19.50 -22.86
CA VAL B 393 4.00 20.03 -22.38
C VAL B 393 4.25 20.62 -21.00
N PHE B 394 3.32 21.48 -20.58
CA PHE B 394 3.39 22.00 -19.23
C PHE B 394 3.11 20.89 -18.20
N THR B 395 3.55 21.13 -16.96
CA THR B 395 3.34 20.16 -15.88
C THR B 395 2.35 20.66 -14.82
N ARG B 396 2.00 21.93 -14.82
CA ARG B 396 0.90 22.43 -13.99
C ARG B 396 -0.28 22.73 -14.89
N LYS B 397 -1.47 22.27 -14.47
CA LYS B 397 -2.65 22.47 -15.31
C LYS B 397 -2.97 23.95 -15.49
N ILE B 398 -2.72 24.78 -14.47
CA ILE B 398 -2.98 26.20 -14.65
C ILE B 398 -2.11 26.79 -15.75
N HIS B 399 -0.93 26.22 -15.99
CA HIS B 399 -0.09 26.74 -17.07
C HIS B 399 -0.74 26.51 -18.43
N THR B 400 -1.31 25.32 -18.63
CA THR B 400 -2.04 25.05 -19.86
C THR B 400 -3.19 26.03 -20.02
N ASP B 401 -3.91 26.33 -18.94
CA ASP B 401 -5.01 27.28 -19.01
C ASP B 401 -4.52 28.66 -19.43
N VAL B 402 -3.41 29.11 -18.86
CA VAL B 402 -2.86 30.40 -19.25
C VAL B 402 -2.41 30.37 -20.70
N SER B 403 -1.75 29.28 -21.09
CA SER B 403 -1.33 29.12 -22.48
C SER B 403 -2.51 29.21 -23.42
N TYR B 404 -3.62 28.59 -23.04
CA TYR B 404 -4.82 28.57 -23.88
C TYR B 404 -5.37 29.97 -24.09
N ILE B 405 -5.48 30.74 -23.01
CA ILE B 405 -6.04 32.09 -23.09
C ILE B 405 -5.10 33.01 -23.89
N ALA B 406 -3.79 32.89 -23.67
CA ALA B 406 -2.83 33.66 -24.47
C ALA B 406 -2.95 33.32 -25.94
N CYS B 407 -3.09 32.04 -26.27
CA CYS B 407 -3.17 31.65 -27.67
C CYS B 407 -4.52 32.05 -28.26
N ALA B 408 -5.57 32.05 -27.45
CA ALA B 408 -6.83 32.63 -27.90
C ALA B 408 -6.67 34.10 -28.27
N ALA B 409 -5.90 34.87 -27.49
CA ALA B 409 -5.69 36.28 -27.83
C ALA B 409 -5.01 36.41 -29.19
N LYS B 410 -4.04 35.54 -29.48
CA LYS B 410 -3.33 35.59 -30.76
C LYS B 410 -4.27 35.26 -31.91
N LEU B 411 -5.06 34.20 -31.76
CA LEU B 411 -5.99 33.80 -32.82
C LEU B 411 -7.01 34.88 -33.10
N LEU B 412 -7.58 35.47 -32.05
CA LEU B 412 -8.58 36.51 -32.19
C LEU B 412 -8.07 37.76 -32.89
N ALA B 413 -6.77 38.02 -32.87
CA ALA B 413 -6.24 39.17 -33.59
C ALA B 413 -5.94 38.88 -35.05
N ALA B 414 -6.17 37.64 -35.51
CA ALA B 414 -5.87 37.25 -36.89
C ALA B 414 -7.09 36.65 -37.58
N THR B 415 -8.31 37.03 -37.16
CA THR B 415 -9.50 36.39 -37.71
C THR B 415 -9.71 36.64 -39.20
N ASP B 416 -8.99 37.59 -39.80
CA ASP B 416 -9.10 37.76 -41.23
C ASP B 416 -8.43 36.63 -42.00
N VAL B 417 -7.46 35.94 -41.40
CA VAL B 417 -6.78 34.84 -42.08
C VAL B 417 -6.92 33.50 -41.38
N VAL B 418 -7.44 33.45 -40.16
CA VAL B 418 -7.72 32.19 -39.50
C VAL B 418 -9.09 32.24 -38.85
N PHE B 419 -9.76 31.08 -38.84
CA PHE B 419 -11.05 30.91 -38.17
C PHE B 419 -10.80 30.22 -36.84
N PRO B 420 -10.79 30.95 -35.72
CA PRO B 420 -10.49 30.32 -34.43
C PRO B 420 -11.65 29.48 -33.93
N GLN B 421 -11.31 28.29 -33.43
CA GLN B 421 -12.29 27.33 -32.94
C GLN B 421 -11.87 26.93 -31.53
N PHE B 422 -12.58 27.43 -30.52
CA PHE B 422 -12.13 27.27 -29.15
C PHE B 422 -12.77 26.03 -28.55
N ALA B 423 -12.04 24.92 -28.59
CA ALA B 423 -12.53 23.62 -28.16
C ALA B 423 -12.23 23.45 -26.69
N THR B 424 -13.25 23.60 -25.84
CA THR B 424 -13.05 23.44 -24.40
C THR B 424 -14.40 23.24 -23.74
N HIS B 425 -14.39 22.49 -22.64
CA HIS B 425 -15.56 22.32 -21.79
C HIS B 425 -15.49 23.16 -20.53
N ASN B 426 -14.45 23.99 -20.40
CA ASN B 426 -14.17 24.75 -19.18
C ASN B 426 -14.88 26.10 -19.25
N ALA B 427 -15.85 26.31 -18.35
CA ALA B 427 -16.67 27.52 -18.40
C ALA B 427 -15.84 28.77 -18.13
N GLN B 428 -14.81 28.66 -17.28
CA GLN B 428 -13.94 29.81 -17.03
C GLN B 428 -13.16 30.17 -18.28
N THR B 429 -12.59 29.17 -18.95
CA THR B 429 -11.92 29.41 -20.22
C THR B 429 -12.86 30.04 -21.24
N LEU B 430 -14.04 29.43 -21.42
CA LEU B 430 -15.03 29.94 -22.36
C LEU B 430 -15.36 31.40 -22.07
N ALA B 431 -15.63 31.72 -20.81
CA ALA B 431 -16.02 33.08 -20.45
C ALA B 431 -14.92 34.08 -20.77
N ALA B 432 -13.66 33.74 -20.45
CA ALA B 432 -12.57 34.67 -20.71
C ALA B 432 -12.46 34.99 -22.19
N ILE B 433 -12.63 33.98 -23.04
CA ILE B 433 -12.56 34.20 -24.48
C ILE B 433 -13.79 34.93 -24.98
N TYR B 434 -14.96 34.57 -24.45
CA TYR B 434 -16.20 35.23 -24.84
C TYR B 434 -16.07 36.74 -24.67
N HIS B 435 -15.49 37.20 -23.56
CA HIS B 435 -15.36 38.63 -23.35
C HIS B 435 -14.15 39.20 -24.07
N MET B 436 -13.06 38.45 -24.18
CA MET B 436 -11.89 38.90 -24.92
C MET B 436 -12.23 39.20 -26.37
N ALA B 437 -13.17 38.43 -26.96
CA ALA B 437 -13.49 38.58 -28.37
C ALA B 437 -14.31 39.84 -28.66
N GLY B 438 -15.00 40.39 -27.67
CA GLY B 438 -15.75 41.61 -27.87
C GLY B 438 -17.15 41.38 -28.42
N LYS B 439 -17.81 42.50 -28.72
CA LYS B 439 -19.22 42.47 -29.08
C LYS B 439 -19.48 42.42 -30.58
N ASP B 440 -18.48 42.69 -31.41
CA ASP B 440 -18.64 42.61 -32.86
C ASP B 440 -18.55 41.14 -33.26
N PHE B 441 -19.69 40.45 -33.30
CA PHE B 441 -19.70 39.05 -33.67
C PHE B 441 -20.59 38.78 -34.87
N HIS B 442 -20.07 37.96 -35.80
CA HIS B 442 -20.85 37.37 -36.86
C HIS B 442 -20.39 35.92 -37.01
N VAL B 443 -21.32 35.04 -37.36
CA VAL B 443 -20.96 33.65 -37.62
C VAL B 443 -19.89 33.63 -38.70
N GLY B 444 -18.83 32.86 -38.45
CA GLY B 444 -17.67 32.87 -39.30
C GLY B 444 -16.49 33.64 -38.73
N LYS B 445 -16.72 34.44 -37.68
CA LYS B 445 -15.61 35.11 -37.03
C LYS B 445 -14.78 34.13 -36.21
N TYR B 446 -15.42 33.50 -35.23
CA TYR B 446 -14.84 32.37 -34.51
C TYR B 446 -16.00 31.49 -34.05
N GLU B 447 -15.67 30.36 -33.43
CA GLU B 447 -16.69 29.51 -32.83
C GLU B 447 -16.10 28.79 -31.63
N PHE B 448 -16.98 28.23 -30.81
CA PHE B 448 -16.58 27.29 -29.78
C PHE B 448 -16.76 25.86 -30.29
N GLN B 449 -16.18 24.91 -29.57
CA GLN B 449 -16.33 23.49 -29.90
C GLN B 449 -16.37 22.67 -28.62
N CYS B 450 -17.02 21.51 -28.72
CA CYS B 450 -17.12 20.59 -27.59
C CYS B 450 -17.21 19.16 -28.11
N LEU B 451 -17.08 18.21 -27.19
CA LEU B 451 -17.21 16.80 -27.52
C LEU B 451 -18.64 16.35 -27.33
N HIS B 452 -19.11 15.48 -28.23
CA HIS B 452 -20.44 14.91 -28.13
C HIS B 452 -20.67 14.27 -26.77
N GLY B 453 -21.84 14.53 -26.19
CA GLY B 453 -22.21 13.94 -24.92
C GLY B 453 -21.58 14.58 -23.71
N MET B 454 -20.49 15.32 -23.88
CA MET B 454 -19.80 15.97 -22.78
C MET B 454 -19.99 17.49 -22.76
N GLY B 455 -20.29 18.10 -23.90
CA GLY B 455 -20.29 19.54 -23.98
C GLY B 455 -21.65 20.22 -24.07
N GLU B 456 -22.69 19.45 -24.36
CA GLU B 456 -24.00 20.04 -24.63
C GLU B 456 -24.59 20.74 -23.40
N PRO B 457 -24.51 20.18 -22.18
CA PRO B 457 -25.01 20.93 -21.02
C PRO B 457 -24.42 22.33 -20.90
N LEU B 458 -23.11 22.49 -21.14
CA LEU B 458 -22.52 23.82 -21.08
C LEU B 458 -22.95 24.67 -22.27
N TYR B 459 -22.87 24.09 -23.48
CA TYR B 459 -23.05 24.92 -24.66
C TYR B 459 -24.50 25.21 -24.98
N GLU B 460 -25.44 24.47 -24.40
CA GLU B 460 -26.81 24.93 -24.56
C GLU B 460 -27.06 26.23 -23.80
N GLU B 461 -26.15 26.60 -22.89
CA GLU B 461 -26.14 27.91 -22.25
C GLU B 461 -25.35 28.95 -23.05
N VAL B 462 -24.89 28.59 -24.25
CA VAL B 462 -24.05 29.45 -25.07
C VAL B 462 -24.68 29.70 -26.44
N VAL B 463 -25.11 28.63 -27.10
CA VAL B 463 -25.71 28.75 -28.43
C VAL B 463 -27.09 29.37 -28.31
N GLY B 464 -27.40 30.29 -29.21
CA GLY B 464 -28.74 30.80 -29.37
C GLY B 464 -28.88 32.24 -28.92
N ARG B 465 -29.89 32.91 -29.48
CA ARG B 465 -30.14 34.31 -29.14
C ARG B 465 -30.54 34.47 -27.67
N GLY B 466 -31.11 33.44 -27.07
CA GLY B 466 -31.48 33.44 -25.67
C GLY B 466 -30.35 33.15 -24.70
N LYS B 467 -29.16 32.83 -25.22
CA LYS B 467 -28.00 32.59 -24.38
C LYS B 467 -26.88 33.55 -24.77
N LEU B 468 -25.69 33.04 -25.11
CA LEU B 468 -24.59 33.92 -25.48
C LEU B 468 -24.54 34.21 -26.97
N ASP B 469 -25.39 33.56 -27.77
CA ASP B 469 -25.46 33.77 -29.21
C ASP B 469 -24.09 33.52 -29.85
N ARG B 470 -23.44 32.44 -29.44
CA ARG B 470 -22.16 32.02 -29.97
C ARG B 470 -22.27 30.58 -30.43
N PRO B 471 -21.79 30.25 -31.62
CA PRO B 471 -21.95 28.89 -32.15
C PRO B 471 -21.00 27.90 -31.50
N CYS B 472 -21.40 26.63 -31.56
CA CYS B 472 -20.59 25.55 -31.03
C CYS B 472 -20.64 24.37 -32.00
N ARG B 473 -19.46 23.87 -32.36
CA ARG B 473 -19.33 22.70 -33.21
C ARG B 473 -19.07 21.49 -32.33
N ILE B 474 -19.90 20.46 -32.48
CA ILE B 474 -19.81 19.25 -31.67
C ILE B 474 -18.92 18.22 -32.38
N TYR B 475 -17.88 17.78 -31.70
CA TYR B 475 -17.02 16.71 -32.20
C TYR B 475 -17.74 15.39 -31.98
N ALA B 476 -18.07 14.71 -33.06
CA ALA B 476 -19.02 13.60 -32.99
C ALA B 476 -18.33 12.30 -33.36
N PRO B 477 -18.05 11.42 -32.41
CA PRO B 477 -17.46 10.13 -32.76
C PRO B 477 -18.50 9.24 -33.41
N VAL B 478 -18.06 8.48 -34.40
CA VAL B 478 -18.94 7.59 -35.15
C VAL B 478 -18.24 6.24 -35.21
N GLY B 479 -18.93 5.20 -34.76
CA GLY B 479 -18.35 3.87 -34.81
C GLY B 479 -19.12 2.89 -33.98
N THR B 480 -18.62 1.65 -33.99
CA THR B 480 -19.20 0.54 -33.25
C THR B 480 -18.78 0.59 -31.78
N HIS B 481 -19.40 -0.29 -30.98
CA HIS B 481 -19.05 -0.41 -29.58
C HIS B 481 -17.56 -0.70 -29.41
N GLU B 482 -17.04 -1.66 -30.19
CA GLU B 482 -15.64 -2.06 -30.05
C GLU B 482 -14.68 -0.90 -30.30
N THR B 483 -15.02 -0.03 -31.24
CA THR B 483 -14.14 1.09 -31.59
C THR B 483 -14.23 2.24 -30.60
N LEU B 484 -15.28 2.28 -29.76
CA LEU B 484 -15.47 3.38 -28.83
C LEU B 484 -14.62 3.25 -27.58
N LEU B 485 -14.09 2.06 -27.29
CA LEU B 485 -13.45 1.81 -26.00
C LEU B 485 -12.24 2.72 -25.79
N ALA B 486 -11.36 2.82 -26.78
CA ALA B 486 -10.14 3.60 -26.61
C ALA B 486 -10.44 5.07 -26.45
N TYR B 487 -11.35 5.61 -27.27
CA TYR B 487 -11.77 7.00 -27.14
C TYR B 487 -12.42 7.25 -25.78
N LEU B 488 -13.22 6.29 -25.31
CA LEU B 488 -13.99 6.49 -24.08
C LEU B 488 -13.09 6.57 -22.86
N VAL B 489 -12.04 5.73 -22.82
CA VAL B 489 -11.15 5.72 -21.67
C VAL B 489 -10.51 7.09 -21.49
N ARG B 490 -10.02 7.68 -22.60
CA ARG B 490 -9.35 8.98 -22.51
C ARG B 490 -10.33 10.06 -22.05
N ARG B 491 -11.57 10.01 -22.54
CA ARG B 491 -12.56 11.04 -22.22
C ARG B 491 -12.90 11.03 -20.73
N LEU B 492 -13.16 9.84 -20.18
CA LEU B 492 -13.53 9.77 -18.76
C LEU B 492 -12.31 9.89 -17.86
N LEU B 493 -11.14 9.39 -18.29
CA LEU B 493 -9.91 9.63 -17.55
C LEU B 493 -9.63 11.13 -17.45
N GLU B 494 -9.88 11.86 -18.53
CA GLU B 494 -9.79 13.32 -18.53
C GLU B 494 -10.76 13.91 -17.50
N ASN B 495 -12.04 13.55 -17.58
CA ASN B 495 -13.06 14.15 -16.74
C ASN B 495 -12.86 13.85 -15.25
N GLY B 496 -12.19 12.77 -14.91
CA GLY B 496 -11.93 12.44 -13.52
C GLY B 496 -10.62 12.93 -12.98
N ALA B 497 -9.87 13.70 -13.77
CA ALA B 497 -8.56 14.18 -13.35
C ALA B 497 -8.70 15.19 -12.22
N ASN B 498 -7.69 15.22 -11.35
CA ASN B 498 -7.70 16.12 -10.19
C ASN B 498 -7.90 17.57 -10.62
N SER B 499 -7.24 17.99 -11.69
CA SER B 499 -7.27 19.36 -12.15
C SER B 499 -8.34 19.61 -13.21
N SER B 500 -9.12 18.60 -13.57
CA SER B 500 -10.09 18.75 -14.64
C SER B 500 -11.26 19.62 -14.18
N PHE B 501 -11.71 20.52 -15.07
CA PHE B 501 -12.87 21.35 -14.78
C PHE B 501 -14.13 20.49 -14.62
N VAL B 502 -14.21 19.38 -15.35
CA VAL B 502 -15.38 18.50 -15.25
C VAL B 502 -15.40 17.79 -13.91
N HIS B 503 -14.24 17.33 -13.43
CA HIS B 503 -14.18 16.73 -12.10
C HIS B 503 -14.49 17.76 -11.03
N ARG B 504 -13.88 18.95 -11.13
CA ARG B 504 -14.02 19.95 -10.08
C ARG B 504 -15.44 20.50 -9.99
N ILE B 505 -16.17 20.53 -11.11
CA ILE B 505 -17.54 21.05 -11.06
C ILE B 505 -18.52 20.03 -10.49
N ASN B 506 -18.19 18.74 -10.58
CA ASN B 506 -19.02 17.69 -10.00
C ASN B 506 -18.67 17.40 -8.55
N ASP B 507 -17.61 18.01 -8.03
CA ASP B 507 -17.25 17.83 -6.64
C ASP B 507 -17.88 18.96 -5.81
N PRO B 508 -18.74 18.64 -4.84
CA PRO B 508 -19.37 19.72 -4.06
C PRO B 508 -18.41 20.51 -3.19
N LYS B 509 -17.20 20.01 -2.95
CA LYS B 509 -16.24 20.71 -2.10
C LYS B 509 -15.53 21.85 -2.82
N VAL B 510 -15.79 22.06 -4.11
CA VAL B 510 -15.16 23.11 -4.90
C VAL B 510 -16.20 24.19 -5.17
N SER B 511 -15.92 25.40 -4.69
CA SER B 511 -16.85 26.50 -4.83
C SER B 511 -16.87 27.02 -6.27
N ILE B 512 -17.94 27.75 -6.60
CA ILE B 512 -17.95 28.49 -7.85
C ILE B 512 -16.83 29.52 -7.86
N ASP B 513 -16.52 30.10 -6.69
CA ASP B 513 -15.40 31.03 -6.59
C ASP B 513 -14.10 30.37 -7.02
N GLU B 514 -13.89 29.12 -6.62
CA GLU B 514 -12.71 28.38 -7.06
C GLU B 514 -12.74 28.16 -8.58
N LEU B 515 -13.91 27.80 -9.11
CA LEU B 515 -13.99 27.43 -10.53
C LEU B 515 -13.81 28.63 -11.44
N ILE B 516 -14.15 29.83 -10.97
CA ILE B 516 -14.01 31.04 -11.78
C ILE B 516 -12.71 31.79 -11.46
N ALA B 517 -11.82 31.20 -10.66
CA ALA B 517 -10.51 31.79 -10.41
C ALA B 517 -9.80 32.01 -11.75
N ASP B 518 -9.21 33.19 -11.91
CA ASP B 518 -8.52 33.49 -13.15
C ASP B 518 -7.14 32.84 -13.13
N PRO B 519 -6.88 31.82 -13.95
CA PRO B 519 -5.55 31.19 -13.91
C PRO B 519 -4.42 32.16 -14.23
N VAL B 520 -4.69 33.18 -15.03
CA VAL B 520 -3.64 34.16 -15.35
C VAL B 520 -3.20 34.88 -14.09
N GLU B 521 -4.16 35.32 -13.27
CA GLU B 521 -3.81 36.00 -12.03
C GLU B 521 -3.26 35.05 -10.98
N VAL B 522 -3.72 33.80 -10.96
CA VAL B 522 -3.14 32.81 -10.05
C VAL B 522 -1.67 32.57 -10.39
N VAL B 523 -1.37 32.38 -11.67
CA VAL B 523 0.03 32.20 -12.08
C VAL B 523 0.85 33.45 -11.78
N ARG B 524 0.29 34.62 -12.07
CA ARG B 524 1.04 35.86 -11.87
C ARG B 524 1.49 36.03 -10.43
N ALA B 525 0.71 35.50 -9.49
CA ALA B 525 0.96 35.68 -8.06
C ALA B 525 1.89 34.65 -7.45
N MET B 526 2.25 33.60 -8.19
CA MET B 526 3.11 32.58 -7.61
C MET B 526 4.52 33.13 -7.40
N PRO B 527 5.25 32.60 -6.40
CA PRO B 527 6.59 33.16 -6.12
C PRO B 527 7.56 32.99 -7.27
N VAL B 528 7.49 31.88 -7.99
CA VAL B 528 8.27 31.66 -9.20
C VAL B 528 7.27 31.40 -10.32
N VAL B 529 7.11 32.37 -11.22
CA VAL B 529 6.16 32.21 -12.32
C VAL B 529 6.62 31.07 -13.22
N GLY B 530 5.74 30.10 -13.41
CA GLY B 530 6.03 28.98 -14.28
C GLY B 530 6.82 27.83 -13.67
N ALA B 531 6.95 27.77 -12.34
CA ALA B 531 7.66 26.66 -11.72
C ALA B 531 7.03 25.33 -12.09
N LYS B 532 7.88 24.35 -12.40
CA LYS B 532 7.46 22.98 -12.66
C LYS B 532 6.62 22.47 -11.50
N HIS B 533 5.68 21.57 -11.82
CA HIS B 533 4.96 20.84 -10.80
C HIS B 533 5.94 20.23 -9.80
N ASP B 534 5.63 20.39 -8.50
CA ASP B 534 6.55 19.96 -7.46
C ASP B 534 6.66 18.44 -7.36
N ARG B 535 5.69 17.68 -7.88
CA ARG B 535 5.70 16.23 -7.72
C ARG B 535 5.89 15.49 -9.04
N ILE B 536 6.39 16.15 -10.07
CA ILE B 536 6.73 15.52 -11.34
C ILE B 536 8.21 15.75 -11.58
N ALA B 537 8.99 14.67 -11.65
CA ALA B 537 10.43 14.79 -11.82
C ALA B 537 10.75 15.11 -13.28
N LEU B 538 11.65 16.07 -13.49
CA LEU B 538 12.28 16.18 -14.79
C LEU B 538 12.96 14.85 -15.10
N PRO B 539 13.11 14.50 -16.38
CA PRO B 539 13.76 13.21 -16.69
C PRO B 539 15.11 13.07 -16.00
N ALA B 540 15.90 14.15 -15.93
CA ALA B 540 17.21 14.06 -15.30
C ALA B 540 17.13 13.73 -13.82
N GLU B 541 15.99 13.98 -13.18
CA GLU B 541 15.85 13.92 -11.73
C GLU B 541 15.04 12.71 -11.27
N LEU B 542 14.89 11.69 -12.12
CA LEU B 542 14.11 10.52 -11.76
C LEU B 542 14.61 9.84 -10.51
N PHE B 543 15.91 9.95 -10.23
CA PHE B 543 16.52 9.25 -9.11
C PHE B 543 16.83 10.20 -7.97
N GLY B 544 16.36 11.44 -8.06
CA GLY B 544 16.54 12.37 -6.94
C GLY B 544 18.00 12.60 -6.61
N ASP B 545 18.29 12.69 -5.31
CA ASP B 545 19.65 12.98 -4.86
C ASP B 545 20.62 11.83 -5.09
N ALA B 546 20.12 10.64 -5.44
CA ALA B 546 21.01 9.49 -5.58
C ALA B 546 21.98 9.65 -6.74
N ARG B 547 21.49 10.11 -7.89
CA ARG B 547 22.33 10.25 -9.08
C ARG B 547 21.52 10.95 -10.16
N THR B 548 22.24 11.39 -11.17
CA THR B 548 21.64 12.06 -12.32
C THR B 548 21.33 11.01 -13.38
N ASN B 549 20.08 10.98 -13.84
CA ASN B 549 19.69 10.10 -14.92
C ASN B 549 20.47 10.43 -16.20
N SER B 550 20.85 9.40 -16.95
CA SER B 550 21.41 9.63 -18.28
C SER B 550 20.41 10.39 -19.14
N ALA B 551 20.92 11.20 -20.05
CA ALA B 551 20.10 11.96 -20.99
C ALA B 551 20.17 11.34 -22.37
N GLY B 552 19.05 11.35 -23.09
CA GLY B 552 19.00 10.90 -24.46
C GLY B 552 19.09 12.06 -25.43
N LEU B 553 18.68 11.78 -26.67
CA LEU B 553 18.60 12.79 -27.72
C LEU B 553 17.23 12.66 -28.38
N ASP B 554 16.65 13.80 -28.74
CA ASP B 554 15.31 13.81 -29.32
C ASP B 554 15.43 13.75 -30.84
N LEU B 555 15.18 12.56 -31.41
CA LEU B 555 15.28 12.37 -32.85
C LEU B 555 14.07 12.90 -33.60
N SER B 556 13.14 13.57 -32.91
CA SER B 556 12.10 14.33 -33.58
C SER B 556 12.40 15.81 -33.63
N ASN B 557 13.51 16.25 -33.05
CA ASN B 557 13.90 17.65 -32.99
C ASN B 557 14.84 17.95 -34.15
N GLU B 558 14.43 18.86 -35.05
CA GLU B 558 15.24 19.14 -36.23
C GLU B 558 16.59 19.73 -35.89
N GLU B 559 16.68 20.55 -34.83
CA GLU B 559 17.99 21.05 -34.42
C GLU B 559 18.89 19.91 -34.02
N THR B 560 18.37 18.98 -33.20
CA THR B 560 19.10 17.79 -32.82
C THR B 560 19.51 16.96 -34.03
N LEU B 561 18.59 16.77 -34.97
CA LEU B 561 18.91 15.96 -36.14
C LEU B 561 20.00 16.63 -36.97
N ALA B 562 19.94 17.95 -37.11
CA ALA B 562 20.95 18.63 -37.91
C ALA B 562 22.31 18.58 -37.24
N SER B 563 22.36 18.80 -35.93
CA SER B 563 23.64 18.73 -35.23
CA SER B 563 23.66 18.74 -35.26
C SER B 563 24.17 17.30 -35.16
N LEU B 564 23.27 16.35 -34.91
CA LEU B 564 23.68 14.95 -34.88
C LEU B 564 24.21 14.51 -36.24
N THR B 565 23.54 14.91 -37.34
CA THR B 565 24.03 14.60 -38.68
C THR B 565 25.50 15.02 -38.84
N GLU B 566 25.83 16.24 -38.39
CA GLU B 566 27.20 16.71 -38.55
C GLU B 566 28.16 15.92 -37.68
N ALA B 567 27.76 15.65 -36.44
CA ALA B 567 28.65 14.88 -35.55
C ALA B 567 28.84 13.45 -36.03
N LEU B 568 27.80 12.86 -36.62
CA LEU B 568 27.90 11.50 -37.11
C LEU B 568 28.83 11.43 -38.32
N ARG B 569 28.67 12.36 -39.26
CA ARG B 569 29.58 12.43 -40.39
C ARG B 569 31.01 12.64 -39.92
N GLU B 570 31.21 13.54 -38.96
CA GLU B 570 32.55 13.80 -38.43
C GLU B 570 33.13 12.57 -37.75
N SER B 571 32.29 11.77 -37.11
CA SER B 571 32.76 10.55 -36.46
C SER B 571 33.27 9.54 -37.49
N ALA B 572 32.70 9.54 -38.69
CA ALA B 572 33.17 8.60 -39.71
C ALA B 572 34.51 9.01 -40.30
N ALA B 573 34.91 10.28 -40.13
CA ALA B 573 36.19 10.77 -40.64
C ALA B 573 37.33 10.58 -39.65
N MET B 574 37.03 10.12 -38.43
CA MET B 574 38.06 9.92 -37.42
C MET B 574 38.76 8.60 -37.64
N LYS B 575 40.04 8.54 -37.25
CA LYS B 575 40.79 7.29 -37.29
C LYS B 575 40.52 6.53 -35.99
N TRP B 576 39.72 5.48 -36.08
CA TRP B 576 39.34 4.67 -34.93
C TRP B 576 40.25 3.45 -34.86
N THR B 577 40.89 3.26 -33.70
CA THR B 577 41.77 2.12 -33.48
C THR B 577 41.49 1.47 -32.14
N ALA B 578 41.97 0.25 -32.00
CA ALA B 578 41.90 -0.49 -30.75
C ALA B 578 43.20 -1.28 -30.66
N LEU B 579 43.93 -1.08 -29.58
CA LEU B 579 45.24 -1.66 -29.38
C LEU B 579 45.29 -2.38 -28.04
N PRO B 580 46.22 -3.33 -27.88
CA PRO B 580 46.49 -3.84 -26.55
C PRO B 580 47.10 -2.74 -25.72
N GLN B 581 46.31 -2.14 -24.84
CA GLN B 581 46.74 -1.01 -24.03
C GLN B 581 47.15 -1.54 -22.67
N LEU B 582 48.44 -1.83 -22.52
CA LEU B 582 48.98 -2.28 -21.25
C LEU B 582 49.35 -1.07 -20.39
N ALA B 583 49.65 -1.32 -19.11
CA ALA B 583 50.01 -0.25 -18.19
C ALA B 583 51.19 0.57 -18.71
N THR B 584 52.10 -0.06 -19.46
CA THR B 584 53.32 0.56 -19.94
C THR B 584 53.18 1.16 -21.34
N GLY B 585 51.98 1.12 -21.92
CA GLY B 585 51.78 1.62 -23.26
C GLY B 585 51.17 0.56 -24.14
N PRO B 586 50.84 0.93 -25.38
CA PRO B 586 50.24 -0.04 -26.30
C PRO B 586 51.29 -1.03 -26.77
N ALA B 587 50.85 -2.27 -26.96
CA ALA B 587 51.73 -3.33 -27.41
C ALA B 587 51.52 -3.61 -28.89
N ALA B 588 52.55 -4.17 -29.52
CA ALA B 588 52.41 -4.59 -30.91
C ALA B 588 51.60 -5.87 -30.99
N GLY B 589 50.99 -6.10 -32.15
CA GLY B 589 50.22 -7.32 -32.35
C GLY B 589 49.73 -7.43 -33.78
N GLU B 590 48.93 -8.47 -34.01
CA GLU B 590 48.36 -8.70 -35.33
C GLU B 590 47.21 -7.73 -35.55
N THR B 591 47.23 -7.01 -36.67
CA THR B 591 46.25 -5.97 -36.92
C THR B 591 45.34 -6.33 -38.09
N ARG B 592 44.05 -6.08 -37.93
CA ARG B 592 43.11 -6.26 -39.02
C ARG B 592 42.09 -5.13 -39.02
N THR B 593 41.32 -5.08 -40.09
CA THR B 593 40.32 -4.03 -40.26
CA THR B 593 40.31 -4.06 -40.30
C THR B 593 39.00 -4.42 -39.61
N VAL B 594 38.30 -3.41 -39.12
CA VAL B 594 36.98 -3.56 -38.54
C VAL B 594 36.00 -3.00 -39.57
N LEU B 595 35.07 -3.84 -40.00
CA LEU B 595 34.16 -3.52 -41.10
C LEU B 595 32.73 -3.33 -40.59
N ASN B 596 32.01 -2.45 -41.26
CA ASN B 596 30.59 -2.27 -40.96
C ASN B 596 29.82 -3.54 -41.29
N PRO B 597 29.15 -4.19 -40.33
CA PRO B 597 28.40 -5.40 -40.67
C PRO B 597 27.29 -5.16 -41.68
N GLY B 598 26.83 -3.92 -41.81
CA GLY B 598 25.79 -3.61 -42.77
C GLY B 598 26.28 -3.32 -44.16
N ASP B 599 27.60 -3.19 -44.32
CA ASP B 599 28.21 -2.89 -45.61
C ASP B 599 29.71 -3.04 -45.43
N HIS B 600 30.25 -4.18 -45.86
CA HIS B 600 31.66 -4.46 -45.63
C HIS B 600 32.58 -3.53 -46.40
N ARG B 601 32.05 -2.76 -47.34
CA ARG B 601 32.85 -1.75 -48.02
C ARG B 601 33.16 -0.56 -47.12
N ASP B 602 32.42 -0.43 -46.01
CA ASP B 602 32.59 0.69 -45.09
C ASP B 602 33.57 0.25 -44.01
N VAL B 603 34.81 0.73 -44.12
CA VAL B 603 35.85 0.41 -43.15
C VAL B 603 35.69 1.32 -41.95
N VAL B 604 35.48 0.74 -40.78
CA VAL B 604 35.23 1.55 -39.60
C VAL B 604 36.53 1.90 -38.88
N GLY B 605 37.47 0.97 -38.84
CA GLY B 605 38.71 1.22 -38.12
C GLY B 605 39.59 0.00 -38.16
N SER B 606 40.56 -0.05 -37.25
CA SER B 606 41.50 -1.16 -37.25
C SER B 606 41.77 -1.59 -35.82
N VAL B 607 41.97 -2.89 -35.63
CA VAL B 607 42.18 -3.45 -34.30
C VAL B 607 43.50 -4.21 -34.32
N THR B 608 44.32 -3.97 -33.32
CA THR B 608 45.55 -4.73 -33.08
C THR B 608 45.29 -5.67 -31.92
N GLU B 609 45.39 -6.97 -32.17
CA GLU B 609 44.94 -7.93 -31.18
C GLU B 609 46.11 -8.40 -30.30
N THR B 610 45.76 -8.87 -29.11
CA THR B 610 46.70 -9.10 -28.03
C THR B 610 47.29 -10.50 -28.16
N SER B 611 48.62 -10.59 -28.08
CA SER B 611 49.23 -11.91 -27.97
C SER B 611 48.94 -12.50 -26.60
N GLU B 612 48.98 -13.84 -26.52
CA GLU B 612 48.74 -14.47 -25.23
C GLU B 612 49.81 -14.10 -24.22
N GLU B 613 51.07 -13.92 -24.67
CA GLU B 613 52.12 -13.47 -23.76
C GLU B 613 51.81 -12.10 -23.19
N ASP B 614 51.29 -11.20 -24.02
CA ASP B 614 50.98 -9.87 -23.52
C ASP B 614 49.74 -9.85 -22.64
N ALA B 615 48.79 -10.77 -22.87
CA ALA B 615 47.67 -10.91 -21.95
C ALA B 615 48.16 -11.30 -20.57
N ARG B 616 49.10 -12.25 -20.51
CA ARG B 616 49.66 -12.66 -19.22
C ARG B 616 50.46 -11.53 -18.60
N ARG B 617 51.24 -10.80 -19.41
CA ARG B 617 51.98 -9.65 -18.91
C ARG B 617 51.03 -8.61 -18.32
N ALA B 618 49.89 -8.37 -19.00
CA ALA B 618 48.93 -7.40 -18.49
C ALA B 618 48.45 -7.78 -17.09
N VAL B 619 48.16 -9.06 -16.86
CA VAL B 619 47.67 -9.47 -15.56
C VAL B 619 48.76 -9.27 -14.51
N ARG B 620 50.01 -9.57 -14.86
CA ARG B 620 51.10 -9.32 -13.91
C ARG B 620 51.19 -7.83 -13.58
N LEU B 621 51.08 -6.97 -14.59
CA LEU B 621 51.09 -5.52 -14.36
C LEU B 621 49.91 -5.09 -13.49
N ALA B 622 48.75 -5.71 -13.69
CA ALA B 622 47.60 -5.39 -12.86
C ALA B 622 47.85 -5.79 -11.41
N ALA B 623 48.42 -6.98 -11.20
CA ALA B 623 48.72 -7.42 -9.84
C ALA B 623 49.70 -6.47 -9.17
N ASP B 624 50.70 -5.99 -9.92
CA ASP B 624 51.68 -5.09 -9.33
C ASP B 624 51.04 -3.80 -8.86
N ALA B 625 50.08 -3.28 -9.60
CA ALA B 625 49.46 -2.02 -9.27
C ALA B 625 48.18 -2.18 -8.44
N ALA B 626 47.82 -3.41 -8.08
CA ALA B 626 46.59 -3.61 -7.32
C ALA B 626 46.57 -2.85 -6.00
N PRO B 627 47.62 -2.87 -5.17
CA PRO B 627 47.53 -2.14 -3.89
C PRO B 627 47.35 -0.64 -4.07
N ASP B 628 47.98 -0.04 -5.09
CA ASP B 628 47.87 1.40 -5.28
C ASP B 628 46.44 1.79 -5.64
N TRP B 629 45.76 0.98 -6.43
CA TRP B 629 44.39 1.33 -6.79
C TRP B 629 43.43 1.06 -5.63
N ALA B 630 43.65 -0.05 -4.91
CA ALA B 630 42.82 -0.32 -3.75
C ALA B 630 42.93 0.79 -2.71
N ALA B 631 44.07 1.46 -2.66
CA ALA B 631 44.26 2.55 -1.70
C ALA B 631 43.58 3.84 -2.11
N VAL B 632 43.07 3.95 -3.34
CA VAL B 632 42.30 5.14 -3.70
C VAL B 632 40.95 5.07 -2.96
N PRO B 633 40.57 6.10 -2.21
CA PRO B 633 39.34 6.00 -1.41
C PRO B 633 38.15 5.71 -2.29
N PRO B 634 37.20 4.91 -1.80
CA PRO B 634 36.02 4.59 -2.63
C PRO B 634 35.33 5.81 -3.22
N SER B 635 35.16 6.89 -2.44
CA SER B 635 34.51 8.07 -3.00
C SER B 635 35.29 8.64 -4.17
N GLU B 636 36.62 8.56 -4.13
CA GLU B 636 37.42 9.04 -5.24
C GLU B 636 37.38 8.09 -6.43
N ARG B 637 37.30 6.78 -6.18
CA ARG B 637 37.07 5.86 -7.28
C ARG B 637 35.72 6.13 -7.92
N ALA B 638 34.69 6.36 -7.09
CA ALA B 638 33.37 6.68 -7.62
C ALA B 638 33.39 8.00 -8.40
N ALA B 639 34.18 8.98 -7.96
CA ALA B 639 34.26 10.23 -8.71
C ALA B 639 34.83 10.03 -10.11
N CYS B 640 35.72 9.03 -10.27
CA CYS B 640 36.22 8.72 -11.61
C CYS B 640 35.08 8.22 -12.48
N LEU B 641 34.25 7.34 -11.92
CA LEU B 641 33.10 6.84 -12.68
C LEU B 641 32.18 7.97 -13.07
N ASP B 642 31.90 8.88 -12.12
CA ASP B 642 31.02 9.99 -12.42
C ASP B 642 31.61 10.89 -13.50
N ARG B 643 32.92 11.15 -13.44
CA ARG B 643 33.55 11.94 -14.49
C ARG B 643 33.45 11.26 -15.84
N ALA B 644 33.64 9.93 -15.86
CA ALA B 644 33.54 9.20 -17.12
C ALA B 644 32.13 9.30 -17.69
N ALA B 645 31.12 9.26 -16.82
CA ALA B 645 29.74 9.42 -17.28
C ALA B 645 29.52 10.79 -17.91
N GLU B 646 30.12 11.83 -17.34
CA GLU B 646 29.99 13.17 -17.91
C GLU B 646 30.62 13.23 -19.29
N LEU B 647 31.75 12.55 -19.47
CA LEU B 647 32.40 12.55 -20.77
C LEU B 647 31.57 11.79 -21.80
N MET B 648 31.05 10.62 -21.42
CA MET B 648 30.21 9.86 -22.35
C MET B 648 28.95 10.64 -22.71
N GLN B 649 28.38 11.35 -21.73
CA GLN B 649 27.19 12.15 -22.01
C GLN B 649 27.50 13.24 -23.03
N ALA B 650 28.58 13.99 -22.80
CA ALA B 650 28.91 15.10 -23.68
C ALA B 650 29.32 14.61 -25.07
N ARG B 651 29.91 13.42 -25.16
CA ARG B 651 30.40 12.90 -26.42
C ARG B 651 29.46 11.90 -27.04
N MET B 652 28.26 11.75 -26.49
CA MET B 652 27.31 10.78 -27.02
C MET B 652 27.13 10.85 -28.53
N PRO B 653 27.07 12.02 -29.19
CA PRO B 653 26.90 12.01 -30.66
C PRO B 653 28.01 11.28 -31.39
N THR B 654 29.26 11.48 -30.99
CA THR B 654 30.38 10.77 -31.60
C THR B 654 30.33 9.28 -31.28
N LEU B 655 30.06 8.92 -30.02
CA LEU B 655 29.93 7.51 -29.65
C LEU B 655 28.83 6.84 -30.46
N LEU B 656 27.69 7.51 -30.65
CA LEU B 656 26.62 6.97 -31.49
C LEU B 656 27.14 6.58 -32.86
N GLY B 657 27.86 7.49 -33.51
CA GLY B 657 28.36 7.22 -34.84
C GLY B 657 29.22 5.98 -34.91
N LEU B 658 30.08 5.78 -33.91
CA LEU B 658 30.91 4.58 -33.91
C LEU B 658 30.06 3.33 -33.67
N ILE B 659 29.12 3.38 -32.74
CA ILE B 659 28.30 2.21 -32.42
C ILE B 659 27.42 1.85 -33.61
N ILE B 660 26.87 2.85 -34.29
CA ILE B 660 26.00 2.59 -35.42
C ILE B 660 26.75 1.83 -36.50
N ARG B 661 27.99 2.24 -36.78
CA ARG B 661 28.75 1.65 -37.88
C ARG B 661 29.50 0.38 -37.49
N GLU B 662 29.94 0.27 -36.24
CA GLU B 662 30.72 -0.91 -35.86
C GLU B 662 29.82 -2.07 -35.48
N ALA B 663 28.67 -1.82 -34.88
CA ALA B 663 27.89 -2.90 -34.29
C ALA B 663 26.52 -3.05 -34.92
N GLY B 664 26.24 -2.35 -36.02
CA GLY B 664 24.96 -2.54 -36.69
C GLY B 664 23.76 -1.98 -35.97
N LYS B 665 23.96 -0.99 -35.10
CA LYS B 665 22.86 -0.43 -34.32
C LYS B 665 22.21 0.74 -35.04
N SER B 666 20.90 0.86 -34.89
CA SER B 666 20.20 2.08 -35.28
C SER B 666 20.57 3.21 -34.32
N ALA B 667 20.21 4.43 -34.71
CA ALA B 667 20.48 5.58 -33.86
C ALA B 667 19.80 5.46 -32.50
N LEU B 668 18.54 5.03 -32.48
CA LEU B 668 17.84 4.91 -31.20
C LEU B 668 18.52 3.89 -30.29
N ASN B 669 18.97 2.78 -30.86
CA ASN B 669 19.55 1.78 -29.99
C ASN B 669 20.98 2.12 -29.58
N ALA B 670 21.67 2.92 -30.39
CA ALA B 670 22.96 3.45 -29.96
C ALA B 670 22.79 4.46 -28.83
N ILE B 671 21.74 5.29 -28.90
CA ILE B 671 21.47 6.19 -27.78
C ILE B 671 21.24 5.38 -26.51
N ALA B 672 20.41 4.34 -26.61
CA ALA B 672 20.14 3.49 -25.45
C ALA B 672 21.42 2.84 -24.94
N GLU B 673 22.29 2.45 -25.87
CA GLU B 673 23.57 1.85 -25.50
C GLU B 673 24.41 2.82 -24.67
N VAL B 674 24.54 4.06 -25.15
CA VAL B 674 25.39 5.03 -24.44
C VAL B 674 24.73 5.44 -23.13
N ARG B 675 23.41 5.64 -23.12
CA ARG B 675 22.74 5.97 -21.87
C ARG B 675 22.99 4.89 -20.83
N GLU B 676 22.85 3.63 -21.24
CA GLU B 676 23.05 2.54 -20.28
C GLU B 676 24.46 2.56 -19.70
N ALA B 677 25.47 2.83 -20.53
CA ALA B 677 26.83 2.93 -20.02
C ALA B 677 26.93 4.05 -18.99
N ILE B 678 26.33 5.20 -19.30
CA ILE B 678 26.32 6.33 -18.35
C ILE B 678 25.65 5.93 -17.05
N ASP B 679 24.54 5.21 -17.15
CA ASP B 679 23.81 4.85 -15.94
C ASP B 679 24.56 3.81 -15.11
N PHE B 680 25.22 2.83 -15.74
CA PHE B 680 26.08 1.94 -14.96
C PHE B 680 27.13 2.74 -14.19
N LEU B 681 27.81 3.65 -14.87
CA LEU B 681 28.84 4.44 -14.21
C LEU B 681 28.30 5.16 -13.00
N ARG B 682 27.17 5.86 -13.16
CA ARG B 682 26.64 6.66 -12.06
C ARG B 682 26.02 5.80 -10.99
N TYR B 683 25.43 4.67 -11.38
CA TYR B 683 24.80 3.78 -10.39
C TYR B 683 25.86 3.11 -9.53
N TYR B 684 26.91 2.55 -10.15
CA TYR B 684 27.92 1.91 -9.32
C TYR B 684 28.69 2.94 -8.51
N ALA B 685 28.80 4.17 -9.01
CA ALA B 685 29.40 5.24 -8.20
C ALA B 685 28.57 5.48 -6.95
N GLU B 686 27.25 5.65 -7.11
CA GLU B 686 26.42 5.90 -5.95
C GLU B 686 26.39 4.70 -5.02
N GLN B 687 26.23 3.49 -5.57
CA GLN B 687 26.23 2.32 -4.70
C GLN B 687 27.53 2.22 -3.91
N THR B 688 28.65 2.59 -4.53
CA THR B 688 29.93 2.63 -3.79
C THR B 688 29.86 3.62 -2.64
N ARG B 689 29.39 4.85 -2.92
CA ARG B 689 29.27 5.86 -1.87
C ARG B 689 28.36 5.41 -0.74
N ARG B 690 27.37 4.57 -1.04
CA ARG B 690 26.48 4.08 -0.01
C ARG B 690 27.06 2.93 0.82
N THR B 691 28.10 2.25 0.34
CA THR B 691 28.44 0.97 0.98
C THR B 691 29.91 0.75 1.31
N LEU B 692 30.85 1.14 0.46
CA LEU B 692 32.20 0.58 0.58
C LEU B 692 33.03 1.34 1.61
N GLY B 693 33.65 0.57 2.51
CA GLY B 693 34.53 1.08 3.53
C GLY B 693 35.82 0.30 3.54
N PRO B 694 36.67 0.56 4.55
CA PRO B 694 38.00 -0.05 4.55
C PRO B 694 37.97 -1.57 4.67
N GLY B 695 36.95 -2.12 5.33
CA GLY B 695 36.88 -3.56 5.49
C GLY B 695 36.40 -4.34 4.30
N HIS B 696 36.03 -3.65 3.22
CA HIS B 696 35.55 -4.29 2.01
C HIS B 696 36.70 -4.29 1.02
N GLY B 697 37.65 -5.20 1.24
CA GLY B 697 38.86 -5.25 0.47
C GLY B 697 38.63 -5.81 -0.91
N PRO B 698 39.43 -5.36 -1.88
CA PRO B 698 39.24 -5.84 -3.26
C PRO B 698 39.69 -7.28 -3.43
N LEU B 699 39.21 -7.88 -4.51
CA LEU B 699 39.68 -9.20 -4.87
C LEU B 699 41.10 -9.16 -5.41
N GLY B 700 41.40 -8.15 -6.22
CA GLY B 700 42.62 -8.14 -7.01
C GLY B 700 42.29 -7.99 -8.48
N PRO B 701 43.23 -8.32 -9.38
CA PRO B 701 42.95 -8.16 -10.82
C PRO B 701 41.69 -8.91 -11.23
N ILE B 702 40.79 -8.21 -11.90
CA ILE B 702 39.55 -8.80 -12.40
CA ILE B 702 39.54 -8.79 -12.40
C ILE B 702 39.59 -8.78 -13.92
N VAL B 703 39.30 -9.92 -14.51
CA VAL B 703 39.19 -10.04 -15.96
C VAL B 703 37.74 -9.82 -16.33
N CYS B 704 37.49 -8.86 -17.21
CA CYS B 704 36.15 -8.49 -17.68
C CYS B 704 36.04 -8.89 -19.13
N ILE B 705 35.19 -9.87 -19.43
CA ILE B 705 35.02 -10.38 -20.77
C ILE B 705 33.58 -10.09 -21.18
N SER B 706 33.41 -9.44 -22.33
CA SER B 706 32.14 -8.83 -22.67
C SER B 706 31.66 -9.28 -24.03
N PRO B 707 30.35 -9.23 -24.26
CA PRO B 707 29.80 -9.65 -25.55
C PRO B 707 29.83 -8.52 -26.57
N TRP B 708 29.60 -8.91 -27.83
CA TRP B 708 29.60 -7.88 -28.88
C TRP B 708 28.32 -7.07 -28.91
N ASN B 709 27.20 -7.63 -28.42
CA ASN B 709 25.91 -7.09 -28.84
C ASN B 709 25.50 -5.83 -28.07
N PHE B 710 26.03 -5.65 -26.87
CA PHE B 710 25.94 -4.39 -26.13
C PHE B 710 27.38 -3.93 -25.93
N PRO B 711 28.00 -3.44 -27.01
CA PRO B 711 29.46 -3.33 -27.03
C PRO B 711 30.03 -2.22 -26.17
N LEU B 712 29.21 -1.25 -25.76
CA LEU B 712 29.65 -0.25 -24.79
C LEU B 712 29.01 -0.43 -23.43
N ALA B 713 27.72 -0.80 -23.41
CA ALA B 713 26.99 -0.78 -22.14
C ALA B 713 27.50 -1.87 -21.20
N ILE B 714 27.47 -3.12 -21.65
CA ILE B 714 27.90 -4.20 -20.75
C ILE B 714 29.41 -4.13 -20.54
N PHE B 715 30.14 -3.81 -21.60
CA PHE B 715 31.57 -3.56 -21.47
C PHE B 715 31.87 -2.60 -20.33
N THR B 716 31.21 -1.44 -20.34
CA THR B 716 31.48 -0.40 -19.35
C THR B 716 30.97 -0.81 -17.98
N GLY B 717 29.79 -1.43 -17.92
CA GLY B 717 29.23 -1.80 -16.64
C GLY B 717 30.14 -2.74 -15.85
N GLN B 718 30.62 -3.80 -16.50
CA GLN B 718 31.46 -4.75 -15.76
C GLN B 718 32.74 -4.08 -15.27
N ILE B 719 33.36 -3.30 -16.16
CA ILE B 719 34.64 -2.67 -15.82
C ILE B 719 34.44 -1.65 -14.72
N ALA B 720 33.38 -0.84 -14.82
CA ALA B 720 33.14 0.20 -13.82
C ALA B 720 32.94 -0.41 -12.45
N ALA B 721 32.14 -1.47 -12.37
CA ALA B 721 31.88 -2.11 -11.09
C ALA B 721 33.16 -2.66 -10.49
N ALA B 722 33.93 -3.40 -11.30
CA ALA B 722 35.18 -3.95 -10.79
C ALA B 722 36.11 -2.84 -10.31
N LEU B 723 36.26 -1.78 -11.11
CA LEU B 723 37.16 -0.69 -10.76
C LEU B 723 36.74 0.00 -9.47
N VAL B 724 35.45 0.36 -9.37
CA VAL B 724 35.03 1.14 -8.22
C VAL B 724 35.05 0.31 -6.95
N ALA B 725 34.95 -1.01 -7.07
CA ALA B 725 35.14 -1.88 -5.93
C ALA B 725 36.61 -1.99 -5.52
N GLY B 726 37.54 -1.36 -6.25
CA GLY B 726 38.93 -1.32 -5.86
C GLY B 726 39.83 -2.29 -6.59
N ASN B 727 39.36 -2.86 -7.70
CA ASN B 727 40.10 -3.88 -8.43
C ASN B 727 40.65 -3.31 -9.74
N PRO B 728 41.92 -3.56 -10.07
CA PRO B 728 42.38 -3.25 -11.42
C PRO B 728 41.75 -4.23 -12.39
N VAL B 729 41.59 -3.81 -13.63
CA VAL B 729 40.77 -4.52 -14.60
C VAL B 729 41.58 -4.83 -15.85
N LEU B 730 41.42 -6.06 -16.34
CA LEU B 730 41.85 -6.47 -17.68
C LEU B 730 40.59 -6.57 -18.52
N ALA B 731 40.42 -5.67 -19.48
CA ALA B 731 39.18 -5.59 -20.25
C ALA B 731 39.39 -6.28 -21.59
N LYS B 732 38.67 -7.37 -21.83
CA LYS B 732 38.75 -8.15 -23.07
C LYS B 732 37.43 -8.01 -23.81
N PRO B 733 37.32 -7.08 -24.75
CA PRO B 733 36.06 -6.90 -25.47
C PRO B 733 35.90 -7.99 -26.53
N ALA B 734 34.66 -8.17 -26.97
CA ALA B 734 34.40 -9.12 -28.05
C ALA B 734 35.21 -8.77 -29.29
N GLU B 735 35.60 -9.80 -30.05
CA GLU B 735 36.41 -9.57 -31.22
C GLU B 735 35.67 -8.76 -32.29
N GLU B 736 34.33 -8.82 -32.29
CA GLU B 736 33.56 -8.11 -33.31
C GLU B 736 33.54 -6.60 -33.10
N THR B 737 33.67 -6.14 -31.84
CA THR B 737 33.37 -4.74 -31.50
C THR B 737 34.47 -4.12 -30.64
N PRO B 738 35.72 -4.17 -31.09
CA PRO B 738 36.80 -3.63 -30.25
C PRO B 738 36.89 -2.11 -30.23
N LEU B 739 36.39 -1.43 -31.28
CA LEU B 739 36.64 0.00 -31.37
C LEU B 739 35.89 0.77 -30.30
N ILE B 740 34.60 0.47 -30.10
CA ILE B 740 33.87 1.24 -29.07
C ILE B 740 34.40 0.89 -27.68
N ALA B 741 34.89 -0.34 -27.50
CA ALA B 741 35.51 -0.71 -26.24
C ALA B 741 36.76 0.11 -25.98
N ALA B 742 37.62 0.27 -27.00
CA ALA B 742 38.82 1.10 -26.82
C ALA B 742 38.43 2.52 -26.46
N GLU B 743 37.36 3.03 -27.05
CA GLU B 743 36.89 4.38 -26.72
C GLU B 743 36.39 4.46 -25.29
N GLY B 744 35.68 3.41 -24.84
CA GLY B 744 35.30 3.35 -23.45
C GLY B 744 36.50 3.41 -22.52
N VAL B 745 37.57 2.69 -22.87
CA VAL B 745 38.77 2.69 -22.04
C VAL B 745 39.43 4.06 -22.07
N ARG B 746 39.49 4.69 -23.25
CA ARG B 746 40.02 6.06 -23.31
C ARG B 746 39.27 6.99 -22.36
N ILE B 747 37.94 6.86 -22.34
CA ILE B 747 37.15 7.80 -21.54
C ILE B 747 37.35 7.54 -20.06
N LEU B 748 37.38 6.27 -19.65
CA LEU B 748 37.62 5.95 -18.25
CA LEU B 748 37.61 5.98 -18.25
C LEU B 748 39.01 6.41 -17.81
N ARG B 749 40.02 6.20 -18.65
CA ARG B 749 41.34 6.70 -18.29
C ARG B 749 41.35 8.22 -18.21
N GLU B 750 40.67 8.89 -19.15
CA GLU B 750 40.62 10.34 -19.12
C GLU B 750 39.96 10.85 -17.85
N ALA B 751 38.99 10.09 -17.36
CA ALA B 751 38.23 10.46 -16.17
C ALA B 751 39.00 10.19 -14.88
N GLY B 752 40.16 9.55 -14.96
CA GLY B 752 41.00 9.36 -13.79
C GLY B 752 41.40 7.94 -13.46
N ILE B 753 40.93 6.95 -14.21
CA ILE B 753 41.36 5.57 -13.94
C ILE B 753 42.81 5.43 -14.40
N PRO B 754 43.74 5.08 -13.52
CA PRO B 754 45.15 4.93 -13.95
C PRO B 754 45.30 3.84 -14.99
N ALA B 755 46.30 4.02 -15.87
CA ALA B 755 46.52 3.05 -16.93
C ALA B 755 46.81 1.67 -16.36
N SER B 756 47.47 1.61 -15.20
CA SER B 756 47.73 0.30 -14.61
C SER B 756 46.48 -0.33 -14.03
N ALA B 757 45.44 0.45 -13.77
CA ALA B 757 44.21 -0.12 -13.27
C ALA B 757 43.24 -0.52 -14.37
N LEU B 758 43.45 -0.11 -15.62
CA LEU B 758 42.49 -0.44 -16.68
C LEU B 758 43.28 -0.66 -17.96
N GLN B 759 43.46 -1.93 -18.31
CA GLN B 759 44.19 -2.31 -19.51
C GLN B 759 43.22 -2.94 -20.49
N LEU B 760 43.40 -2.64 -21.78
CA LEU B 760 42.53 -3.16 -22.83
C LEU B 760 43.27 -4.24 -23.62
N LEU B 761 42.67 -5.42 -23.74
CA LEU B 761 43.27 -6.53 -24.48
C LEU B 761 42.31 -6.97 -25.58
N PRO B 762 42.35 -6.33 -26.74
CA PRO B 762 41.50 -6.77 -27.85
C PRO B 762 41.92 -8.15 -28.34
N GLY B 763 40.96 -8.87 -28.89
CA GLY B 763 41.24 -10.13 -29.52
C GLY B 763 40.09 -11.09 -29.35
N ASP B 764 40.32 -12.35 -29.71
CA ASP B 764 39.22 -13.30 -29.74
C ASP B 764 39.19 -14.10 -28.42
N GLY B 765 38.52 -15.25 -28.45
CA GLY B 765 38.35 -16.01 -27.22
C GLY B 765 39.65 -16.53 -26.64
N ARG B 766 40.67 -16.71 -27.47
CA ARG B 766 41.97 -17.13 -26.97
C ARG B 766 42.57 -16.08 -26.04
N VAL B 767 42.33 -14.80 -26.32
CA VAL B 767 42.81 -13.77 -25.43
C VAL B 767 42.05 -13.81 -24.12
N GLY B 768 40.73 -13.97 -24.20
CA GLY B 768 39.96 -14.14 -22.98
C GLY B 768 40.45 -15.34 -22.17
N ALA B 769 40.71 -16.46 -22.84
CA ALA B 769 41.14 -17.65 -22.12
C ALA B 769 42.49 -17.44 -21.42
N ALA B 770 43.42 -16.79 -22.12
CA ALA B 770 44.72 -16.52 -21.53
C ALA B 770 44.61 -15.64 -20.29
N LEU B 771 43.72 -14.65 -20.34
CA LEU B 771 43.53 -13.79 -19.17
C LEU B 771 42.93 -14.57 -17.99
N VAL B 772 41.93 -15.39 -18.27
CA VAL B 772 41.26 -16.16 -17.22
C VAL B 772 42.24 -17.10 -16.53
N ALA B 773 43.13 -17.70 -17.31
CA ALA B 773 44.06 -18.70 -16.76
C ALA B 773 45.26 -18.09 -16.07
N ALA B 774 45.46 -16.76 -16.17
CA ALA B 774 46.64 -16.14 -15.59
C ALA B 774 46.66 -16.28 -14.08
N ALA B 775 47.86 -16.52 -13.52
CA ALA B 775 47.97 -16.86 -12.11
C ALA B 775 47.39 -15.80 -11.19
N GLU B 776 47.59 -14.52 -11.53
CA GLU B 776 47.18 -13.44 -10.64
C GLU B 776 45.74 -13.03 -10.83
N THR B 777 45.01 -13.67 -11.74
CA THR B 777 43.61 -13.32 -11.94
C THR B 777 42.80 -13.70 -10.71
N ALA B 778 42.10 -12.72 -10.13
CA ALA B 778 41.42 -12.87 -8.84
C ALA B 778 39.91 -12.91 -8.96
N GLY B 779 39.37 -12.62 -10.13
CA GLY B 779 37.95 -12.76 -10.36
C GLY B 779 37.69 -12.57 -11.83
N VAL B 780 36.55 -13.08 -12.28
CA VAL B 780 36.18 -12.97 -13.67
C VAL B 780 34.74 -12.50 -13.75
N MET B 781 34.50 -11.49 -14.58
CA MET B 781 33.16 -11.01 -14.91
C MET B 781 32.94 -11.31 -16.39
N PHE B 782 32.02 -12.22 -16.67
CA PHE B 782 31.76 -12.71 -18.01
C PHE B 782 30.30 -12.44 -18.37
N THR B 783 30.09 -11.89 -19.57
CA THR B 783 28.77 -11.84 -20.16
C THR B 783 28.90 -12.34 -21.58
N GLY B 784 28.08 -13.31 -21.96
CA GLY B 784 28.26 -13.98 -23.22
C GLY B 784 27.42 -15.24 -23.24
N SER B 785 27.77 -16.15 -24.14
CA SER B 785 27.02 -17.39 -24.29
C SER B 785 27.26 -18.31 -23.10
N THR B 786 26.24 -19.12 -22.80
CA THR B 786 26.38 -20.13 -21.76
C THR B 786 27.53 -21.08 -22.06
N GLU B 787 27.71 -21.45 -23.34
CA GLU B 787 28.75 -22.41 -23.69
C GLU B 787 30.13 -21.91 -23.31
N VAL B 788 30.42 -20.64 -23.61
CA VAL B 788 31.72 -20.07 -23.28
C VAL B 788 31.87 -19.93 -21.77
N ALA B 789 30.80 -19.52 -21.08
CA ALA B 789 30.88 -19.42 -19.63
C ALA B 789 31.30 -20.75 -19.01
N ARG B 790 30.78 -21.87 -19.55
CA ARG B 790 31.16 -23.17 -19.01
CA ARG B 790 31.17 -23.18 -19.02
C ARG B 790 32.66 -23.40 -19.13
N LEU B 791 33.26 -23.01 -20.25
CA LEU B 791 34.70 -23.18 -20.43
C LEU B 791 35.47 -22.35 -19.42
N ILE B 792 35.04 -21.12 -19.19
CA ILE B 792 35.70 -20.25 -18.22
C ILE B 792 35.59 -20.84 -16.82
N GLN B 793 34.38 -21.30 -16.48
CA GLN B 793 34.16 -21.91 -15.19
C GLN B 793 35.09 -23.10 -14.98
N ALA B 794 35.27 -23.93 -16.00
CA ALA B 794 36.17 -25.08 -15.87
C ALA B 794 37.60 -24.64 -15.64
N GLN B 795 38.04 -23.60 -16.36
CA GLN B 795 39.41 -23.14 -16.17
C GLN B 795 39.63 -22.60 -14.77
N LEU B 796 38.66 -21.83 -14.26
CA LEU B 796 38.81 -21.25 -12.93
C LEU B 796 38.81 -22.32 -11.85
N ALA B 797 38.05 -23.41 -12.03
CA ALA B 797 37.94 -24.43 -11.01
C ALA B 797 39.27 -25.13 -10.76
N ASP B 798 40.23 -25.01 -11.68
CA ASP B 798 41.54 -25.59 -11.44
C ASP B 798 42.36 -24.79 -10.43
N ARG B 799 41.95 -23.56 -10.15
CA ARG B 799 42.78 -22.65 -9.37
C ARG B 799 42.08 -22.20 -8.10
N LEU B 800 42.88 -21.69 -7.18
CA LEU B 800 42.41 -21.08 -5.95
C LEU B 800 43.10 -19.74 -5.78
N SER B 801 42.45 -18.86 -5.03
CA SER B 801 43.05 -17.61 -4.61
C SER B 801 44.23 -17.90 -3.67
N PRO B 802 45.10 -16.91 -3.46
CA PRO B 802 46.15 -17.09 -2.44
C PRO B 802 45.61 -17.50 -1.08
N ALA B 803 44.40 -17.07 -0.74
CA ALA B 803 43.74 -17.48 0.50
C ALA B 803 43.15 -18.88 0.43
N GLY B 804 43.25 -19.55 -0.71
CA GLY B 804 42.72 -20.91 -0.82
C GLY B 804 41.23 -20.99 -1.03
N ARG B 805 40.66 -20.07 -1.78
CA ARG B 805 39.22 -20.00 -1.98
C ARG B 805 38.91 -19.89 -3.48
N PRO B 806 37.71 -20.28 -3.90
CA PRO B 806 37.40 -20.24 -5.32
C PRO B 806 37.50 -18.81 -5.86
N ILE B 807 37.97 -18.71 -7.10
CA ILE B 807 37.98 -17.44 -7.82
C ILE B 807 36.56 -17.09 -8.18
N PRO B 808 36.06 -15.92 -7.78
CA PRO B 808 34.66 -15.56 -8.07
C PRO B 808 34.43 -15.40 -9.57
N LEU B 809 33.31 -15.93 -10.05
CA LEU B 809 32.90 -15.76 -11.43
C LEU B 809 31.49 -15.24 -11.45
N ILE B 810 31.28 -14.10 -12.11
CA ILE B 810 29.95 -13.66 -12.48
C ILE B 810 29.80 -14.03 -13.95
N ALA B 811 28.82 -14.88 -14.26
CA ALA B 811 28.65 -15.35 -15.63
C ALA B 811 27.19 -15.13 -16.01
N GLU B 812 26.94 -14.10 -16.80
CA GLU B 812 25.60 -13.71 -17.21
C GLU B 812 25.43 -14.11 -18.66
N THR B 813 24.48 -15.01 -18.93
CA THR B 813 24.54 -15.78 -20.16
C THR B 813 23.22 -15.71 -20.93
N GLY B 814 22.89 -16.74 -21.72
CA GLY B 814 21.88 -16.58 -22.73
C GLY B 814 20.46 -16.67 -22.19
N GLY B 815 19.50 -16.53 -23.11
CA GLY B 815 18.11 -16.67 -22.75
C GLY B 815 17.35 -17.42 -23.83
N GLN B 816 16.15 -17.86 -23.46
CA GLN B 816 15.19 -18.44 -24.41
C GLN B 816 13.84 -17.83 -24.07
N ASN B 817 13.70 -16.54 -24.34
CA ASN B 817 12.71 -15.71 -23.65
C ASN B 817 11.34 -15.78 -24.30
N ALA B 818 10.32 -15.98 -23.47
CA ALA B 818 8.94 -16.10 -23.93
C ALA B 818 8.14 -14.86 -23.55
N MET B 819 7.06 -14.66 -24.30
CA MET B 819 6.01 -13.73 -23.92
C MET B 819 4.71 -14.47 -24.08
N ILE B 820 3.87 -14.45 -23.04
CA ILE B 820 2.55 -15.07 -23.09
C ILE B 820 1.50 -13.98 -23.25
N VAL B 821 0.61 -14.17 -24.21
CA VAL B 821 -0.43 -13.23 -24.56
C VAL B 821 -1.75 -13.98 -24.47
N ASP B 822 -2.70 -13.48 -23.68
CA ASP B 822 -4.00 -14.09 -23.60
C ASP B 822 -5.01 -13.25 -24.37
N SER B 823 -6.27 -13.72 -24.39
CA SER B 823 -7.27 -13.06 -25.22
C SER B 823 -7.74 -11.71 -24.67
N SER B 824 -7.30 -11.30 -23.48
CA SER B 824 -7.64 -9.98 -22.96
C SER B 824 -6.65 -8.90 -23.40
N ALA B 825 -5.51 -9.28 -23.98
CA ALA B 825 -4.52 -8.28 -24.37
C ALA B 825 -4.99 -7.48 -25.59
N LEU B 826 -4.49 -6.25 -25.70
CA LEU B 826 -4.78 -5.41 -26.85
C LEU B 826 -3.79 -5.72 -27.97
N ALA B 827 -4.30 -6.16 -29.12
CA ALA B 827 -3.42 -6.67 -30.17
C ALA B 827 -2.41 -5.61 -30.62
N GLU B 828 -2.85 -4.37 -30.80
CA GLU B 828 -1.93 -3.32 -31.27
C GLU B 828 -0.75 -3.16 -30.32
N GLN B 829 -1.02 -3.21 -29.01
CA GLN B 829 0.05 -3.10 -28.03
C GLN B 829 0.97 -4.30 -28.09
N VAL B 830 0.39 -5.50 -28.15
CA VAL B 830 1.18 -6.73 -28.26
C VAL B 830 2.10 -6.64 -29.46
N VAL B 831 1.56 -6.24 -30.62
CA VAL B 831 2.36 -6.27 -31.83
C VAL B 831 3.52 -5.29 -31.74
N GLY B 832 3.28 -4.09 -31.20
CA GLY B 832 4.38 -3.15 -31.04
C GLY B 832 5.45 -3.68 -30.12
N ASP B 833 5.04 -4.33 -29.02
CA ASP B 833 6.02 -4.85 -28.07
C ASP B 833 6.72 -6.09 -28.61
N VAL B 834 6.05 -6.87 -29.47
CA VAL B 834 6.70 -8.01 -30.09
C VAL B 834 7.74 -7.55 -31.10
N ILE B 835 7.38 -6.56 -31.91
CA ILE B 835 8.34 -6.06 -32.92
C ILE B 835 9.57 -5.49 -32.24
N THR B 836 9.38 -4.70 -31.19
CA THR B 836 10.52 -4.20 -30.43
C THR B 836 11.31 -5.34 -29.81
N SER B 837 10.62 -6.26 -29.14
CA SER B 837 11.35 -7.26 -28.36
C SER B 837 12.05 -8.27 -29.24
N ALA B 838 11.42 -8.66 -30.35
CA ALA B 838 11.94 -9.75 -31.16
C ALA B 838 12.88 -9.30 -32.27
N PHE B 839 12.65 -8.13 -32.86
CA PHE B 839 13.34 -7.80 -34.09
C PHE B 839 14.17 -6.53 -34.02
N ASP B 840 13.94 -5.67 -33.03
CA ASP B 840 14.87 -4.59 -32.73
C ASP B 840 16.28 -5.15 -32.57
N SER B 841 17.26 -4.43 -33.13
CA SER B 841 18.65 -4.88 -33.16
C SER B 841 18.78 -6.25 -33.81
N ALA B 842 17.86 -6.54 -34.74
CA ALA B 842 17.80 -7.83 -35.42
C ALA B 842 17.85 -8.99 -34.43
N GLY B 843 17.16 -8.80 -33.29
CA GLY B 843 17.07 -9.85 -32.30
C GLY B 843 18.36 -10.11 -31.56
N GLN B 844 19.33 -9.22 -31.69
CA GLN B 844 20.64 -9.44 -31.10
C GLN B 844 20.73 -8.79 -29.72
N ARG B 845 19.75 -9.13 -28.91
CA ARG B 845 19.73 -8.80 -27.49
C ARG B 845 19.57 -10.10 -26.71
N CYS B 846 20.30 -10.23 -25.60
CA CYS B 846 20.08 -11.40 -24.77
C CYS B 846 18.63 -11.46 -24.26
N SER B 847 18.01 -10.31 -24.10
CA SER B 847 16.63 -10.15 -23.63
C SER B 847 15.58 -10.37 -24.73
N ALA B 848 16.01 -10.54 -25.97
CA ALA B 848 15.08 -10.55 -27.10
C ALA B 848 14.02 -11.63 -26.95
N LEU B 849 12.81 -11.31 -27.43
CA LEU B 849 11.72 -12.27 -27.47
C LEU B 849 12.00 -13.38 -28.48
N ARG B 850 12.03 -14.63 -28.00
CA ARG B 850 12.29 -15.80 -28.83
C ARG B 850 11.04 -16.64 -29.07
N VAL B 851 10.11 -16.70 -28.14
CA VAL B 851 8.91 -17.54 -28.26
C VAL B 851 7.70 -16.70 -27.88
N LEU B 852 6.87 -16.38 -28.87
CA LEU B 852 5.61 -15.69 -28.64
C LEU B 852 4.52 -16.74 -28.49
N CYS B 853 3.85 -16.74 -27.33
CA CYS B 853 2.82 -17.73 -27.01
C CYS B 853 1.46 -17.02 -27.03
N LEU B 854 0.61 -17.39 -27.97
CA LEU B 854 -0.65 -16.72 -28.21
C LEU B 854 -1.80 -17.64 -27.84
N GLN B 855 -2.75 -17.13 -27.05
CA GLN B 855 -3.95 -17.90 -26.79
C GLN B 855 -4.63 -18.18 -28.12
N GLU B 856 -5.14 -19.42 -28.27
CA GLU B 856 -5.47 -19.89 -29.60
C GLU B 856 -6.54 -19.05 -30.28
N ASP B 857 -7.44 -18.44 -29.51
CA ASP B 857 -8.56 -17.74 -30.12
C ASP B 857 -8.19 -16.35 -30.64
N VAL B 858 -7.05 -15.79 -30.26
CA VAL B 858 -6.60 -14.52 -30.80
C VAL B 858 -5.35 -14.66 -31.65
N ALA B 859 -4.83 -15.87 -31.80
CA ALA B 859 -3.54 -16.06 -32.43
C ALA B 859 -3.54 -15.59 -33.88
N ASP B 860 -4.57 -15.96 -34.65
CA ASP B 860 -4.58 -15.60 -36.07
C ASP B 860 -4.64 -14.08 -36.27
N ARG B 861 -5.49 -13.40 -35.51
CA ARG B 861 -5.61 -11.95 -35.67
C ARG B 861 -4.33 -11.24 -35.28
N ILE B 862 -3.69 -11.66 -34.19
CA ILE B 862 -2.44 -11.02 -33.78
C ILE B 862 -1.34 -11.31 -34.80
N LEU B 863 -1.28 -12.54 -35.30
CA LEU B 863 -0.26 -12.88 -36.30
C LEU B 863 -0.47 -12.09 -37.58
N THR B 864 -1.71 -11.96 -38.04
CA THR B 864 -1.99 -11.14 -39.21
C THR B 864 -1.49 -9.71 -39.00
N MET B 865 -1.80 -9.15 -37.84
CA MET B 865 -1.39 -7.78 -37.55
C MET B 865 0.13 -7.69 -37.46
N LEU B 866 0.75 -8.69 -36.83
CA LEU B 866 2.21 -8.69 -36.68
C LEU B 866 2.89 -8.72 -38.04
N LYS B 867 2.41 -9.61 -38.92
CA LYS B 867 3.02 -9.72 -40.24
C LYS B 867 2.83 -8.44 -41.04
N GLY B 868 1.65 -7.81 -40.92
CA GLY B 868 1.46 -6.53 -41.60
C GLY B 868 2.41 -5.46 -41.12
N ALA B 869 2.62 -5.39 -39.79
CA ALA B 869 3.56 -4.42 -39.25
C ALA B 869 4.99 -4.74 -39.66
N LEU B 870 5.32 -6.04 -39.74
CA LEU B 870 6.67 -6.41 -40.18
C LEU B 870 6.93 -5.91 -41.59
N HIS B 871 5.93 -5.91 -42.46
CA HIS B 871 6.11 -5.46 -43.82
C HIS B 871 6.40 -3.96 -43.90
N GLU B 872 6.21 -3.22 -42.81
CA GLU B 872 6.49 -1.79 -42.82
C GLU B 872 7.89 -1.46 -42.32
N LEU B 873 8.70 -2.46 -41.97
CA LEU B 873 10.02 -2.21 -41.43
C LEU B 873 11.04 -2.01 -42.55
N HIS B 874 12.00 -1.13 -42.31
CA HIS B 874 13.09 -0.84 -43.22
C HIS B 874 14.34 -1.53 -42.68
N ILE B 875 14.88 -2.48 -43.44
CA ILE B 875 16.08 -3.24 -43.07
C ILE B 875 17.22 -2.74 -43.94
N GLY B 876 18.33 -2.35 -43.31
CA GLY B 876 19.45 -1.89 -44.11
C GLY B 876 20.56 -1.35 -43.25
N ARG B 877 21.52 -0.72 -43.93
CA ARG B 877 22.65 -0.10 -43.24
C ARG B 877 22.15 1.00 -42.32
N THR B 878 22.60 0.98 -41.06
CA THR B 878 21.93 1.73 -40.00
C THR B 878 22.33 3.20 -39.91
N ASP B 879 23.06 3.76 -40.89
CA ASP B 879 23.38 5.19 -40.86
C ASP B 879 22.31 6.04 -41.54
N ARG B 880 21.06 5.59 -41.51
CA ARG B 880 19.89 6.37 -41.93
C ARG B 880 18.86 6.28 -40.82
N LEU B 881 18.30 7.42 -40.43
CA LEU B 881 17.26 7.43 -39.41
C LEU B 881 16.09 6.53 -39.79
N SER B 882 15.80 6.37 -41.09
CA SER B 882 14.66 5.58 -41.55
C SER B 882 14.86 4.09 -41.38
N VAL B 883 16.04 3.62 -41.00
CA VAL B 883 16.29 2.18 -40.89
C VAL B 883 15.85 1.69 -39.52
N ASP B 884 15.05 0.64 -39.52
CA ASP B 884 14.48 0.02 -38.32
C ASP B 884 15.31 -1.15 -37.83
N VAL B 885 15.77 -2.00 -38.75
CA VAL B 885 16.43 -3.26 -38.42
C VAL B 885 17.77 -3.26 -39.14
N GLY B 886 18.85 -3.40 -38.39
CA GLY B 886 20.16 -3.47 -38.97
C GLY B 886 20.60 -4.88 -39.26
N PRO B 887 21.89 -5.03 -39.52
CA PRO B 887 22.44 -6.33 -39.92
C PRO B 887 22.69 -7.24 -38.72
N VAL B 888 22.98 -8.52 -39.03
CA VAL B 888 23.60 -9.38 -38.03
C VAL B 888 25.11 -9.17 -38.06
N ILE B 889 25.77 -9.48 -36.95
CA ILE B 889 27.11 -8.93 -36.73
C ILE B 889 28.15 -9.53 -37.68
N THR B 890 28.01 -10.79 -38.07
CA THR B 890 29.01 -11.45 -38.92
C THR B 890 28.34 -12.42 -39.88
N SER B 891 29.10 -12.81 -40.89
CA SER B 891 28.65 -13.88 -41.78
CA SER B 891 28.62 -13.87 -41.77
CA SER B 891 28.63 -13.87 -41.77
C SER B 891 28.44 -15.18 -41.00
N GLU B 892 29.31 -15.43 -40.02
CA GLU B 892 29.18 -16.66 -39.23
C GLU B 892 27.88 -16.67 -38.44
N ALA B 893 27.55 -15.53 -37.82
CA ALA B 893 26.26 -15.42 -37.14
C ALA B 893 25.11 -15.63 -38.11
N LYS B 894 25.19 -15.00 -39.28
CA LYS B 894 24.16 -15.18 -40.30
C LYS B 894 24.00 -16.66 -40.66
N ASP B 895 25.11 -17.35 -40.92
CA ASP B 895 25.04 -18.76 -41.26
C ASP B 895 24.43 -19.58 -40.12
N ASN B 896 24.78 -19.24 -38.89
CA ASN B 896 24.26 -19.94 -37.72
C ASN B 896 22.75 -19.79 -37.64
N ILE B 897 22.27 -18.56 -37.83
CA ILE B 897 20.84 -18.27 -37.78
C ILE B 897 20.13 -18.99 -38.94
N GLU B 898 20.69 -18.88 -40.15
CA GLU B 898 20.03 -19.50 -41.29
C GLU B 898 20.00 -21.01 -41.16
N LYS B 899 21.00 -21.62 -40.52
CA LYS B 899 21.00 -23.07 -40.35
C LYS B 899 19.83 -23.50 -39.48
N HIS B 900 19.55 -22.73 -38.42
CA HIS B 900 18.37 -22.99 -37.60
C HIS B 900 17.08 -22.87 -38.41
N ILE B 901 16.96 -21.77 -39.15
CA ILE B 901 15.76 -21.54 -39.96
C ILE B 901 15.54 -22.70 -40.92
N GLU B 902 16.61 -23.15 -41.58
CA GLU B 902 16.47 -24.25 -42.51
C GLU B 902 16.21 -25.57 -41.79
N ARG B 903 16.73 -25.73 -40.58
CA ARG B 903 16.40 -26.91 -39.80
C ARG B 903 14.91 -26.94 -39.49
N MET B 904 14.35 -25.79 -39.09
CA MET B 904 12.91 -25.72 -38.85
C MET B 904 12.13 -25.96 -40.12
N ARG B 905 12.59 -25.39 -41.23
CA ARG B 905 11.91 -25.59 -42.51
C ARG B 905 11.94 -27.06 -42.89
N GLY B 906 13.09 -27.72 -42.71
CA GLY B 906 13.20 -29.12 -43.03
C GLY B 906 12.37 -30.01 -42.13
N LEU B 907 12.10 -29.56 -40.91
CA LEU B 907 11.20 -30.29 -40.03
C LEU B 907 9.74 -30.13 -40.40
N GLY B 908 9.42 -29.32 -41.41
CA GLY B 908 8.05 -29.07 -41.81
C GLY B 908 7.38 -27.94 -41.09
N ARG B 909 8.08 -27.23 -40.19
CA ARG B 909 7.48 -26.11 -39.50
C ARG B 909 7.23 -24.97 -40.49
N LYS B 910 6.15 -24.24 -40.28
CA LYS B 910 5.84 -23.09 -41.11
C LYS B 910 6.82 -21.96 -40.83
N VAL B 911 7.50 -21.49 -41.88
CA VAL B 911 8.53 -20.45 -41.77
C VAL B 911 8.17 -19.33 -42.72
N GLU B 912 8.10 -18.10 -42.21
CA GLU B 912 7.81 -16.94 -43.02
C GLU B 912 8.85 -15.85 -42.76
N GLN B 913 9.33 -15.23 -43.83
CA GLN B 913 10.29 -14.12 -43.74
C GLN B 913 9.80 -12.95 -44.56
N ILE B 914 10.18 -11.74 -44.16
CA ILE B 914 9.97 -10.60 -45.04
C ILE B 914 11.16 -10.45 -45.99
N GLY B 915 11.07 -9.50 -46.92
CA GLY B 915 12.09 -9.36 -47.93
C GLY B 915 13.17 -8.37 -47.55
N LEU B 916 14.30 -8.47 -48.25
CA LEU B 916 15.42 -7.58 -48.05
C LEU B 916 15.70 -6.81 -49.34
N ALA B 917 15.96 -5.51 -49.20
CA ALA B 917 16.40 -4.71 -50.33
C ALA B 917 17.73 -5.25 -50.86
N SER B 918 17.97 -5.03 -52.15
CA SER B 918 19.21 -5.48 -52.76
C SER B 918 20.42 -4.85 -52.08
N GLU B 919 20.26 -3.64 -51.54
CA GLU B 919 21.36 -2.94 -50.87
C GLU B 919 21.92 -3.73 -49.71
N THR B 920 21.19 -4.72 -49.20
CA THR B 920 21.70 -5.51 -48.07
C THR B 920 22.81 -6.47 -48.51
N GLY B 921 22.96 -6.72 -49.82
CA GLY B 921 23.91 -7.73 -50.29
C GLY B 921 25.35 -7.46 -49.91
N VAL B 922 25.71 -6.20 -49.67
CA VAL B 922 27.07 -5.85 -49.28
C VAL B 922 27.34 -6.03 -47.79
N GLY B 923 26.31 -6.33 -47.00
CA GLY B 923 26.49 -6.62 -45.58
C GLY B 923 25.91 -7.98 -45.23
N THR B 924 25.79 -8.27 -43.94
CA THR B 924 25.26 -9.56 -43.50
C THR B 924 23.92 -9.32 -42.81
N PHE B 925 22.83 -9.59 -43.52
CA PHE B 925 21.48 -9.38 -43.01
C PHE B 925 20.70 -10.68 -42.99
N VAL B 926 19.81 -10.78 -42.01
CA VAL B 926 18.77 -11.80 -41.91
C VAL B 926 17.45 -11.07 -41.72
N PRO B 927 16.44 -11.31 -42.55
CA PRO B 927 15.15 -10.61 -42.37
C PRO B 927 14.40 -11.14 -41.16
N PRO B 928 13.52 -10.34 -40.58
CA PRO B 928 12.62 -10.84 -39.55
C PRO B 928 11.93 -12.12 -40.01
N THR B 929 11.97 -13.13 -39.14
CA THR B 929 11.51 -14.47 -39.46
C THR B 929 10.55 -14.93 -38.38
N ILE B 930 9.45 -15.55 -38.81
CA ILE B 930 8.45 -16.10 -37.90
C ILE B 930 8.32 -17.58 -38.18
N ILE B 931 8.45 -18.39 -37.15
CA ILE B 931 8.42 -19.84 -37.27
C ILE B 931 7.38 -20.38 -36.30
N GLU B 932 6.44 -21.16 -36.81
CA GLU B 932 5.41 -21.76 -35.96
C GLU B 932 5.91 -23.09 -35.42
N LEU B 933 5.93 -23.21 -34.10
CA LEU B 933 6.35 -24.45 -33.46
C LEU B 933 5.12 -25.28 -33.08
N GLU B 934 5.31 -26.59 -33.07
CA GLU B 934 4.31 -27.46 -32.47
C GLU B 934 4.44 -27.45 -30.96
N LYS B 935 5.67 -27.51 -30.47
CA LYS B 935 5.95 -27.51 -29.04
C LYS B 935 7.19 -26.68 -28.80
N LEU B 936 7.31 -26.16 -27.58
CA LEU B 936 8.48 -25.37 -27.25
C LEU B 936 9.75 -26.23 -27.32
N SER B 937 9.64 -27.53 -27.01
CA SER B 937 10.82 -28.40 -27.09
C SER B 937 11.34 -28.55 -28.51
N ASP B 938 10.62 -28.04 -29.52
CA ASP B 938 11.19 -27.90 -30.86
C ASP B 938 12.46 -27.09 -30.84
N LEU B 939 12.59 -26.19 -29.88
CA LEU B 939 13.75 -25.31 -29.76
C LEU B 939 14.80 -25.98 -28.89
N GLN B 940 16.04 -26.00 -29.37
CA GLN B 940 17.12 -26.67 -28.69
C GLN B 940 18.21 -25.73 -28.21
N ARG B 941 18.25 -24.50 -28.71
CA ARG B 941 19.35 -23.60 -28.42
C ARG B 941 18.88 -22.17 -28.63
N GLU B 942 19.60 -21.25 -27.99
CA GLU B 942 19.37 -19.84 -28.21
C GLU B 942 19.84 -19.47 -29.61
N VAL B 943 18.95 -18.94 -30.42
CA VAL B 943 19.27 -18.52 -31.79
C VAL B 943 19.30 -17.00 -31.79
N PHE B 944 20.51 -16.44 -31.90
CA PHE B 944 20.74 -15.05 -31.57
C PHE B 944 20.57 -14.21 -32.83
N GLY B 945 19.31 -13.99 -33.21
CA GLY B 945 19.01 -13.31 -34.44
C GLY B 945 17.52 -13.01 -34.53
N PRO B 946 17.07 -12.47 -35.66
CA PRO B 946 15.70 -11.95 -35.74
C PRO B 946 14.69 -13.06 -36.07
N VAL B 947 14.62 -14.05 -35.20
CA VAL B 947 13.83 -15.25 -35.46
C VAL B 947 12.87 -15.42 -34.29
N LEU B 948 11.59 -15.15 -34.55
CA LEU B 948 10.54 -15.29 -33.55
C LEU B 948 9.82 -16.61 -33.76
N HIS B 949 9.71 -17.39 -32.70
CA HIS B 949 8.95 -18.64 -32.72
C HIS B 949 7.58 -18.39 -32.10
N VAL B 950 6.56 -19.05 -32.65
CA VAL B 950 5.19 -18.83 -32.22
C VAL B 950 4.59 -20.15 -31.75
N ILE B 951 3.96 -20.10 -30.57
CA ILE B 951 3.26 -21.23 -29.96
C ILE B 951 1.82 -20.78 -29.74
N ARG B 952 0.87 -21.63 -30.11
CA ARG B 952 -0.53 -21.38 -29.78
C ARG B 952 -0.91 -22.25 -28.60
N TYR B 953 -1.70 -21.72 -27.66
CA TYR B 953 -2.08 -22.50 -26.51
C TYR B 953 -3.54 -22.29 -26.15
N ARG B 954 -4.14 -23.32 -25.54
CA ARG B 954 -5.46 -23.22 -24.93
C ARG B 954 -5.31 -22.70 -23.52
N ARG B 955 -6.20 -21.78 -23.11
CA ARG B 955 -6.09 -21.17 -21.79
C ARG B 955 -6.06 -22.21 -20.69
N ASP B 956 -6.75 -23.34 -20.85
CA ASP B 956 -6.69 -24.41 -19.86
C ASP B 956 -5.28 -24.99 -19.70
N ASP B 957 -4.43 -24.81 -20.70
CA ASP B 957 -3.06 -25.32 -20.65
C ASP B 957 -2.05 -24.27 -20.20
N LEU B 958 -2.52 -23.14 -19.68
CA LEU B 958 -1.61 -22.06 -19.29
C LEU B 958 -0.53 -22.55 -18.33
N ASP B 959 -0.91 -23.32 -17.31
CA ASP B 959 0.08 -23.75 -16.34
C ASP B 959 1.13 -24.68 -16.97
N ARG B 960 0.68 -25.58 -17.85
CA ARG B 960 1.63 -26.44 -18.55
C ARG B 960 2.52 -25.64 -19.49
N LEU B 961 1.97 -24.59 -20.12
CA LEU B 961 2.80 -23.72 -20.96
C LEU B 961 3.91 -23.07 -20.16
N VAL B 962 3.58 -22.58 -18.95
CA VAL B 962 4.61 -22.01 -18.11
C VAL B 962 5.70 -23.04 -17.82
N ASP B 963 5.30 -24.28 -17.51
CA ASP B 963 6.26 -25.38 -17.36
C ASP B 963 7.13 -25.50 -18.60
N ASP B 964 6.51 -25.47 -19.79
CA ASP B 964 7.29 -25.61 -21.01
C ASP B 964 8.28 -24.47 -21.17
N VAL B 965 7.90 -23.26 -20.78
CA VAL B 965 8.84 -22.14 -20.86
C VAL B 965 10.00 -22.39 -19.90
N ASN B 966 9.70 -22.82 -18.67
CA ASN B 966 10.76 -23.04 -17.69
C ASN B 966 11.63 -24.23 -18.07
N ALA B 967 11.08 -25.17 -18.83
CA ALA B 967 11.78 -26.42 -19.08
C ALA B 967 12.98 -26.25 -19.98
N THR B 968 13.13 -25.10 -20.64
CA THR B 968 14.33 -24.89 -21.45
C THR B 968 15.59 -24.83 -20.60
N GLY B 969 15.43 -24.57 -19.29
CA GLY B 969 16.56 -24.36 -18.41
C GLY B 969 17.02 -22.93 -18.33
N TYR B 970 16.56 -22.08 -19.24
CA TYR B 970 16.88 -20.66 -19.23
C TYR B 970 15.91 -19.92 -18.31
N GLY B 971 16.23 -18.67 -18.02
CA GLY B 971 15.35 -17.87 -17.21
C GLY B 971 15.83 -16.44 -17.13
N LEU B 972 15.86 -15.78 -18.29
CA LEU B 972 16.35 -14.41 -18.37
C LEU B 972 15.17 -13.45 -18.38
N THR B 973 14.60 -13.13 -19.54
CA THR B 973 13.44 -12.24 -19.58
C THR B 973 12.18 -13.03 -19.89
N PHE B 974 11.05 -12.45 -19.47
CA PHE B 974 9.75 -13.06 -19.70
C PHE B 974 8.70 -11.97 -19.74
N GLY B 975 7.78 -12.07 -20.70
CA GLY B 975 6.72 -11.10 -20.85
C GLY B 975 5.34 -11.72 -20.72
N LEU B 976 4.41 -10.94 -20.18
CA LEU B 976 3.01 -11.35 -20.06
C LEU B 976 2.15 -10.19 -20.51
N HIS B 977 1.29 -10.42 -21.48
CA HIS B 977 0.29 -9.42 -21.87
C HIS B 977 -1.08 -9.95 -21.48
N THR B 978 -1.69 -9.27 -20.52
CA THR B 978 -3.02 -9.62 -20.03
C THR B 978 -3.53 -8.45 -19.23
N ARG B 979 -4.86 -8.34 -19.17
CA ARG B 979 -5.49 -7.36 -18.29
C ARG B 979 -6.03 -8.00 -17.02
N LEU B 980 -5.84 -9.30 -16.83
CA LEU B 980 -6.55 -10.04 -15.81
C LEU B 980 -5.62 -10.34 -14.65
N ASP B 981 -5.99 -9.87 -13.46
CA ASP B 981 -5.13 -10.02 -12.29
C ASP B 981 -4.89 -11.48 -11.94
N GLU B 982 -5.91 -12.33 -12.10
CA GLU B 982 -5.69 -13.74 -11.77
C GLU B 982 -4.62 -14.34 -12.66
N THR B 983 -4.62 -13.97 -13.94
CA THR B 983 -3.59 -14.46 -14.85
C THR B 983 -2.21 -13.90 -14.48
N ILE B 984 -2.14 -12.63 -14.10
CA ILE B 984 -0.87 -12.05 -13.67
C ILE B 984 -0.34 -12.80 -12.46
N ALA B 985 -1.18 -12.99 -11.44
CA ALA B 985 -0.74 -13.67 -10.23
C ALA B 985 -0.29 -15.10 -10.55
N HIS B 986 -1.08 -15.81 -11.37
CA HIS B 986 -0.75 -17.19 -11.70
C HIS B 986 0.59 -17.27 -12.42
N VAL B 987 0.74 -16.49 -13.49
CA VAL B 987 1.92 -16.64 -14.35
C VAL B 987 3.17 -16.15 -13.63
N THR B 988 3.09 -14.99 -12.97
CA THR B 988 4.28 -14.48 -12.30
C THR B 988 4.67 -15.33 -11.09
N SER B 989 3.75 -16.08 -10.50
CA SER B 989 4.12 -16.99 -9.41
C SER B 989 4.75 -18.29 -9.91
N ARG B 990 4.55 -18.65 -11.17
CA ARG B 990 5.04 -19.94 -11.65
C ARG B 990 6.23 -19.83 -12.59
N ILE B 991 6.39 -18.70 -13.27
CA ILE B 991 7.52 -18.53 -14.18
C ILE B 991 8.79 -18.36 -13.37
N LYS B 992 9.90 -18.84 -13.91
CA LYS B 992 11.19 -18.78 -13.22
C LYS B 992 12.15 -18.00 -14.10
N ALA B 993 12.06 -16.67 -14.06
CA ALA B 993 12.93 -15.82 -14.85
C ALA B 993 13.32 -14.61 -14.02
N GLY B 994 14.52 -14.07 -14.30
CA GLY B 994 15.03 -12.98 -13.50
C GLY B 994 14.40 -11.63 -13.78
N ASN B 995 13.88 -11.42 -14.98
CA ASN B 995 13.31 -10.13 -15.40
C ASN B 995 11.94 -10.40 -16.01
N LEU B 996 10.91 -9.91 -15.35
CA LEU B 996 9.53 -10.05 -15.78
C LEU B 996 9.02 -8.70 -16.27
N TYR B 997 8.13 -8.74 -17.26
CA TYR B 997 7.61 -7.51 -17.84
C TYR B 997 6.13 -7.72 -18.11
N ILE B 998 5.29 -6.80 -17.62
CA ILE B 998 3.85 -6.96 -17.75
C ILE B 998 3.31 -5.85 -18.63
N ASN B 999 2.71 -6.23 -19.76
CA ASN B 999 2.04 -5.30 -20.67
C ASN B 999 2.99 -4.28 -21.26
N ARG B 1000 4.20 -4.73 -21.57
CA ARG B 1000 5.24 -3.90 -22.18
C ARG B 1000 6.20 -4.82 -22.89
N ASN B 1001 7.23 -4.23 -23.50
CA ASN B 1001 8.25 -5.05 -24.15
C ASN B 1001 9.10 -5.73 -23.10
N ILE B 1002 9.95 -6.65 -23.52
CA ILE B 1002 10.70 -7.46 -22.56
C ILE B 1002 12.20 -7.17 -22.62
N ILE B 1003 12.61 -5.99 -23.12
CA ILE B 1003 14.03 -5.72 -23.28
C ILE B 1003 14.50 -4.64 -22.31
N GLY B 1004 13.68 -4.30 -21.32
CA GLY B 1004 14.04 -3.24 -20.38
C GLY B 1004 15.17 -3.68 -19.44
N ALA B 1005 16.22 -2.89 -19.38
CA ALA B 1005 17.32 -3.16 -18.45
C ALA B 1005 17.79 -1.86 -17.83
N VAL B 1006 16.85 -0.96 -17.52
CA VAL B 1006 17.24 0.35 -16.99
C VAL B 1006 17.95 0.15 -15.66
N VAL B 1007 19.15 0.71 -15.58
CA VAL B 1007 20.00 0.45 -14.42
C VAL B 1007 19.32 0.94 -13.14
N GLY B 1008 19.32 0.10 -12.11
CA GLY B 1008 18.71 0.46 -10.83
C GLY B 1008 17.20 0.57 -10.88
N VAL B 1009 16.57 0.16 -11.98
CA VAL B 1009 15.12 0.26 -12.13
C VAL B 1009 14.61 -1.12 -12.54
N GLN B 1010 15.21 -1.69 -13.58
CA GLN B 1010 15.12 -3.13 -13.84
C GLN B 1010 16.53 -3.71 -13.72
N PRO B 1011 17.01 -3.92 -12.49
CA PRO B 1011 18.24 -4.71 -12.31
C PRO B 1011 18.14 -5.96 -13.15
N PHE B 1012 19.17 -6.24 -13.93
CA PHE B 1012 19.01 -7.15 -15.05
C PHE B 1012 19.87 -8.40 -14.87
N GLY B 1013 19.27 -9.56 -15.07
CA GLY B 1013 20.02 -10.80 -15.02
C GLY B 1013 19.09 -11.92 -14.61
N GLY B 1014 19.43 -13.12 -15.07
CA GLY B 1014 18.56 -14.25 -14.82
C GLY B 1014 19.22 -15.40 -14.09
N ARG B 1015 18.56 -16.56 -14.13
CA ARG B 1015 18.87 -17.73 -13.33
C ARG B 1015 19.00 -18.93 -14.26
N GLY B 1016 19.28 -20.09 -13.70
CA GLY B 1016 19.40 -21.27 -14.55
C GLY B 1016 20.56 -21.10 -15.51
N LEU B 1017 20.34 -21.50 -16.78
CA LEU B 1017 21.33 -21.33 -17.83
C LEU B 1017 21.57 -19.88 -18.20
N SER B 1018 20.81 -18.93 -17.62
CA SER B 1018 20.91 -17.52 -17.97
C SER B 1018 21.83 -16.70 -17.06
N GLY B 1019 22.26 -17.22 -15.91
CA GLY B 1019 23.13 -16.41 -15.08
C GLY B 1019 23.48 -17.08 -13.77
N THR B 1020 24.61 -16.63 -13.22
CA THR B 1020 24.93 -16.88 -11.82
C THR B 1020 24.36 -15.80 -10.91
N GLY B 1021 24.13 -14.63 -11.46
CA GLY B 1021 23.97 -13.46 -10.63
C GLY B 1021 25.30 -13.12 -9.96
N PRO B 1022 25.32 -12.04 -9.16
CA PRO B 1022 24.17 -11.17 -8.93
C PRO B 1022 23.88 -10.28 -10.15
N LYS B 1023 22.72 -9.65 -10.15
CA LYS B 1023 22.28 -8.84 -11.28
C LYS B 1023 23.17 -7.61 -11.47
N ALA B 1024 23.66 -7.44 -12.70
CA ALA B 1024 24.17 -6.15 -13.14
C ALA B 1024 23.09 -5.09 -12.95
N GLY B 1025 23.52 -3.88 -12.57
CA GLY B 1025 22.58 -2.79 -12.41
C GLY B 1025 21.70 -2.94 -11.20
N GLY B 1026 22.09 -3.78 -10.25
CA GLY B 1026 21.34 -3.99 -9.05
C GLY B 1026 22.27 -3.89 -7.85
N PRO B 1027 21.69 -3.94 -6.64
CA PRO B 1027 22.42 -3.54 -5.44
C PRO B 1027 23.30 -4.61 -4.84
N LEU B 1028 23.21 -5.85 -5.33
CA LEU B 1028 24.07 -6.92 -4.84
C LEU B 1028 25.36 -7.03 -5.63
N TYR B 1029 25.50 -6.28 -6.73
CA TYR B 1029 26.56 -6.56 -7.70
C TYR B 1029 27.94 -6.26 -7.12
N LEU B 1030 28.13 -5.05 -6.57
CA LEU B 1030 29.46 -4.66 -6.12
C LEU B 1030 29.97 -5.59 -5.02
N GLY B 1031 29.06 -6.12 -4.20
CA GLY B 1031 29.49 -6.98 -3.10
C GLY B 1031 30.14 -8.27 -3.56
N ARG B 1032 29.92 -8.67 -4.80
CA ARG B 1032 30.61 -9.85 -5.31
C ARG B 1032 32.06 -9.56 -5.67
N LEU B 1033 32.44 -8.30 -5.75
CA LEU B 1033 33.75 -7.90 -6.27
C LEU B 1033 34.68 -7.46 -5.14
N VAL B 1034 34.33 -7.80 -3.90
CA VAL B 1034 35.17 -7.53 -2.74
C VAL B 1034 35.22 -8.81 -1.90
N THR B 1035 36.22 -8.88 -1.02
CA THR B 1035 36.40 -10.12 -0.26
C THR B 1035 35.39 -10.24 0.86
N THR B 1036 34.87 -9.12 1.35
CA THR B 1036 33.80 -9.11 2.35
C THR B 1036 32.69 -8.22 1.82
N ALA B 1037 31.53 -8.81 1.57
CA ALA B 1037 30.45 -8.04 0.96
C ALA B 1037 29.86 -7.06 1.96
N PRO B 1038 29.54 -5.84 1.54
CA PRO B 1038 28.80 -4.91 2.40
C PRO B 1038 27.31 -5.23 2.41
N VAL B 1039 26.59 -4.51 3.27
CA VAL B 1039 25.14 -4.58 3.32
C VAL B 1039 24.61 -3.57 2.31
N PRO B 1040 23.97 -4.01 1.23
CA PRO B 1040 23.49 -3.06 0.22
C PRO B 1040 22.42 -2.15 0.79
N PRO B 1041 22.21 -0.98 0.18
CA PRO B 1041 21.08 -0.14 0.58
C PRO B 1041 19.77 -0.90 0.51
N GLN B 1042 18.91 -0.66 1.50
CA GLN B 1042 17.57 -1.22 1.60
C GLN B 1042 17.55 -2.74 1.71
N HIS B 1043 18.68 -3.38 1.98
CA HIS B 1043 18.79 -4.84 1.90
C HIS B 1043 18.51 -5.43 3.27
N SER B 1044 17.24 -5.77 3.52
CA SER B 1044 16.84 -6.39 4.77
C SER B 1044 15.44 -6.96 4.56
N SER B 1045 14.99 -7.75 5.52
CA SER B 1045 13.65 -8.31 5.46
C SER B 1045 13.20 -8.59 6.89
N VAL B 1046 11.91 -8.33 7.17
CA VAL B 1046 11.39 -8.63 8.49
C VAL B 1046 10.88 -10.05 8.59
N HIS B 1047 10.91 -10.79 7.49
CA HIS B 1047 10.41 -12.17 7.43
CA HIS B 1047 10.39 -12.14 7.53
C HIS B 1047 11.49 -13.13 7.89
N THR B 1048 11.11 -14.14 8.67
CA THR B 1048 12.01 -15.19 9.10
C THR B 1048 11.50 -16.50 8.52
N ASP B 1049 12.37 -17.23 7.84
CA ASP B 1049 11.96 -18.48 7.25
C ASP B 1049 11.49 -19.44 8.35
N PRO B 1050 10.30 -20.04 8.22
CA PRO B 1050 9.78 -20.85 9.33
C PRO B 1050 10.53 -22.16 9.52
N VAL B 1051 11.12 -22.69 8.46
CA VAL B 1051 11.91 -23.92 8.57
C VAL B 1051 13.22 -23.62 9.27
N LEU B 1052 13.85 -22.48 8.95
CA LEU B 1052 14.99 -22.03 9.74
C LEU B 1052 14.66 -22.01 11.23
N LEU B 1053 13.49 -21.44 11.58
CA LEU B 1053 13.11 -21.38 12.99
C LEU B 1053 12.99 -22.78 13.58
N ASP B 1054 12.37 -23.71 12.86
CA ASP B 1054 12.25 -25.07 13.37
C ASP B 1054 13.62 -25.72 13.54
N PHE B 1055 14.53 -25.44 12.61
CA PHE B 1055 15.88 -25.98 12.70
C PHE B 1055 16.62 -25.44 13.93
N ALA B 1056 16.45 -24.14 14.21
CA ALA B 1056 17.09 -23.55 15.38
C ALA B 1056 16.57 -24.18 16.67
N LYS B 1057 15.26 -24.43 16.76
CA LYS B 1057 14.72 -25.08 17.96
C LYS B 1057 15.28 -26.49 18.09
N TRP B 1058 15.38 -27.21 16.97
CA TRP B 1058 15.97 -28.54 16.98
C TRP B 1058 17.42 -28.50 17.46
N LEU B 1059 18.18 -27.51 16.99
CA LEU B 1059 19.56 -27.37 17.47
C LEU B 1059 19.59 -27.06 18.96
N ASP B 1060 18.72 -26.17 19.44
CA ASP B 1060 18.57 -25.95 20.87
C ASP B 1060 18.32 -27.26 21.60
N GLY B 1061 17.46 -28.11 21.04
CA GLY B 1061 17.10 -29.35 21.70
C GLY B 1061 18.28 -30.27 21.94
N LYS B 1062 19.22 -30.33 20.99
CA LYS B 1062 20.38 -31.19 21.13
C LYS B 1062 21.60 -30.46 21.70
N GLY B 1063 21.40 -29.28 22.28
CA GLY B 1063 22.47 -28.58 22.93
C GLY B 1063 23.52 -27.98 22.01
N ALA B 1064 23.23 -27.86 20.72
CA ALA B 1064 24.17 -27.25 19.77
C ALA B 1064 24.00 -25.74 19.86
N ARG B 1065 24.48 -25.18 20.98
CA ARG B 1065 24.15 -23.82 21.35
C ARG B 1065 24.76 -22.81 20.39
N ALA B 1066 26.03 -22.99 20.05
CA ALA B 1066 26.66 -22.08 19.09
C ALA B 1066 25.96 -22.14 17.75
N GLU B 1067 25.57 -23.33 17.31
CA GLU B 1067 24.94 -23.44 16.00
C GLU B 1067 23.52 -22.87 16.03
N ALA B 1068 22.78 -23.12 17.10
CA ALA B 1068 21.44 -22.54 17.22
C ALA B 1068 21.49 -21.02 17.16
N GLU B 1069 22.49 -20.42 17.81
CA GLU B 1069 22.69 -18.98 17.73
C GLU B 1069 23.01 -18.53 16.31
N ALA B 1070 23.90 -19.27 15.64
CA ALA B 1070 24.21 -18.93 14.26
C ALA B 1070 22.96 -19.02 13.39
N ALA B 1071 22.14 -20.04 13.62
CA ALA B 1071 20.91 -20.20 12.84
C ALA B 1071 19.96 -19.02 13.06
N ARG B 1072 19.74 -18.63 14.32
CA ARG B 1072 18.88 -17.48 14.60
CA ARG B 1072 18.87 -17.49 14.57
C ARG B 1072 19.43 -16.22 13.94
N ASN B 1073 20.75 -16.03 14.02
CA ASN B 1073 21.37 -14.86 13.39
C ASN B 1073 21.19 -14.89 11.87
N ALA B 1074 21.34 -16.06 11.25
CA ALA B 1074 21.10 -16.16 9.82
C ALA B 1074 19.65 -15.85 9.49
N GLY B 1075 18.72 -16.35 10.30
CA GLY B 1075 17.32 -16.09 10.05
C GLY B 1075 17.01 -14.60 10.03
N SER B 1076 17.64 -13.84 10.92
CA SER B 1076 17.44 -12.41 10.96
C SER B 1076 18.21 -11.71 9.85
N SER B 1077 19.46 -12.12 9.60
CA SER B 1077 20.30 -11.45 8.62
C SER B 1077 19.81 -11.67 7.20
N SER B 1078 19.13 -12.78 6.96
CA SER B 1078 18.62 -13.07 5.62
C SER B 1078 17.72 -11.95 5.14
N ALA B 1079 17.84 -11.61 3.86
CA ALA B 1079 16.96 -10.64 3.23
C ALA B 1079 15.90 -11.32 2.38
N LEU B 1080 15.73 -12.63 2.53
CA LEU B 1080 14.64 -13.33 1.87
C LEU B 1080 13.32 -12.64 2.17
N GLY B 1081 12.55 -12.34 1.13
CA GLY B 1081 11.27 -11.69 1.30
C GLY B 1081 11.31 -10.20 1.08
N LEU B 1082 12.50 -9.64 0.85
CA LEU B 1082 12.61 -8.24 0.45
CA LEU B 1082 12.61 -8.24 0.47
C LEU B 1082 11.69 -7.96 -0.71
N ASP B 1083 10.97 -6.85 -0.64
CA ASP B 1083 9.96 -6.56 -1.66
C ASP B 1083 9.89 -5.04 -1.80
N LEU B 1084 10.56 -4.51 -2.82
CA LEU B 1084 10.77 -3.08 -2.96
C LEU B 1084 10.17 -2.58 -4.27
N GLU B 1085 9.69 -1.35 -4.25
CA GLU B 1085 9.41 -0.64 -5.49
C GLU B 1085 10.58 0.31 -5.74
N LEU B 1086 11.17 0.21 -6.87
CA LEU B 1086 12.30 1.07 -7.20
C LEU B 1086 11.84 2.35 -7.90
N PRO B 1087 12.51 3.46 -7.66
CA PRO B 1087 12.15 4.72 -8.34
C PRO B 1087 12.35 4.59 -9.84
N GLY B 1088 11.44 5.20 -10.60
CA GLY B 1088 11.52 5.17 -12.04
C GLY B 1088 10.51 6.10 -12.67
N PRO B 1089 10.21 5.89 -13.94
CA PRO B 1089 9.27 6.77 -14.63
C PRO B 1089 7.83 6.58 -14.15
N VAL B 1090 7.04 7.64 -14.32
CA VAL B 1090 5.60 7.49 -14.13
C VAL B 1090 5.03 6.47 -15.12
N GLY B 1091 3.86 5.95 -14.79
CA GLY B 1091 3.21 5.01 -15.70
C GLY B 1091 3.82 3.64 -15.69
N GLU B 1092 4.66 3.35 -14.70
CA GLU B 1092 5.36 2.08 -14.60
C GLU B 1092 5.56 1.79 -13.14
N ARG B 1093 5.50 0.51 -12.79
CA ARG B 1093 5.84 0.08 -11.43
C ARG B 1093 6.96 -0.93 -11.57
N ASN B 1094 8.09 -0.63 -10.94
CA ASN B 1094 9.30 -1.44 -11.12
C ASN B 1094 9.66 -2.04 -9.77
N LEU B 1095 9.50 -3.37 -9.69
CA LEU B 1095 9.55 -4.08 -8.43
C LEU B 1095 10.79 -4.96 -8.36
N TYR B 1096 11.32 -5.11 -7.14
CA TYR B 1096 12.54 -5.86 -6.95
C TYR B 1096 12.34 -6.73 -5.71
N THR B 1097 12.56 -8.03 -5.85
CA THR B 1097 12.19 -8.97 -4.80
C THR B 1097 13.27 -10.01 -4.63
N LEU B 1098 13.44 -10.50 -3.41
CA LEU B 1098 14.43 -11.54 -3.13
C LEU B 1098 13.71 -12.82 -2.74
N HIS B 1099 13.97 -13.88 -3.49
CA HIS B 1099 13.35 -15.19 -3.30
C HIS B 1099 14.43 -16.19 -2.94
N ALA B 1100 14.03 -17.38 -2.52
CA ALA B 1100 15.00 -18.46 -2.38
C ALA B 1100 15.60 -18.78 -3.75
N ARG B 1101 16.85 -19.28 -3.73
CA ARG B 1101 17.49 -19.69 -4.98
C ARG B 1101 16.89 -20.99 -5.50
N GLY B 1102 16.57 -21.92 -4.60
CA GLY B 1102 16.11 -23.24 -5.00
C GLY B 1102 16.70 -24.32 -4.12
N ARG B 1103 17.34 -25.32 -4.70
CA ARG B 1103 17.99 -26.35 -3.92
C ARG B 1103 19.49 -26.10 -3.94
N ILE B 1104 20.10 -26.01 -2.76
CA ILE B 1104 21.52 -25.72 -2.63
C ILE B 1104 22.25 -27.03 -2.36
N LEU B 1105 23.32 -27.26 -3.12
CA LEU B 1105 24.19 -28.40 -2.87
C LEU B 1105 25.06 -28.10 -1.64
N LEU B 1106 24.97 -28.95 -0.62
CA LEU B 1106 25.76 -28.80 0.59
C LEU B 1106 26.88 -29.83 0.55
N VAL B 1107 28.12 -29.37 0.68
CA VAL B 1107 29.27 -30.28 0.71
C VAL B 1107 29.98 -30.07 2.04
N PRO B 1108 29.48 -30.62 3.14
CA PRO B 1108 30.09 -30.39 4.44
C PRO B 1108 31.26 -31.33 4.67
N ALA B 1109 32.09 -30.97 5.63
CA ALA B 1109 33.12 -31.88 6.14
C ALA B 1109 32.85 -32.33 7.56
N THR B 1110 32.31 -31.44 8.40
CA THR B 1110 32.08 -31.74 9.79
C THR B 1110 30.62 -31.51 10.15
N GLU B 1111 30.23 -32.08 11.29
CA GLU B 1111 28.84 -31.92 11.73
C GLU B 1111 28.50 -30.45 11.97
N SER B 1112 29.39 -29.73 12.67
CA SER B 1112 29.12 -28.31 12.91
C SER B 1112 29.10 -27.53 11.60
N GLY B 1113 30.01 -27.85 10.69
CA GLY B 1113 29.97 -27.23 9.38
C GLY B 1113 28.64 -27.44 8.68
N LEU B 1114 28.11 -28.67 8.74
CA LEU B 1114 26.82 -28.97 8.13
C LEU B 1114 25.71 -28.15 8.77
N TYR B 1115 25.70 -28.07 10.09
CA TYR B 1115 24.66 -27.27 10.76
C TYR B 1115 24.72 -25.81 10.32
N HIS B 1116 25.94 -25.26 10.15
CA HIS B 1116 26.08 -23.87 9.70
C HIS B 1116 25.62 -23.72 8.26
N GLN B 1117 25.98 -24.68 7.39
CA GLN B 1117 25.53 -24.61 6.00
C GLN B 1117 24.02 -24.70 5.92
N LEU B 1118 23.44 -25.62 6.69
CA LEU B 1118 21.98 -25.78 6.69
CA LEU B 1118 21.98 -25.77 6.67
C LEU B 1118 21.30 -24.49 7.15
N ALA B 1119 21.82 -23.88 8.21
CA ALA B 1119 21.24 -22.63 8.70
C ALA B 1119 21.27 -21.55 7.62
N ALA B 1120 22.42 -21.39 6.96
CA ALA B 1120 22.53 -20.41 5.88
C ALA B 1120 21.51 -20.70 4.78
N ALA B 1121 21.39 -21.96 4.37
CA ALA B 1121 20.50 -22.27 3.26
C ALA B 1121 19.02 -22.18 3.66
N LEU B 1122 18.68 -22.66 4.85
CA LEU B 1122 17.29 -22.59 5.30
C LEU B 1122 16.86 -21.15 5.54
N ALA B 1123 17.77 -20.33 6.09
CA ALA B 1123 17.42 -18.94 6.38
C ALA B 1123 17.06 -18.17 5.11
N THR B 1124 17.59 -18.59 3.97
CA THR B 1124 17.32 -17.94 2.71
C THR B 1124 16.26 -18.69 1.90
N GLY B 1125 15.51 -19.57 2.55
CA GLY B 1125 14.34 -20.19 1.94
C GLY B 1125 14.60 -21.38 1.07
N ASN B 1126 15.84 -21.88 1.05
CA ASN B 1126 16.23 -22.94 0.14
C ASN B 1126 16.00 -24.32 0.72
N SER B 1127 15.86 -25.29 -0.18
CA SER B 1127 16.05 -26.69 0.16
C SER B 1127 17.52 -27.03 -0.08
N VAL B 1128 17.92 -28.24 0.33
CA VAL B 1128 19.32 -28.61 0.24
C VAL B 1128 19.43 -30.05 -0.25
N ALA B 1129 20.55 -30.34 -0.91
CA ALA B 1129 21.00 -31.71 -1.14
C ALA B 1129 22.36 -31.82 -0.50
N ILE B 1130 22.49 -32.71 0.48
CA ILE B 1130 23.73 -32.86 1.25
C ILE B 1130 24.52 -34.00 0.65
N ASP B 1131 25.79 -33.75 0.39
CA ASP B 1131 26.71 -34.77 -0.12
C ASP B 1131 26.76 -35.99 0.79
N ALA B 1132 26.27 -37.13 0.30
CA ALA B 1132 26.25 -38.35 1.10
C ALA B 1132 27.66 -38.81 1.44
N ALA B 1133 28.64 -38.47 0.62
CA ALA B 1133 30.01 -38.89 0.88
C ALA B 1133 30.58 -38.24 2.12
N SER B 1134 29.93 -37.20 2.66
CA SER B 1134 30.38 -36.62 3.92
C SER B 1134 30.24 -37.60 5.08
N GLY B 1135 29.38 -38.60 4.96
CA GLY B 1135 29.18 -39.54 6.05
C GLY B 1135 28.53 -38.94 7.28
N LEU B 1136 27.79 -37.85 7.12
CA LEU B 1136 27.23 -37.12 8.24
C LEU B 1136 25.75 -37.41 8.45
N GLN B 1137 25.25 -38.50 7.89
CA GLN B 1137 23.82 -38.79 7.95
C GLN B 1137 23.32 -38.88 9.39
N ALA B 1138 24.15 -39.38 10.30
CA ALA B 1138 23.72 -39.52 11.68
C ALA B 1138 23.59 -38.18 12.40
N SER B 1139 24.09 -37.10 11.80
CA SER B 1139 24.05 -35.79 12.46
C SER B 1139 22.66 -35.15 12.37
N LEU B 1140 21.79 -35.67 11.50
CA LEU B 1140 20.44 -35.17 11.32
C LEU B 1140 19.40 -36.15 11.82
N LYS B 1141 19.71 -36.87 12.89
CA LYS B 1141 18.74 -37.79 13.46
C LYS B 1141 17.62 -37.00 14.13
N ASN B 1142 16.37 -37.38 13.83
CA ASN B 1142 15.19 -36.82 14.48
C ASN B 1142 14.97 -35.35 14.12
N LEU B 1143 15.26 -34.98 12.87
CA LEU B 1143 14.88 -33.67 12.37
C LEU B 1143 13.37 -33.50 12.43
N PRO B 1144 12.89 -32.30 12.69
CA PRO B 1144 11.46 -32.01 12.47
C PRO B 1144 11.09 -32.29 11.03
N GLN B 1145 9.87 -32.80 10.84
CA GLN B 1145 9.38 -33.10 9.49
C GLN B 1145 9.48 -31.87 8.60
N THR B 1146 9.23 -30.69 9.15
CA THR B 1146 9.30 -29.47 8.34
C THR B 1146 10.70 -29.26 7.79
N VAL B 1147 11.72 -29.55 8.59
CA VAL B 1147 13.09 -29.39 8.09
C VAL B 1147 13.45 -30.56 7.18
N GLY B 1148 13.05 -31.77 7.57
CA GLY B 1148 13.35 -32.94 6.76
C GLY B 1148 12.81 -32.84 5.36
N LEU B 1149 11.63 -32.23 5.18
CA LEU B 1149 11.05 -32.06 3.87
C LEU B 1149 11.94 -31.23 2.96
N ARG B 1150 12.79 -30.39 3.52
CA ARG B 1150 13.69 -29.57 2.73
C ARG B 1150 15.05 -30.21 2.51
N VAL B 1151 15.28 -31.39 3.08
CA VAL B 1151 16.60 -32.00 3.11
C VAL B 1151 16.55 -33.28 2.28
N SER B 1152 17.50 -33.40 1.35
CA SER B 1152 17.75 -34.68 0.70
C SER B 1152 19.24 -34.97 0.82
N TRP B 1153 19.60 -36.24 0.61
CA TRP B 1153 20.98 -36.65 0.55
C TRP B 1153 21.30 -37.05 -0.88
N SER B 1154 22.44 -36.62 -1.38
CA SER B 1154 22.82 -36.94 -2.76
C SER B 1154 24.11 -37.74 -2.79
N LYS B 1155 24.05 -38.92 -3.39
CA LYS B 1155 25.23 -39.70 -3.75
C LYS B 1155 25.58 -39.55 -5.23
N ASP B 1156 24.94 -38.61 -5.91
CA ASP B 1156 25.11 -38.46 -7.36
C ASP B 1156 24.69 -37.01 -7.68
N TRP B 1157 25.65 -36.09 -7.55
CA TRP B 1157 25.31 -34.67 -7.69
C TRP B 1157 24.75 -34.34 -9.07
N ALA B 1158 25.33 -34.93 -10.11
CA ALA B 1158 24.90 -34.55 -11.45
C ALA B 1158 23.51 -35.07 -11.77
N ALA B 1159 23.13 -36.23 -11.20
CA ALA B 1159 21.80 -36.75 -11.44
C ALA B 1159 20.74 -36.06 -10.59
N ASP B 1160 21.13 -35.49 -9.46
CA ASP B 1160 20.19 -34.96 -8.48
C ASP B 1160 19.95 -33.46 -8.61
N GLY B 1161 20.66 -32.79 -9.50
CA GLY B 1161 20.43 -31.39 -9.78
C GLY B 1161 19.26 -31.20 -10.73
N PRO B 1162 19.08 -29.97 -11.23
CA PRO B 1162 20.02 -28.87 -11.07
C PRO B 1162 19.91 -28.20 -9.72
N PHE B 1163 21.04 -27.75 -9.22
CA PHE B 1163 21.07 -26.95 -8.00
C PHE B 1163 21.13 -25.48 -8.38
N ALA B 1164 21.05 -24.62 -7.37
CA ALA B 1164 21.05 -23.19 -7.59
C ALA B 1164 22.17 -22.50 -6.82
N GLY B 1165 23.07 -23.28 -6.25
CA GLY B 1165 24.20 -22.76 -5.50
C GLY B 1165 24.85 -23.92 -4.77
N ALA B 1166 25.98 -23.62 -4.12
CA ALA B 1166 26.62 -24.67 -3.36
C ALA B 1166 27.40 -24.04 -2.23
N LEU B 1167 27.40 -24.73 -1.09
CA LEU B 1167 28.24 -24.38 0.06
C LEU B 1167 29.19 -25.53 0.32
N VAL B 1168 30.48 -25.21 0.47
CA VAL B 1168 31.52 -26.23 0.58
C VAL B 1168 32.33 -25.95 1.83
N GLU B 1169 32.64 -27.01 2.59
CA GLU B 1169 33.51 -26.93 3.75
C GLU B 1169 34.71 -27.85 3.52
N GLY B 1170 35.92 -27.33 3.73
CA GLY B 1170 37.09 -28.17 3.70
C GLY B 1170 38.36 -27.36 3.62
N ASP B 1171 39.49 -28.07 3.59
CA ASP B 1171 40.76 -27.39 3.40
C ASP B 1171 40.92 -27.03 1.93
N ALA B 1172 42.04 -26.38 1.60
CA ALA B 1172 42.22 -25.82 0.26
C ALA B 1172 42.11 -26.88 -0.81
N GLU B 1173 42.76 -28.03 -0.62
CA GLU B 1173 42.72 -29.02 -1.68
C GLU B 1173 41.37 -29.71 -1.75
N ARG B 1174 40.67 -29.85 -0.62
CA ARG B 1174 39.28 -30.31 -0.68
C ARG B 1174 38.42 -29.32 -1.47
N ILE B 1175 38.57 -28.03 -1.20
CA ILE B 1175 37.79 -27.02 -1.91
C ILE B 1175 38.05 -27.08 -3.41
N ARG B 1176 39.32 -27.16 -3.81
CA ARG B 1176 39.66 -27.24 -5.23
C ARG B 1176 39.02 -28.46 -5.88
N ALA B 1177 39.10 -29.61 -5.22
CA ALA B 1177 38.57 -30.83 -5.80
C ALA B 1177 37.05 -30.75 -5.93
N VAL B 1178 36.39 -30.15 -4.95
CA VAL B 1178 34.94 -30.03 -5.02
C VAL B 1178 34.56 -29.00 -6.07
N ASN B 1179 35.30 -27.90 -6.14
CA ASN B 1179 35.01 -26.86 -7.13
C ASN B 1179 35.14 -27.42 -8.54
N LYS B 1180 36.17 -28.23 -8.77
CA LYS B 1180 36.31 -28.89 -10.06
C LYS B 1180 35.12 -29.79 -10.38
N ALA B 1181 34.66 -30.56 -9.40
CA ALA B 1181 33.51 -31.44 -9.63
C ALA B 1181 32.25 -30.64 -9.94
N ILE B 1182 32.04 -29.53 -9.21
CA ILE B 1182 30.87 -28.69 -9.44
C ILE B 1182 30.93 -28.07 -10.83
N ALA B 1183 32.12 -27.66 -11.27
CA ALA B 1183 32.25 -27.11 -12.61
C ALA B 1183 31.90 -28.11 -13.70
N ALA B 1184 31.97 -29.41 -13.41
CA ALA B 1184 31.63 -30.44 -14.38
C ALA B 1184 30.17 -30.85 -14.32
N LEU B 1185 29.37 -30.25 -13.44
CA LEU B 1185 27.97 -30.62 -13.38
C LEU B 1185 27.25 -30.09 -14.61
N PRO B 1186 26.32 -30.86 -15.18
CA PRO B 1186 25.53 -30.35 -16.29
C PRO B 1186 24.60 -29.25 -15.81
N GLY B 1187 24.20 -28.41 -16.77
CA GLY B 1187 23.17 -27.44 -16.49
C GLY B 1187 23.74 -26.10 -16.05
N PRO B 1188 23.12 -25.47 -15.05
CA PRO B 1188 23.50 -24.12 -14.69
C PRO B 1188 24.88 -24.07 -14.04
N LEU B 1189 25.54 -22.92 -14.17
CA LEU B 1189 26.78 -22.66 -13.45
C LEU B 1189 26.46 -22.33 -12.01
N LEU B 1190 26.98 -23.10 -11.07
CA LEU B 1190 26.64 -22.87 -9.66
C LEU B 1190 27.51 -21.79 -9.05
N LEU B 1191 26.86 -20.91 -8.30
CA LEU B 1191 27.57 -19.95 -7.45
C LEU B 1191 28.04 -20.69 -6.21
N VAL B 1192 29.35 -20.89 -6.12
CA VAL B 1192 29.96 -21.71 -5.07
C VAL B 1192 30.53 -20.81 -3.99
N GLN B 1193 30.28 -21.16 -2.73
CA GLN B 1193 30.90 -20.51 -1.59
C GLN B 1193 31.62 -21.56 -0.77
N ALA B 1194 32.87 -21.30 -0.40
CA ALA B 1194 33.66 -22.27 0.33
C ALA B 1194 34.26 -21.64 1.57
N ALA B 1195 34.48 -22.49 2.59
CA ALA B 1195 35.09 -22.07 3.84
C ALA B 1195 35.75 -23.27 4.48
N SER B 1196 36.81 -23.02 5.23
CA SER B 1196 37.38 -24.06 6.07
C SER B 1196 36.56 -24.21 7.35
N SER B 1197 36.70 -25.38 7.98
CA SER B 1197 36.06 -25.60 9.27
C SER B 1197 36.43 -24.51 10.26
N GLY B 1198 37.71 -24.12 10.29
CA GLY B 1198 38.13 -23.06 11.19
C GLY B 1198 37.50 -21.73 10.84
N GLU B 1199 37.34 -21.45 9.53
CA GLU B 1199 36.68 -20.22 9.13
C GLU B 1199 35.23 -20.19 9.57
N ILE B 1200 34.53 -21.32 9.46
CA ILE B 1200 33.14 -21.39 9.90
C ILE B 1200 33.04 -21.13 11.40
N ALA B 1201 34.01 -21.63 12.16
CA ALA B 1201 34.00 -21.45 13.61
C ALA B 1201 34.29 -20.01 14.00
N ARG B 1202 35.15 -19.32 13.26
CA ARG B 1202 35.63 -18.01 13.66
C ARG B 1202 34.87 -16.86 13.03
N ASN B 1203 34.26 -17.08 11.86
CA ASN B 1203 33.67 -16.00 11.09
C ASN B 1203 32.18 -16.26 10.90
N PRO B 1204 31.30 -15.49 11.54
CA PRO B 1204 29.85 -15.68 11.35
C PRO B 1204 29.40 -15.49 9.91
N ASP B 1205 30.15 -14.74 9.10
CA ASP B 1205 29.83 -14.51 7.70
C ASP B 1205 30.72 -15.34 6.77
N ALA B 1206 31.23 -16.47 7.25
CA ALA B 1206 31.96 -17.40 6.38
C ALA B 1206 31.20 -17.66 5.09
N TYR B 1207 29.89 -17.85 5.18
CA TYR B 1207 29.02 -17.97 4.03
C TYR B 1207 28.14 -16.73 3.94
N CYS B 1208 28.03 -16.16 2.76
CA CYS B 1208 27.33 -14.91 2.56
C CYS B 1208 25.90 -15.18 2.11
N LEU B 1209 24.92 -14.67 2.86
CA LEU B 1209 23.52 -14.90 2.49
C LEU B 1209 23.10 -14.12 1.26
N ASN B 1210 23.89 -13.12 0.84
CA ASN B 1210 23.58 -12.38 -0.38
C ASN B 1210 23.44 -13.32 -1.57
N TRP B 1211 24.24 -14.38 -1.61
CA TRP B 1211 24.33 -15.21 -2.80
C TRP B 1211 23.41 -16.41 -2.73
N LEU B 1212 22.66 -16.54 -1.64
CA LEU B 1212 21.75 -17.65 -1.41
C LEU B 1212 20.30 -17.27 -1.65
N VAL B 1213 20.05 -16.04 -2.10
CA VAL B 1213 18.73 -15.61 -2.55
C VAL B 1213 18.81 -15.34 -4.05
N GLU B 1214 17.65 -15.34 -4.68
CA GLU B 1214 17.54 -14.99 -6.10
C GLU B 1214 16.82 -13.65 -6.24
N GLU B 1215 17.42 -12.75 -7.01
CA GLU B 1215 16.77 -11.48 -7.34
C GLU B 1215 15.78 -11.65 -8.48
N VAL B 1216 14.62 -11.03 -8.34
CA VAL B 1216 13.64 -10.96 -9.42
C VAL B 1216 13.23 -9.52 -9.59
N SER B 1217 13.29 -9.04 -10.82
CA SER B 1217 12.82 -7.73 -11.22
C SER B 1217 11.54 -7.89 -12.02
N ALA B 1218 10.54 -7.06 -11.73
CA ALA B 1218 9.29 -7.05 -12.48
C ALA B 1218 8.96 -5.62 -12.85
N SER B 1219 8.69 -5.39 -14.13
CA SER B 1219 8.33 -4.05 -14.61
C SER B 1219 6.93 -4.11 -15.16
N ILE B 1220 6.02 -3.35 -14.56
CA ILE B 1220 4.62 -3.37 -14.97
C ILE B 1220 4.28 -2.02 -15.57
N ASN B 1221 3.78 -2.04 -16.82
CA ASN B 1221 3.31 -0.84 -17.50
C ASN B 1221 1.90 -0.56 -16.97
N THR B 1222 1.78 0.39 -16.05
CA THR B 1222 0.50 0.72 -15.43
C THR B 1222 -0.31 1.70 -16.25
N ALA B 1223 0.25 2.18 -17.35
CA ALA B 1223 -0.48 3.01 -18.30
C ALA B 1223 -1.22 2.19 -19.35
N ALA B 1224 -1.09 0.87 -19.32
CA ALA B 1224 -1.47 0.06 -20.48
C ALA B 1224 -2.97 0.07 -20.74
N ALA B 1225 -3.80 0.33 -19.72
CA ALA B 1225 -5.25 0.35 -19.93
C ALA B 1225 -5.73 1.62 -20.61
N GLY B 1226 -4.85 2.57 -20.88
CA GLY B 1226 -5.24 3.75 -21.62
C GLY B 1226 -4.82 5.04 -20.96
N GLY B 1227 -4.09 4.96 -19.86
CA GLY B 1227 -3.65 6.18 -19.20
C GLY B 1227 -3.14 5.90 -17.81
N ASN B 1228 -2.74 6.99 -17.16
CA ASN B 1228 -2.06 6.94 -15.87
C ASN B 1228 -3.00 7.52 -14.82
N ALA B 1229 -3.63 6.65 -14.03
CA ALA B 1229 -4.60 7.11 -13.03
C ALA B 1229 -3.91 7.91 -11.93
N SER B 1230 -2.76 7.43 -11.43
CA SER B 1230 -2.10 8.10 -10.31
C SER B 1230 -1.57 9.45 -10.71
N LEU B 1231 -1.11 9.61 -11.95
CA LEU B 1231 -0.63 10.91 -12.40
C LEU B 1231 -1.79 11.88 -12.59
N MET B 1232 -2.95 11.36 -13.05
CA MET B 1232 -4.14 12.20 -13.13
C MET B 1232 -4.60 12.67 -11.76
N ALA B 1233 -4.30 11.90 -10.72
CA ALA B 1233 -4.70 12.27 -9.36
C ALA B 1233 -3.87 13.43 -8.81
N ILE B 1234 -2.64 13.59 -9.30
CA ILE B 1234 -1.79 14.71 -8.88
C ILE B 1234 -1.69 15.80 -9.93
N GLY B 1235 -2.17 15.56 -11.14
CA GLY B 1235 -2.13 16.56 -12.20
C GLY B 1235 -2.96 17.79 -11.85
#